data_8UV9
#
_entry.id   8UV9
#
_cell.length_a   1.00
_cell.length_b   1.00
_cell.length_c   1.00
_cell.angle_alpha   90.00
_cell.angle_beta   90.00
_cell.angle_gamma   90.00
#
_symmetry.space_group_name_H-M   'P 1'
#
loop_
_entity.id
_entity.type
_entity.pdbx_description
1 polymer 'CTP synthase'
2 non-polymer GLUTAMINE
3 non-polymer 2-(4-fluorophenyl)-~{N}-(4-pyridin-2-yl-1,3-thiazol-2-yl)ethanamide
4 non-polymer 'MAGNESIUM ION'
5 non-polymer "URIDINE 5'-TRIPHOSPHATE"
#
_entity_poly.entity_id   1
_entity_poly.type   'polypeptide(L)'
_entity_poly.pdbx_seq_one_letter_code
;MRKHPQTATKHLFVSGGVASSLGKGLTASSLGQLLTARGLHVTMQKLDPYLNVDPGTMNPFQHGEVFVTEDGAETDLDVG
HYERFLDRNLPGSANVTTGQVYSTVIAKERRGEYLGDTVQVIPHITDEIKRRILAMAQPDADGNRPDVVITEIGGTVGDI
ESQPFLEAARQVRHYLGREDVFFLHVSLVPYLAPSGELKTKPTQHSVAALRSIGITPDALILRCDRDVPEALKNKIALMC
DVDIDGVISTPDAPSIYDIPKVLHREELDAFVVRRLNLPFRDVDWTEWDDLLRRVHEPHETVRIALVGKYVELSDAYLSV
AEALRAGGFKHRAKVEICWVASDGCETTSGAAAALGDVHGVLIPGGFGIRGIEGKIGAIAYARARGLPVLGLCLGLQCIV
IEAARSVGLTNANSAEFDPDTPDPVIATMPDQEEIVAGEADLGGTMRLGSYPAVLEPDSVVAQAYQTTQVSERHRHRYEV
NNAYRDKIAESGLRFSGTSPDGHLVEFVEYPPDRHPFVVGTQAHPELKSRPTRPHPLFVAFVGAAIDYKAGELLPVEIPE
IPEHTPNGSSHRDGVGQPLPEPASRGHHHHHH
;
_entity_poly.pdbx_strand_id   A,B,C,D
#
# COMPACT_ATOMS: atom_id res chain seq x y z
N PRO A 5 -2.01 35.01 -29.19
CA PRO A 5 -3.32 34.37 -29.06
C PRO A 5 -3.47 33.55 -27.78
N GLN A 6 -4.68 33.08 -27.50
CA GLN A 6 -4.92 32.28 -26.32
C GLN A 6 -4.18 30.95 -26.37
N THR A 7 -3.62 30.57 -25.23
CA THR A 7 -3.03 29.25 -25.05
C THR A 7 -4.12 28.17 -25.03
N ALA A 8 -3.70 26.91 -24.96
CA ALA A 8 -4.55 25.86 -24.44
C ALA A 8 -4.96 26.15 -23.00
N THR A 9 -6.16 25.71 -22.64
CA THR A 9 -6.68 25.93 -21.29
C THR A 9 -5.89 25.09 -20.29
N LYS A 10 -5.40 25.73 -19.23
CA LYS A 10 -4.64 25.06 -18.19
C LYS A 10 -5.57 24.47 -17.14
N HIS A 11 -5.13 23.36 -16.53
CA HIS A 11 -5.86 22.73 -15.43
C HIS A 11 -5.05 22.73 -14.13
N LEU A 12 -5.60 23.31 -13.08
CA LEU A 12 -5.01 23.33 -11.75
C LEU A 12 -5.82 22.47 -10.79
N PHE A 13 -5.20 21.40 -10.26
CA PHE A 13 -5.85 20.49 -9.30
C PHE A 13 -5.40 20.77 -7.86
N VAL A 14 -6.23 21.47 -7.09
CA VAL A 14 -6.06 21.61 -5.65
C VAL A 14 -6.52 20.36 -4.89
N SER A 15 -5.57 19.64 -4.27
CA SER A 15 -5.86 18.47 -3.44
C SER A 15 -5.63 18.80 -1.96
N GLY A 16 -6.04 17.89 -1.09
CA GLY A 16 -5.97 18.12 0.35
C GLY A 16 -5.41 16.93 1.11
N GLY A 17 -4.61 17.23 2.13
CA GLY A 17 -4.00 16.20 2.94
C GLY A 17 -4.12 16.44 4.43
N VAL A 18 -3.90 15.35 5.18
CA VAL A 18 -3.95 15.27 6.64
C VAL A 18 -5.35 15.40 7.21
N ALA A 19 -6.06 16.49 6.92
CA ALA A 19 -7.41 16.64 7.42
C ALA A 19 -8.21 17.55 6.49
N SER A 20 -9.53 17.43 6.58
CA SER A 20 -10.43 18.47 6.09
C SER A 20 -10.42 19.69 7.02
N SER A 21 -11.15 20.73 6.61
CA SER A 21 -11.31 22.00 7.32
C SER A 21 -10.04 22.85 7.32
N LEU A 22 -9.06 22.56 6.48
CA LEU A 22 -7.87 23.40 6.37
C LEU A 22 -8.11 24.69 5.60
N GLY A 23 -9.31 24.96 5.14
CA GLY A 23 -9.56 26.16 4.35
C GLY A 23 -9.16 26.04 2.90
N LYS A 24 -9.15 24.81 2.38
CA LYS A 24 -8.74 24.52 1.02
C LYS A 24 -9.60 25.21 -0.04
N GLY A 25 -10.91 25.27 0.16
CA GLY A 25 -11.76 26.03 -0.73
C GLY A 25 -11.52 27.52 -0.74
N LEU A 26 -11.26 28.11 0.42
CA LEU A 26 -10.89 29.52 0.46
C LEU A 26 -9.52 29.78 -0.14
N THR A 27 -8.59 28.84 -0.01
CA THR A 27 -7.30 28.97 -0.68
C THR A 27 -7.46 28.95 -2.19
N ALA A 28 -8.20 27.98 -2.72
CA ALA A 28 -8.47 27.94 -4.16
C ALA A 28 -9.20 29.19 -4.65
N SER A 29 -10.17 29.68 -3.88
CA SER A 29 -10.86 30.93 -4.22
C SER A 29 -9.91 32.12 -4.28
N SER A 30 -9.01 32.24 -3.29
CA SER A 30 -8.07 33.34 -3.26
C SER A 30 -7.09 33.29 -4.41
N LEU A 31 -6.63 32.10 -4.77
CA LEU A 31 -5.82 31.96 -5.98
C LEU A 31 -6.60 32.31 -7.24
N GLY A 32 -7.86 31.91 -7.32
CA GLY A 32 -8.71 32.38 -8.41
C GLY A 32 -8.81 33.90 -8.52
N GLN A 33 -9.00 34.57 -7.40
CA GLN A 33 -8.99 36.04 -7.38
C GLN A 33 -7.66 36.62 -7.84
N LEU A 34 -6.54 36.04 -7.39
CA LEU A 34 -5.23 36.54 -7.81
C LEU A 34 -5.02 36.38 -9.31
N LEU A 35 -5.36 35.22 -9.86
CA LEU A 35 -5.23 35.01 -11.30
C LEU A 35 -6.19 35.90 -12.09
N THR A 36 -7.38 36.16 -11.56
CA THR A 36 -8.32 37.09 -12.21
C THR A 36 -7.82 38.53 -12.21
N ALA A 37 -7.24 38.98 -11.10
CA ALA A 37 -6.70 40.34 -11.04
C ALA A 37 -5.48 40.55 -11.92
N ARG A 38 -4.80 39.49 -12.35
CA ARG A 38 -3.84 39.59 -13.45
C ARG A 38 -4.49 39.67 -14.82
N GLY A 39 -5.80 39.43 -14.93
CA GLY A 39 -6.51 39.53 -16.19
C GLY A 39 -6.80 38.22 -16.90
N LEU A 40 -6.67 37.09 -16.23
CA LEU A 40 -7.00 35.80 -16.82
C LEU A 40 -8.46 35.45 -16.57
N HIS A 41 -9.06 34.73 -17.52
CA HIS A 41 -10.42 34.18 -17.40
C HIS A 41 -10.39 32.85 -16.65
N VAL A 42 -10.34 32.94 -15.33
CA VAL A 42 -10.44 31.78 -14.44
C VAL A 42 -11.87 31.23 -14.38
N THR A 43 -11.99 29.91 -14.21
CA THR A 43 -13.24 29.27 -13.83
C THR A 43 -12.92 28.13 -12.86
N MET A 44 -13.91 27.76 -12.03
CA MET A 44 -13.67 26.82 -10.94
C MET A 44 -14.72 25.72 -10.91
N GLN A 45 -14.34 24.58 -10.33
CA GLN A 45 -15.20 23.39 -10.20
C GLN A 45 -14.84 22.66 -8.91
N LYS A 46 -15.82 21.99 -8.30
CA LYS A 46 -15.55 21.09 -7.18
C LYS A 46 -16.02 19.67 -7.47
N LEU A 47 -15.20 18.69 -7.06
CA LEU A 47 -15.57 17.28 -7.06
C LEU A 47 -15.85 16.82 -5.63
N ASP A 48 -17.05 16.29 -5.38
CA ASP A 48 -17.41 15.80 -4.04
C ASP A 48 -17.41 14.28 -3.97
N PRO A 49 -16.55 13.68 -3.14
CA PRO A 49 -16.46 12.22 -3.07
C PRO A 49 -17.67 11.51 -2.47
N TYR A 50 -18.68 12.20 -1.97
CA TYR A 50 -19.84 11.52 -1.38
C TYR A 50 -20.90 11.13 -2.43
N LEU A 51 -21.73 10.17 -2.04
CA LEU A 51 -22.70 9.50 -2.90
C LEU A 51 -24.06 10.19 -3.01
N ASN A 52 -24.38 11.15 -2.17
CA ASN A 52 -25.60 11.93 -2.38
C ASN A 52 -25.57 12.61 -3.74
N VAL A 53 -26.67 12.50 -4.48
CA VAL A 53 -26.68 13.04 -5.83
C VAL A 53 -26.64 14.57 -5.79
N ASP A 54 -27.21 15.15 -4.74
CA ASP A 54 -27.05 16.57 -4.43
C ASP A 54 -27.33 16.76 -2.95
N PRO A 55 -26.89 17.87 -2.36
CA PRO A 55 -27.08 18.07 -0.92
C PRO A 55 -28.53 18.34 -0.50
N GLY A 56 -29.48 18.39 -1.43
CA GLY A 56 -30.85 18.68 -1.04
C GLY A 56 -31.48 17.66 -0.11
N THR A 57 -30.82 16.54 0.14
CA THR A 57 -31.28 15.55 1.10
C THR A 57 -30.61 15.66 2.45
N MET A 58 -29.52 16.40 2.55
CA MET A 58 -28.74 16.51 3.78
C MET A 58 -29.27 17.64 4.64
N ASN A 59 -29.09 17.48 5.94
CA ASN A 59 -29.49 18.53 6.88
C ASN A 59 -28.46 19.65 6.87
N PRO A 60 -28.89 20.91 6.68
CA PRO A 60 -27.92 22.00 6.59
C PRO A 60 -27.30 22.39 7.91
N PHE A 61 -27.95 22.12 9.02
CA PHE A 61 -27.35 22.41 10.32
C PHE A 61 -26.20 21.46 10.64
N GLN A 62 -26.25 20.25 10.09
CA GLN A 62 -25.14 19.32 10.25
C GLN A 62 -24.08 19.45 9.16
N HIS A 63 -24.47 19.83 7.94
CA HIS A 63 -23.58 19.78 6.78
C HIS A 63 -23.46 21.09 6.01
N GLY A 64 -24.03 22.18 6.51
CA GLY A 64 -23.98 23.47 5.86
C GLY A 64 -25.04 23.68 4.78
N GLU A 65 -25.21 24.96 4.44
CA GLU A 65 -26.21 25.42 3.48
C GLU A 65 -26.11 24.74 2.12
N VAL A 66 -27.26 24.59 1.48
CA VAL A 66 -27.36 24.30 0.05
C VAL A 66 -27.22 25.60 -0.73
N PHE A 67 -26.25 25.67 -1.63
CA PHE A 67 -26.13 26.78 -2.57
C PHE A 67 -27.00 26.50 -3.80
N VAL A 68 -27.46 27.57 -4.44
CA VAL A 68 -28.29 27.46 -5.64
C VAL A 68 -27.72 28.33 -6.74
N THR A 69 -27.54 27.74 -7.92
CA THR A 69 -27.05 28.43 -9.11
C THR A 69 -28.19 29.04 -9.91
N GLU A 70 -27.83 29.87 -10.88
CA GLU A 70 -28.83 30.53 -11.72
C GLU A 70 -29.71 29.52 -12.44
N ASP A 71 -29.11 28.46 -12.97
CA ASP A 71 -29.84 27.38 -13.63
C ASP A 71 -30.54 26.45 -12.65
N GLY A 72 -30.47 26.71 -11.34
CA GLY A 72 -31.28 25.99 -10.39
C GLY A 72 -30.69 24.72 -9.83
N ALA A 73 -29.45 24.37 -10.18
CA ALA A 73 -28.82 23.24 -9.53
C ALA A 73 -28.58 23.53 -8.05
N GLU A 74 -28.59 22.48 -7.25
CA GLU A 74 -28.28 22.55 -5.84
C GLU A 74 -26.88 22.02 -5.59
N THR A 75 -26.04 22.79 -4.89
CA THR A 75 -24.62 22.50 -4.83
C THR A 75 -24.06 22.73 -3.43
N ASP A 76 -22.87 22.18 -3.22
CA ASP A 76 -22.05 22.47 -2.05
C ASP A 76 -21.75 23.97 -1.93
N LEU A 77 -21.54 24.43 -0.70
CA LEU A 77 -21.33 25.86 -0.42
C LEU A 77 -19.98 26.39 -0.93
N ASP A 78 -19.04 25.51 -1.27
CA ASP A 78 -17.80 25.98 -1.87
C ASP A 78 -18.05 26.67 -3.19
N VAL A 79 -19.11 26.27 -3.91
CA VAL A 79 -19.52 27.00 -5.10
C VAL A 79 -19.89 28.43 -4.73
N GLY A 80 -20.42 28.62 -3.53
CA GLY A 80 -20.66 29.97 -3.04
C GLY A 80 -19.40 30.76 -2.77
N HIS A 81 -18.40 30.12 -2.16
CA HIS A 81 -17.10 30.80 -2.03
C HIS A 81 -16.49 31.16 -3.38
N TYR A 82 -16.59 30.27 -4.37
CA TYR A 82 -16.09 30.58 -5.70
C TYR A 82 -16.82 31.76 -6.33
N GLU A 83 -18.15 31.75 -6.31
CA GLU A 83 -18.92 32.87 -6.83
C GLU A 83 -18.60 34.19 -6.12
N ARG A 84 -18.43 34.15 -4.80
CA ARG A 84 -18.09 35.38 -4.07
C ARG A 84 -16.71 35.91 -4.39
N PHE A 85 -15.69 35.05 -4.50
CA PHE A 85 -14.35 35.55 -4.79
C PHE A 85 -14.12 35.85 -6.26
N LEU A 86 -14.85 35.19 -7.17
CA LEU A 86 -14.72 35.48 -8.59
C LEU A 86 -15.65 36.59 -9.06
N ASP A 87 -16.77 36.79 -8.38
CA ASP A 87 -17.89 37.60 -8.88
C ASP A 87 -18.34 37.13 -10.27
N ARG A 88 -18.60 35.83 -10.38
CA ARG A 88 -18.97 35.18 -11.63
C ARG A 88 -20.08 34.18 -11.33
N ASN A 89 -21.06 34.07 -12.22
CA ASN A 89 -22.04 32.98 -12.13
C ASN A 89 -21.45 31.68 -12.63
N LEU A 90 -21.63 30.61 -11.85
CA LEU A 90 -21.12 29.29 -12.20
C LEU A 90 -22.23 28.32 -12.58
N PRO A 91 -22.01 27.45 -13.56
CA PRO A 91 -23.04 26.48 -13.94
C PRO A 91 -23.20 25.37 -12.90
N GLY A 92 -24.30 24.64 -13.02
CA GLY A 92 -24.50 23.45 -12.21
C GLY A 92 -23.42 22.41 -12.41
N SER A 93 -22.81 22.40 -13.60
CA SER A 93 -21.66 21.54 -13.88
C SER A 93 -20.54 21.66 -12.85
N ALA A 94 -20.43 22.82 -12.20
CA ALA A 94 -19.33 23.10 -11.28
C ALA A 94 -19.32 22.25 -10.02
N ASN A 95 -20.31 21.41 -9.77
CA ASN A 95 -20.27 20.46 -8.65
C ASN A 95 -20.58 19.06 -9.17
N VAL A 96 -19.53 18.28 -9.44
CA VAL A 96 -19.63 16.84 -9.62
C VAL A 96 -19.74 16.15 -8.27
N THR A 97 -20.39 14.97 -8.24
CA THR A 97 -20.30 14.06 -7.10
C THR A 97 -20.22 12.62 -7.60
N THR A 98 -19.76 11.73 -6.72
CA THR A 98 -19.79 10.30 -7.01
C THR A 98 -21.19 9.77 -7.26
N GLY A 99 -22.16 10.22 -6.45
CA GLY A 99 -23.54 9.86 -6.64
C GLY A 99 -24.07 10.09 -8.03
N GLN A 100 -23.71 11.22 -8.63
CA GLN A 100 -24.08 11.54 -10.00
C GLN A 100 -23.30 10.72 -11.02
N VAL A 101 -22.00 10.52 -10.82
CA VAL A 101 -21.20 9.82 -11.82
C VAL A 101 -21.63 8.36 -11.94
N TYR A 102 -21.85 7.69 -10.80
CA TYR A 102 -22.34 6.32 -10.82
C TYR A 102 -23.73 6.20 -11.44
N SER A 103 -24.68 7.01 -10.98
CA SER A 103 -26.02 6.99 -11.57
C SER A 103 -26.00 7.22 -13.08
N THR A 104 -25.15 8.13 -13.57
CA THR A 104 -25.01 8.35 -15.01
C THR A 104 -24.46 7.12 -15.74
N VAL A 105 -23.41 6.50 -15.22
CA VAL A 105 -22.83 5.33 -15.89
C VAL A 105 -23.78 4.13 -15.84
N ILE A 106 -24.45 3.92 -14.71
CA ILE A 106 -25.41 2.83 -14.63
C ILE A 106 -26.58 3.03 -15.58
N ALA A 107 -27.07 4.27 -15.71
CA ALA A 107 -28.13 4.53 -16.70
C ALA A 107 -27.67 4.30 -18.13
N LYS A 108 -26.45 4.72 -18.49
CA LYS A 108 -25.92 4.38 -19.81
C LYS A 108 -25.78 2.87 -20.03
N GLU A 109 -25.42 2.13 -18.98
CA GLU A 109 -25.36 0.67 -19.07
C GLU A 109 -26.73 0.05 -19.34
N ARG A 110 -27.74 0.44 -18.58
CA ARG A 110 -29.08 -0.12 -18.78
C ARG A 110 -29.61 0.14 -20.19
N ARG A 111 -29.21 1.23 -20.83
CA ARG A 111 -29.58 1.51 -22.21
C ARG A 111 -28.71 0.82 -23.25
N GLY A 112 -27.73 0.02 -22.85
CA GLY A 112 -26.90 -0.69 -23.80
C GLY A 112 -25.86 0.15 -24.53
N GLU A 113 -25.56 1.35 -24.03
CA GLU A 113 -24.66 2.26 -24.73
C GLU A 113 -23.19 1.82 -24.69
N TYR A 114 -22.82 0.84 -23.86
CA TYR A 114 -21.47 0.29 -23.87
C TYR A 114 -21.33 -0.96 -24.73
N LEU A 115 -22.34 -1.28 -25.53
CA LEU A 115 -22.22 -2.23 -26.64
C LEU A 115 -21.76 -3.61 -26.19
N GLY A 116 -22.20 -4.05 -25.01
CA GLY A 116 -21.94 -5.39 -24.54
C GLY A 116 -20.70 -5.62 -23.71
N ASP A 117 -19.91 -4.59 -23.43
CA ASP A 117 -18.78 -4.77 -22.53
C ASP A 117 -19.26 -4.95 -21.09
N THR A 118 -18.40 -5.58 -20.28
CA THR A 118 -18.41 -5.36 -18.85
C THR A 118 -18.06 -3.91 -18.53
N VAL A 119 -18.83 -3.30 -17.63
CA VAL A 119 -18.57 -1.93 -17.16
C VAL A 119 -17.78 -1.98 -15.86
N GLN A 120 -16.76 -1.14 -15.76
CA GLN A 120 -15.73 -1.22 -14.73
C GLN A 120 -15.45 0.17 -14.21
N VAL A 121 -14.86 0.24 -13.01
CA VAL A 121 -14.43 1.51 -12.44
C VAL A 121 -13.42 2.20 -13.35
N ILE A 122 -12.42 1.47 -13.81
CA ILE A 122 -11.55 1.89 -14.90
C ILE A 122 -11.78 0.93 -16.05
N PRO A 123 -12.13 1.42 -17.25
CA PRO A 123 -12.14 2.83 -17.62
C PRO A 123 -13.41 3.66 -17.40
N HIS A 124 -14.59 3.07 -17.17
CA HIS A 124 -15.85 3.80 -17.39
C HIS A 124 -16.15 4.88 -16.35
N ILE A 125 -15.92 4.61 -15.06
CA ILE A 125 -16.13 5.66 -14.06
C ILE A 125 -15.10 6.77 -14.18
N THR A 126 -13.85 6.42 -14.46
CA THR A 126 -12.83 7.45 -14.59
C THR A 126 -13.00 8.25 -15.88
N ASP A 127 -13.51 7.61 -16.94
CA ASP A 127 -13.85 8.33 -18.17
C ASP A 127 -14.99 9.31 -17.95
N GLU A 128 -16.00 8.93 -17.18
CA GLU A 128 -17.06 9.89 -16.87
C GLU A 128 -16.55 11.06 -16.03
N ILE A 129 -15.69 10.80 -15.04
CA ILE A 129 -15.09 11.91 -14.31
C ILE A 129 -14.23 12.80 -15.21
N LYS A 130 -13.35 12.20 -16.00
CA LYS A 130 -12.49 12.97 -16.90
C LYS A 130 -13.28 13.78 -17.93
N ARG A 131 -14.37 13.22 -18.44
CA ARG A 131 -15.28 13.96 -19.30
C ARG A 131 -15.91 15.16 -18.60
N ARG A 132 -16.40 14.95 -17.38
CA ARG A 132 -16.96 16.07 -16.63
C ARG A 132 -15.92 17.12 -16.26
N ILE A 133 -14.65 16.74 -16.08
CA ILE A 133 -13.59 17.72 -15.87
C ILE A 133 -13.34 18.55 -17.12
N LEU A 134 -13.03 17.89 -18.23
CA LEU A 134 -12.68 18.61 -19.46
C LEU A 134 -13.86 19.35 -20.06
N ALA A 135 -15.10 19.00 -19.70
CA ALA A 135 -16.26 19.82 -20.02
C ALA A 135 -16.12 21.27 -19.55
N MET A 136 -15.51 21.50 -18.39
CA MET A 136 -15.37 22.87 -17.89
C MET A 136 -14.56 23.76 -18.82
N ALA A 137 -13.67 23.18 -19.63
CA ALA A 137 -12.82 23.93 -20.54
C ALA A 137 -13.54 24.44 -21.79
N GLN A 138 -14.79 24.06 -22.01
CA GLN A 138 -15.48 24.40 -23.25
C GLN A 138 -15.87 25.88 -23.32
N PRO A 139 -15.97 26.43 -24.53
CA PRO A 139 -16.36 27.84 -24.68
C PRO A 139 -17.70 28.16 -24.05
N ASP A 140 -17.74 29.28 -23.34
CA ASP A 140 -18.91 29.67 -22.58
C ASP A 140 -20.05 30.11 -23.50
N ALA A 141 -21.15 30.54 -22.86
CA ALA A 141 -22.33 30.97 -23.60
C ALA A 141 -22.07 32.16 -24.51
N ASP A 142 -20.95 32.86 -24.33
CA ASP A 142 -20.55 33.93 -25.23
C ASP A 142 -19.37 33.56 -26.10
N GLY A 143 -18.86 32.34 -25.98
CA GLY A 143 -17.79 31.85 -26.83
C GLY A 143 -16.40 32.05 -26.27
N ASN A 144 -16.27 32.46 -25.01
CA ASN A 144 -14.98 32.68 -24.40
C ASN A 144 -14.51 31.37 -23.78
N ARG A 145 -13.37 30.88 -24.22
CA ARG A 145 -12.73 29.75 -23.57
C ARG A 145 -11.98 30.24 -22.32
N PRO A 146 -12.15 29.59 -21.17
CA PRO A 146 -11.39 30.00 -19.99
C PRO A 146 -9.90 29.74 -20.11
N ASP A 147 -9.11 30.59 -19.46
CA ASP A 147 -7.66 30.41 -19.43
C ASP A 147 -7.24 29.28 -18.50
N VAL A 148 -7.82 29.23 -17.29
CA VAL A 148 -7.54 28.19 -16.30
C VAL A 148 -8.85 27.62 -15.77
N VAL A 149 -8.91 26.30 -15.63
CA VAL A 149 -9.90 25.63 -14.80
C VAL A 149 -9.22 25.18 -13.51
N ILE A 150 -9.74 25.64 -12.37
CA ILE A 150 -9.25 25.25 -11.05
C ILE A 150 -10.22 24.24 -10.45
N THR A 151 -9.98 22.96 -10.70
CA THR A 151 -10.77 21.89 -10.08
C THR A 151 -10.24 21.58 -8.67
N GLU A 152 -11.08 21.78 -7.65
CA GLU A 152 -10.76 21.39 -6.28
C GLU A 152 -11.29 19.99 -5.99
N ILE A 153 -10.40 19.10 -5.58
CA ILE A 153 -10.73 17.70 -5.28
C ILE A 153 -11.12 17.61 -3.81
N GLY A 154 -12.37 17.23 -3.55
CA GLY A 154 -12.82 17.07 -2.18
C GLY A 154 -12.23 15.86 -1.50
N GLY A 155 -12.39 15.84 -0.19
CA GLY A 155 -11.87 14.79 0.66
C GLY A 155 -10.38 14.88 0.94
N THR A 156 -9.86 13.81 1.53
CA THR A 156 -8.47 13.69 1.94
C THR A 156 -7.77 12.60 1.15
N VAL A 157 -6.55 12.89 0.70
CA VAL A 157 -5.75 11.89 0.02
C VAL A 157 -5.59 10.67 0.91
N GLY A 158 -6.10 9.53 0.44
CA GLY A 158 -6.10 8.28 1.16
C GLY A 158 -7.42 7.91 1.81
N ASP A 159 -8.44 8.76 1.68
CA ASP A 159 -9.82 8.28 1.71
C ASP A 159 -10.11 7.37 0.53
N ILE A 160 -10.89 6.31 0.79
CA ILE A 160 -11.22 5.35 -0.25
C ILE A 160 -12.05 6.03 -1.35
N GLU A 161 -13.00 6.85 -0.94
CA GLU A 161 -13.92 7.52 -1.86
C GLU A 161 -13.26 8.52 -2.80
N SER A 162 -12.09 9.05 -2.47
CA SER A 162 -11.37 9.96 -3.34
C SER A 162 -10.63 9.28 -4.50
N GLN A 163 -10.35 7.98 -4.43
CA GLN A 163 -9.44 7.30 -5.35
C GLN A 163 -9.83 7.29 -6.83
N PRO A 164 -11.10 7.45 -7.20
CA PRO A 164 -11.42 7.64 -8.63
C PRO A 164 -11.16 9.05 -9.16
N PHE A 165 -11.39 10.08 -8.34
CA PHE A 165 -11.15 11.44 -8.82
C PHE A 165 -9.65 11.74 -8.96
N LEU A 166 -8.84 11.24 -8.04
CA LEU A 166 -7.39 11.36 -8.17
C LEU A 166 -6.86 10.60 -9.38
N GLU A 167 -7.42 9.42 -9.67
CA GLU A 167 -7.04 8.68 -10.86
C GLU A 167 -7.43 9.40 -12.14
N ALA A 168 -8.61 10.00 -12.19
CA ALA A 168 -8.99 10.82 -13.34
C ALA A 168 -8.07 12.02 -13.52
N ALA A 169 -7.71 12.69 -12.42
CA ALA A 169 -6.77 13.80 -12.52
C ALA A 169 -5.38 13.37 -12.99
N ARG A 170 -4.90 12.21 -12.52
CA ARG A 170 -3.67 11.64 -13.06
C ARG A 170 -3.75 11.38 -14.55
N GLN A 171 -4.87 10.84 -15.03
CA GLN A 171 -5.02 10.65 -16.47
C GLN A 171 -5.10 11.95 -17.25
N VAL A 172 -5.70 13.00 -16.68
CA VAL A 172 -5.67 14.30 -17.35
C VAL A 172 -4.23 14.82 -17.45
N ARG A 173 -3.45 14.66 -16.39
CA ARG A 173 -2.03 14.99 -16.42
C ARG A 173 -1.26 14.19 -17.46
N HIS A 174 -1.60 12.91 -17.62
CA HIS A 174 -0.97 12.11 -18.66
C HIS A 174 -1.37 12.53 -20.07
N TYR A 175 -2.63 12.87 -20.26
CA TYR A 175 -3.12 13.24 -21.59
C TYR A 175 -2.60 14.60 -22.05
N LEU A 176 -2.65 15.62 -21.18
CA LEU A 176 -2.26 16.97 -21.60
C LEU A 176 -0.79 17.29 -21.37
N GLY A 177 -0.11 16.58 -20.48
CA GLY A 177 1.28 16.83 -20.18
C GLY A 177 1.51 18.02 -19.25
N ARG A 178 2.70 18.02 -18.64
CA ARG A 178 3.03 18.95 -17.56
C ARG A 178 2.93 20.40 -17.98
N GLU A 179 3.08 20.71 -19.26
CA GLU A 179 2.97 22.09 -19.70
C GLU A 179 1.59 22.67 -19.44
N ASP A 180 0.56 21.84 -19.31
CA ASP A 180 -0.81 22.29 -19.15
C ASP A 180 -1.43 22.06 -17.77
N VAL A 181 -0.81 21.25 -16.92
CA VAL A 181 -1.43 20.75 -15.70
C VAL A 181 -0.53 21.01 -14.51
N PHE A 182 -1.12 21.45 -13.40
CA PHE A 182 -0.44 21.81 -12.16
C PHE A 182 -1.18 21.14 -11.01
N PHE A 183 -0.43 20.58 -10.06
CA PHE A 183 -1.00 20.04 -8.82
C PHE A 183 -0.56 20.86 -7.61
N LEU A 184 -1.54 21.42 -6.90
CA LEU A 184 -1.34 22.12 -5.63
C LEU A 184 -1.87 21.26 -4.50
N HIS A 185 -1.01 20.92 -3.53
CA HIS A 185 -1.41 20.11 -2.38
C HIS A 185 -1.40 20.94 -1.10
N VAL A 186 -2.52 20.92 -0.37
CA VAL A 186 -2.69 21.63 0.90
C VAL A 186 -2.47 20.66 2.06
N SER A 187 -1.67 21.08 3.04
CA SER A 187 -1.29 20.20 4.15
C SER A 187 -1.21 20.99 5.45
N LEU A 188 -1.30 20.28 6.56
CA LEU A 188 -1.23 20.84 7.91
C LEU A 188 0.15 20.66 8.54
N VAL A 189 0.69 21.75 9.09
CA VAL A 189 1.86 21.72 9.98
C VAL A 189 1.42 21.93 11.44
N PRO A 190 1.30 20.89 12.25
CA PRO A 190 0.88 21.07 13.64
C PRO A 190 1.97 21.61 14.55
N TYR A 191 1.54 22.33 15.59
CA TYR A 191 2.39 22.81 16.67
C TYR A 191 2.13 22.02 17.94
N LEU A 192 3.20 21.54 18.58
CA LEU A 192 3.11 20.79 19.83
C LEU A 192 3.64 21.64 20.98
N ALA A 193 2.74 22.07 21.86
CA ALA A 193 3.05 23.05 22.89
C ALA A 193 4.00 22.55 23.98
N PRO A 194 3.87 21.29 24.45
CA PRO A 194 4.78 20.86 25.53
C PRO A 194 6.24 20.88 25.16
N SER A 195 6.58 20.69 23.89
CA SER A 195 7.96 20.72 23.44
C SER A 195 8.26 21.83 22.46
N GLY A 196 7.28 22.65 22.11
CA GLY A 196 7.53 23.92 21.43
C GLY A 196 8.04 23.82 20.01
N GLU A 197 7.48 22.95 19.19
CA GLU A 197 8.06 22.66 17.89
C GLU A 197 6.98 22.40 16.85
N LEU A 198 7.27 22.81 15.62
CA LEU A 198 6.48 22.46 14.44
C LEU A 198 6.93 21.12 13.86
N LYS A 199 5.98 20.28 13.47
CA LYS A 199 6.25 18.94 12.96
C LYS A 199 5.96 18.85 11.47
N THR A 200 6.94 18.37 10.70
CA THR A 200 6.80 18.17 9.25
C THR A 200 6.40 16.75 8.86
N LYS A 201 6.43 15.79 9.79
CA LYS A 201 6.13 14.41 9.44
C LYS A 201 4.76 14.16 8.81
N PRO A 202 3.66 14.78 9.27
CA PRO A 202 2.38 14.60 8.56
C PRO A 202 2.40 15.02 7.10
N THR A 203 3.13 16.08 6.76
CA THR A 203 3.23 16.48 5.37
C THR A 203 4.06 15.49 4.55
N GLN A 204 5.13 14.97 5.15
CA GLN A 204 5.91 13.93 4.48
C GLN A 204 5.06 12.71 4.17
N HIS A 205 4.33 12.19 5.16
CA HIS A 205 3.45 11.05 4.90
C HIS A 205 2.33 11.35 3.91
N SER A 206 1.79 12.56 3.91
CA SER A 206 0.73 12.88 2.96
C SER A 206 1.24 13.03 1.53
N VAL A 207 2.44 13.58 1.36
CA VAL A 207 3.04 13.60 0.02
C VAL A 207 3.48 12.20 -0.41
N ALA A 208 3.91 11.34 0.51
CA ALA A 208 4.19 9.96 0.15
C ALA A 208 2.95 9.22 -0.32
N ALA A 209 1.83 9.40 0.37
CA ALA A 209 0.56 8.87 -0.10
C ALA A 209 0.19 9.37 -1.49
N LEU A 210 0.35 10.67 -1.72
CA LEU A 210 0.07 11.23 -3.05
C LEU A 210 1.01 10.69 -4.15
N ARG A 211 2.28 10.48 -3.83
CA ARG A 211 3.22 9.85 -4.76
C ARG A 211 2.93 8.37 -5.02
N SER A 212 2.42 7.64 -4.04
CA SER A 212 2.09 6.23 -4.25
C SER A 212 0.95 6.01 -5.23
N ILE A 213 0.16 7.02 -5.55
CA ILE A 213 -0.88 6.93 -6.57
C ILE A 213 -0.49 7.64 -7.86
N GLY A 214 0.76 8.06 -7.99
CA GLY A 214 1.28 8.58 -9.25
C GLY A 214 1.15 10.06 -9.48
N ILE A 215 0.95 10.86 -8.44
CA ILE A 215 0.87 12.32 -8.57
C ILE A 215 2.09 12.92 -7.89
N THR A 216 2.72 13.88 -8.57
CA THR A 216 3.76 14.71 -7.95
C THR A 216 3.22 16.11 -7.72
N PRO A 217 3.19 16.63 -6.50
CA PRO A 217 2.78 18.01 -6.29
C PRO A 217 3.80 19.02 -6.81
N ASP A 218 3.27 20.06 -7.47
CA ASP A 218 4.09 21.19 -7.89
C ASP A 218 4.32 22.22 -6.79
N ALA A 219 3.38 22.36 -5.85
CA ALA A 219 3.56 23.28 -4.74
C ALA A 219 2.85 22.74 -3.51
N LEU A 220 3.30 23.18 -2.33
CA LEU A 220 2.70 22.84 -1.05
C LEU A 220 2.20 24.08 -0.33
N ILE A 221 0.93 24.08 0.05
CA ILE A 221 0.37 25.07 0.98
C ILE A 221 0.51 24.50 2.39
N LEU A 222 1.35 25.12 3.21
CA LEU A 222 1.56 24.71 4.60
C LEU A 222 0.65 25.53 5.52
N ARG A 223 -0.47 24.94 5.92
CA ARG A 223 -1.37 25.59 6.87
C ARG A 223 -0.86 25.46 8.30
N CYS A 224 -0.81 26.58 9.02
CA CYS A 224 -0.14 26.63 10.31
C CYS A 224 -0.75 27.77 11.11
N ASP A 225 -0.66 27.67 12.43
CA ASP A 225 -1.10 28.77 13.28
C ASP A 225 -0.07 29.88 13.41
N ARG A 226 1.15 29.66 12.93
CA ARG A 226 2.25 30.61 13.02
C ARG A 226 3.12 30.43 11.79
N ASP A 227 3.90 31.46 11.47
CA ASP A 227 4.68 31.44 10.24
C ASP A 227 5.79 30.40 10.29
N VAL A 228 5.82 29.52 9.29
CA VAL A 228 6.74 28.39 9.30
C VAL A 228 8.17 28.88 9.10
N PRO A 229 9.14 28.43 9.91
CA PRO A 229 10.54 28.81 9.69
C PRO A 229 11.07 28.35 8.34
N GLU A 230 11.97 29.16 7.78
CA GLU A 230 12.62 28.85 6.51
C GLU A 230 13.39 27.54 6.55
N ALA A 231 14.03 27.23 7.69
CA ALA A 231 14.72 25.95 7.82
C ALA A 231 13.77 24.76 7.67
N LEU A 232 12.56 24.88 8.21
CA LEU A 232 11.56 23.83 8.00
C LEU A 232 11.11 23.76 6.54
N LYS A 233 10.90 24.90 5.90
CA LYS A 233 10.54 24.88 4.49
C LYS A 233 11.61 24.22 3.63
N ASN A 234 12.88 24.51 3.91
CA ASN A 234 13.98 23.81 3.24
C ASN A 234 13.98 22.31 3.51
N LYS A 235 13.75 21.91 4.77
CA LYS A 235 13.63 20.49 5.07
C LYS A 235 12.49 19.81 4.29
N ILE A 236 11.32 20.44 4.25
CA ILE A 236 10.20 19.90 3.47
C ILE A 236 10.57 19.79 1.99
N ALA A 237 11.09 20.86 1.41
CA ALA A 237 11.48 20.84 0.00
C ALA A 237 12.47 19.73 -0.30
N LEU A 238 13.43 19.49 0.60
CA LEU A 238 14.36 18.38 0.41
C LEU A 238 13.68 17.02 0.59
N MET A 239 12.87 16.87 1.63
CA MET A 239 12.21 15.60 1.91
C MET A 239 11.11 15.28 0.91
N CYS A 240 10.43 16.29 0.38
CA CYS A 240 9.26 16.07 -0.47
C CYS A 240 9.56 16.15 -1.96
N ASP A 241 10.79 16.47 -2.36
CA ASP A 241 11.14 16.72 -3.77
C ASP A 241 10.26 17.78 -4.41
N VAL A 242 10.11 18.91 -3.74
CA VAL A 242 9.36 20.04 -4.24
C VAL A 242 10.30 21.24 -4.34
N ASP A 243 10.13 22.02 -5.38
CA ASP A 243 10.85 23.27 -5.52
C ASP A 243 10.58 24.17 -4.34
N ILE A 244 11.65 24.68 -3.72
CA ILE A 244 11.54 25.56 -2.56
C ILE A 244 10.66 26.77 -2.86
N ASP A 245 10.64 27.25 -4.10
CA ASP A 245 9.74 28.33 -4.47
C ASP A 245 8.27 27.93 -4.51
N GLY A 246 7.98 26.64 -4.49
CA GLY A 246 6.65 26.11 -4.29
C GLY A 246 6.22 25.76 -2.88
N VAL A 247 7.07 25.93 -1.87
CA VAL A 247 6.69 25.67 -0.48
C VAL A 247 6.19 26.97 0.15
N ILE A 248 4.88 27.05 0.35
CA ILE A 248 4.18 28.29 0.66
C ILE A 248 3.72 28.22 2.11
N SER A 249 4.28 29.09 2.96
CA SER A 249 3.87 29.21 4.35
C SER A 249 2.57 29.99 4.45
N THR A 250 1.52 29.36 4.98
CA THR A 250 0.16 29.90 4.94
C THR A 250 -0.45 29.94 6.34
N PRO A 251 0.05 30.83 7.21
CA PRO A 251 -0.51 30.94 8.56
C PRO A 251 -1.93 31.49 8.54
N ASP A 252 -2.66 31.19 9.62
CA ASP A 252 -4.04 31.67 9.78
C ASP A 252 -4.15 33.18 9.65
N ALA A 253 -4.93 33.63 8.67
CA ALA A 253 -5.12 35.06 8.43
C ALA A 253 -6.19 35.65 9.35
N PRO A 254 -6.20 36.98 9.53
CA PRO A 254 -7.24 37.58 10.38
C PRO A 254 -8.65 37.42 9.84
N SER A 255 -8.85 37.71 8.55
CA SER A 255 -10.11 37.50 7.87
C SER A 255 -9.84 36.77 6.56
N ILE A 256 -10.90 36.17 6.00
CA ILE A 256 -10.77 35.46 4.73
C ILE A 256 -10.34 36.39 3.60
N TYR A 257 -10.68 37.67 3.69
CA TYR A 257 -10.30 38.60 2.62
C TYR A 257 -8.80 38.89 2.61
N ASP A 258 -8.09 38.60 3.69
CA ASP A 258 -6.64 38.72 3.72
C ASP A 258 -5.90 37.57 3.03
N ILE A 259 -6.56 36.44 2.78
CA ILE A 259 -5.84 35.28 2.24
C ILE A 259 -5.18 35.58 0.90
N PRO A 260 -5.79 36.31 -0.02
CA PRO A 260 -5.06 36.73 -1.22
C PRO A 260 -3.77 37.50 -0.94
N LYS A 261 -3.77 38.36 0.08
CA LYS A 261 -2.54 39.07 0.44
C LYS A 261 -1.47 38.12 0.98
N VAL A 262 -1.86 37.13 1.79
CA VAL A 262 -0.90 36.13 2.23
C VAL A 262 -0.29 35.40 1.04
N LEU A 263 -1.14 34.88 0.15
CA LEU A 263 -0.62 34.12 -0.98
C LEU A 263 0.23 34.97 -1.92
N HIS A 264 -0.12 36.24 -2.10
CA HIS A 264 0.68 37.13 -2.94
C HIS A 264 2.02 37.49 -2.29
N ARG A 265 2.03 37.65 -0.98
CA ARG A 265 3.28 37.85 -0.26
C ARG A 265 4.25 36.68 -0.48
N GLU A 266 3.75 35.44 -0.44
CA GLU A 266 4.56 34.27 -0.75
C GLU A 266 4.86 34.11 -2.23
N GLU A 267 4.28 34.94 -3.11
CA GLU A 267 4.46 34.84 -4.55
C GLU A 267 4.00 33.52 -5.16
N LEU A 268 2.95 32.91 -4.59
CA LEU A 268 2.42 31.67 -5.17
C LEU A 268 1.87 31.90 -6.57
N ASP A 269 1.15 33.00 -6.78
CA ASP A 269 0.56 33.28 -8.08
C ASP A 269 1.60 33.43 -9.18
N ALA A 270 2.70 34.13 -8.91
CA ALA A 270 3.80 34.22 -9.86
C ALA A 270 4.40 32.85 -10.18
N PHE A 271 4.60 32.02 -9.17
CA PHE A 271 5.10 30.66 -9.39
C PHE A 271 4.16 29.86 -10.29
N VAL A 272 2.86 29.90 -10.01
CA VAL A 272 1.88 29.23 -10.88
C VAL A 272 1.94 29.77 -12.31
N VAL A 273 1.83 31.09 -12.48
CA VAL A 273 1.80 31.69 -13.81
C VAL A 273 3.04 31.32 -14.61
N ARG A 274 4.20 31.40 -13.99
CA ARG A 274 5.46 31.04 -14.63
C ARG A 274 5.50 29.56 -14.97
N ARG A 275 5.23 28.70 -14.00
CA ARG A 275 5.25 27.26 -14.22
C ARG A 275 4.20 26.78 -15.22
N LEU A 276 3.08 27.50 -15.34
CA LEU A 276 2.10 27.20 -16.38
C LEU A 276 2.32 27.98 -17.67
N ASN A 277 3.32 28.85 -17.71
CA ASN A 277 3.62 29.69 -18.88
C ASN A 277 2.44 30.57 -19.31
N LEU A 278 1.68 31.06 -18.34
CA LEU A 278 0.58 31.96 -18.63
C LEU A 278 1.08 33.38 -18.91
N PRO A 279 0.29 34.19 -19.63
CA PRO A 279 0.67 35.59 -19.86
C PRO A 279 0.85 36.40 -18.59
N PHE A 280 2.08 36.74 -18.26
CA PHE A 280 2.36 37.47 -17.03
C PHE A 280 1.93 38.93 -17.10
N ARG A 281 1.12 39.35 -16.13
CA ARG A 281 0.75 40.74 -15.94
C ARG A 281 0.59 41.00 -14.45
N ASP A 282 0.80 42.25 -14.04
CA ASP A 282 0.71 42.62 -12.62
C ASP A 282 -0.72 42.56 -12.08
N VAL A 283 -0.83 42.24 -10.80
CA VAL A 283 -2.08 42.26 -10.05
C VAL A 283 -2.57 43.70 -9.92
N ASP A 284 -3.79 43.97 -10.38
CA ASP A 284 -4.49 45.22 -10.06
C ASP A 284 -5.17 45.10 -8.71
N TRP A 285 -4.58 45.69 -7.67
CA TRP A 285 -5.10 45.64 -6.30
C TRP A 285 -6.24 46.61 -5.98
N THR A 286 -6.65 47.48 -6.90
CA THR A 286 -7.47 48.64 -6.52
C THR A 286 -8.75 48.25 -5.79
N GLU A 287 -9.55 47.36 -6.38
CA GLU A 287 -10.81 46.96 -5.77
C GLU A 287 -10.60 46.23 -4.45
N TRP A 288 -9.63 45.34 -4.39
CA TRP A 288 -9.47 44.57 -3.16
C TRP A 288 -8.83 45.41 -2.07
N ASP A 289 -7.98 46.37 -2.42
CA ASP A 289 -7.53 47.35 -1.44
C ASP A 289 -8.68 48.19 -0.88
N ASP A 290 -9.67 48.51 -1.71
CA ASP A 290 -10.85 49.20 -1.18
C ASP A 290 -11.68 48.33 -0.26
N LEU A 291 -11.86 47.06 -0.62
CA LEU A 291 -12.50 46.11 0.28
C LEU A 291 -11.76 45.99 1.60
N LEU A 292 -10.45 45.81 1.58
CA LEU A 292 -9.69 45.67 2.82
C LEU A 292 -9.67 46.94 3.66
N ARG A 293 -9.72 48.13 3.05
CA ARG A 293 -10.00 49.34 3.80
C ARG A 293 -11.32 49.22 4.57
N ARG A 294 -12.42 48.96 3.86
CA ARG A 294 -13.72 48.91 4.54
C ARG A 294 -13.79 47.80 5.58
N VAL A 295 -13.14 46.66 5.31
CA VAL A 295 -13.08 45.55 6.27
C VAL A 295 -12.35 45.95 7.55
N HIS A 296 -11.17 46.55 7.43
CA HIS A 296 -10.32 46.78 8.59
C HIS A 296 -10.52 48.12 9.28
N GLU A 297 -11.18 49.09 8.65
CA GLU A 297 -11.35 50.43 9.23
C GLU A 297 -12.82 50.82 9.29
N PRO A 298 -13.63 50.10 10.07
CA PRO A 298 -15.03 50.49 10.26
C PRO A 298 -15.14 51.77 11.07
N HIS A 299 -16.03 52.66 10.61
CA HIS A 299 -16.35 53.88 11.34
C HIS A 299 -17.42 53.69 12.43
N GLU A 300 -18.28 52.70 12.31
CA GLU A 300 -19.31 52.43 13.31
C GLU A 300 -19.61 50.94 13.37
N THR A 301 -20.66 50.58 14.09
CA THR A 301 -20.89 49.20 14.50
C THR A 301 -22.36 49.05 14.87
N VAL A 302 -22.97 47.96 14.42
CA VAL A 302 -24.39 47.71 14.63
C VAL A 302 -24.60 46.23 14.95
N ARG A 303 -25.63 45.96 15.76
CA ARG A 303 -25.99 44.61 16.15
C ARG A 303 -27.26 44.16 15.43
N ILE A 304 -27.18 43.01 14.77
CA ILE A 304 -28.31 42.43 14.04
C ILE A 304 -28.60 41.07 14.65
N ALA A 305 -29.86 40.83 14.99
CA ALA A 305 -30.30 39.49 15.39
C ALA A 305 -30.56 38.63 14.16
N LEU A 306 -29.89 37.48 14.09
CA LEU A 306 -30.22 36.43 13.13
C LEU A 306 -31.04 35.39 13.89
N VAL A 307 -32.33 35.32 13.61
CA VAL A 307 -33.25 34.48 14.37
C VAL A 307 -33.21 33.07 13.81
N GLY A 308 -32.27 32.27 14.31
CA GLY A 308 -31.96 30.97 13.76
C GLY A 308 -32.32 29.80 14.65
N LYS A 309 -31.59 28.70 14.46
CA LYS A 309 -31.84 27.45 15.17
C LYS A 309 -31.33 27.51 16.60
N TYR A 310 -30.22 28.18 16.84
CA TYR A 310 -29.51 28.08 18.10
C TYR A 310 -28.69 29.35 18.31
N VAL A 311 -28.22 29.52 19.54
CA VAL A 311 -27.51 30.72 19.96
C VAL A 311 -26.05 30.67 19.55
N GLU A 312 -25.72 29.91 18.51
CA GLU A 312 -24.34 29.87 18.04
C GLU A 312 -24.28 29.91 16.53
N LEU A 313 -23.12 30.33 16.04
CA LEU A 313 -22.87 30.43 14.60
C LEU A 313 -23.09 29.09 13.91
N SER A 314 -23.72 29.14 12.74
CA SER A 314 -24.04 27.94 11.97
C SER A 314 -23.65 28.16 10.52
N ASP A 315 -23.07 27.14 9.90
CA ASP A 315 -22.85 27.13 8.46
C ASP A 315 -24.14 27.03 7.67
N ALA A 316 -25.26 26.72 8.33
CA ALA A 316 -26.55 26.85 7.69
C ALA A 316 -26.86 28.26 7.22
N TYR A 317 -26.19 29.28 7.78
CA TYR A 317 -26.45 30.67 7.42
C TYR A 317 -25.17 31.41 7.01
N LEU A 318 -24.21 30.69 6.45
CA LEU A 318 -22.95 31.27 6.06
C LEU A 318 -23.11 32.38 5.02
N SER A 319 -23.91 32.13 3.98
CA SER A 319 -24.17 33.15 2.97
C SER A 319 -24.96 34.34 3.52
N VAL A 320 -25.89 34.10 4.45
CA VAL A 320 -26.61 35.21 5.07
C VAL A 320 -25.66 36.11 5.86
N ALA A 321 -24.78 35.49 6.67
CA ALA A 321 -23.80 36.26 7.42
C ALA A 321 -22.84 37.03 6.52
N GLU A 322 -22.36 36.41 5.44
CA GLU A 322 -21.52 37.13 4.49
C GLU A 322 -22.26 38.29 3.82
N ALA A 323 -23.53 38.11 3.49
CA ALA A 323 -24.31 39.20 2.90
C ALA A 323 -24.55 40.34 3.86
N LEU A 324 -24.79 40.04 5.13
CA LEU A 324 -24.88 41.07 6.16
C LEU A 324 -23.58 41.85 6.31
N ARG A 325 -22.45 41.15 6.39
CA ARG A 325 -21.16 41.83 6.43
C ARG A 325 -20.92 42.71 5.20
N ALA A 326 -21.21 42.22 3.99
CA ALA A 326 -21.08 43.06 2.79
C ALA A 326 -21.99 44.29 2.83
N GLY A 327 -23.21 44.14 3.34
CA GLY A 327 -24.05 45.30 3.60
C GLY A 327 -23.39 46.30 4.52
N GLY A 328 -22.78 45.81 5.60
CA GLY A 328 -21.98 46.67 6.45
C GLY A 328 -20.86 47.37 5.70
N PHE A 329 -20.10 46.62 4.90
CA PHE A 329 -18.98 47.22 4.16
C PHE A 329 -19.45 48.36 3.28
N LYS A 330 -20.65 48.25 2.72
CA LYS A 330 -21.17 49.36 1.92
C LYS A 330 -21.30 50.65 2.73
N HIS A 331 -21.72 50.53 3.98
CA HIS A 331 -21.86 51.67 4.87
C HIS A 331 -20.61 52.00 5.67
N ARG A 332 -19.55 51.21 5.53
CA ARG A 332 -18.41 51.26 6.44
C ARG A 332 -18.80 51.05 7.90
N ALA A 333 -19.87 50.29 8.15
CA ALA A 333 -20.17 49.81 9.48
C ALA A 333 -19.51 48.45 9.71
N LYS A 334 -19.25 48.14 10.98
CA LYS A 334 -19.21 46.75 11.42
C LYS A 334 -20.63 46.23 11.61
N VAL A 335 -20.83 44.95 11.29
CA VAL A 335 -22.04 44.22 11.69
C VAL A 335 -21.64 43.12 12.66
N GLU A 336 -22.26 43.10 13.83
CA GLU A 336 -22.11 42.02 14.80
C GLU A 336 -23.41 41.24 14.86
N ILE A 337 -23.31 39.92 14.68
CA ILE A 337 -24.49 39.07 14.53
C ILE A 337 -24.79 38.43 15.88
N CYS A 338 -25.97 38.73 16.41
CA CYS A 338 -26.51 38.08 17.61
C CYS A 338 -27.27 36.82 17.20
N TRP A 339 -26.68 35.67 17.44
CA TRP A 339 -27.32 34.40 17.13
C TRP A 339 -28.39 34.12 18.18
N VAL A 340 -29.65 34.22 17.78
CA VAL A 340 -30.81 34.13 18.68
C VAL A 340 -31.62 32.89 18.32
N ALA A 341 -31.80 32.01 19.29
CA ALA A 341 -32.62 30.82 19.08
C ALA A 341 -34.10 31.20 19.00
N SER A 342 -34.76 30.71 17.96
CA SER A 342 -36.18 31.03 17.74
C SER A 342 -37.04 30.67 18.94
N ASP A 343 -36.72 29.56 19.63
CA ASP A 343 -37.65 29.02 20.61
C ASP A 343 -37.72 29.86 21.87
N GLY A 344 -36.65 30.57 22.20
CA GLY A 344 -36.72 31.55 23.28
C GLY A 344 -37.58 32.76 22.98
N CYS A 345 -37.99 32.95 21.73
CA CYS A 345 -38.77 34.11 21.32
C CYS A 345 -40.25 33.79 21.15
N GLU A 346 -40.69 32.60 21.55
CA GLU A 346 -42.11 32.27 21.47
C GLU A 346 -42.94 33.07 22.47
N THR A 347 -42.44 33.26 23.69
CA THR A 347 -43.06 34.16 24.65
C THR A 347 -42.57 35.59 24.45
N THR A 348 -43.47 36.55 24.66
CA THR A 348 -43.14 37.96 24.47
C THR A 348 -42.06 38.43 25.43
N SER A 349 -42.03 37.90 26.65
CA SER A 349 -40.93 38.24 27.56
C SER A 349 -39.63 37.59 27.12
N GLY A 350 -39.69 36.35 26.65
CA GLY A 350 -38.51 35.73 26.07
C GLY A 350 -38.03 36.42 24.82
N ALA A 351 -38.97 36.83 23.96
CA ALA A 351 -38.61 37.64 22.81
C ALA A 351 -37.94 38.95 23.22
N ALA A 352 -38.51 39.64 24.20
CA ALA A 352 -37.92 40.90 24.66
C ALA A 352 -36.52 40.68 25.23
N ALA A 353 -36.31 39.57 25.94
CA ALA A 353 -34.99 39.25 26.44
C ALA A 353 -34.00 38.95 25.32
N ALA A 354 -34.45 38.25 24.28
CA ALA A 354 -33.56 37.90 23.17
C ALA A 354 -33.21 39.09 22.29
N LEU A 355 -34.17 39.98 22.04
CA LEU A 355 -34.03 40.99 20.98
C LEU A 355 -33.87 42.41 21.47
N GLY A 356 -34.16 42.71 22.72
CA GLY A 356 -34.28 44.11 23.12
C GLY A 356 -33.01 44.92 22.91
N ASP A 357 -31.84 44.28 22.93
CA ASP A 357 -30.59 45.00 22.76
C ASP A 357 -30.15 45.18 21.32
N VAL A 358 -30.77 44.51 20.35
CA VAL A 358 -30.30 44.54 18.97
C VAL A 358 -30.92 45.73 18.23
N HIS A 359 -30.48 45.93 16.99
CA HIS A 359 -30.92 47.06 16.17
C HIS A 359 -31.65 46.64 14.91
N GLY A 360 -31.71 45.35 14.61
CA GLY A 360 -32.51 44.84 13.53
C GLY A 360 -32.63 43.33 13.65
N VAL A 361 -33.69 42.79 13.07
CA VAL A 361 -33.98 41.36 13.14
C VAL A 361 -34.01 40.79 11.72
N LEU A 362 -33.18 39.79 11.47
CA LEU A 362 -33.19 39.05 10.22
C LEU A 362 -33.81 37.68 10.48
N ILE A 363 -34.83 37.34 9.71
CA ILE A 363 -35.50 36.05 9.79
C ILE A 363 -35.09 35.23 8.58
N PRO A 364 -34.17 34.28 8.73
CA PRO A 364 -33.79 33.45 7.59
C PRO A 364 -34.70 32.25 7.41
N GLY A 365 -34.73 31.75 6.19
CA GLY A 365 -35.42 30.53 5.86
C GLY A 365 -34.49 29.41 5.40
N GLY A 366 -35.07 28.35 4.94
CA GLY A 366 -34.34 27.19 4.47
C GLY A 366 -35.20 25.95 4.64
N PHE A 367 -34.53 24.81 4.76
CA PHE A 367 -35.19 23.56 5.06
C PHE A 367 -34.51 22.96 6.28
N GLY A 368 -35.20 22.03 6.92
CA GLY A 368 -34.70 21.45 8.15
C GLY A 368 -35.04 22.21 9.41
N ILE A 369 -36.11 22.99 9.42
CA ILE A 369 -36.50 23.74 10.61
C ILE A 369 -37.95 23.42 10.96
N ARG A 370 -38.25 23.53 12.25
CA ARG A 370 -39.61 23.63 12.75
C ARG A 370 -39.61 24.68 13.86
N GLY A 371 -40.79 25.15 14.25
CA GLY A 371 -40.90 26.09 15.34
C GLY A 371 -41.13 27.53 14.92
N ILE A 372 -41.82 27.76 13.81
CA ILE A 372 -42.05 29.11 13.30
C ILE A 372 -42.99 29.94 14.17
N GLU A 373 -43.64 29.34 15.16
CA GLU A 373 -44.29 30.15 16.20
C GLU A 373 -43.33 31.14 16.86
N GLY A 374 -42.10 30.71 17.15
CA GLY A 374 -41.10 31.63 17.67
C GLY A 374 -40.57 32.63 16.67
N LYS A 375 -40.57 32.28 15.39
CA LYS A 375 -40.25 33.26 14.37
C LYS A 375 -41.33 34.34 14.28
N ILE A 376 -42.60 33.94 14.14
CA ILE A 376 -43.64 34.96 14.17
C ILE A 376 -43.53 35.76 15.46
N GLY A 377 -43.16 35.13 16.56
CA GLY A 377 -43.21 35.83 17.82
C GLY A 377 -42.11 36.89 17.93
N ALA A 378 -40.97 36.63 17.28
CA ALA A 378 -39.96 37.67 17.09
C ALA A 378 -40.39 38.77 16.14
N ILE A 379 -41.20 38.45 15.13
CA ILE A 379 -41.69 39.52 14.26
C ILE A 379 -42.66 40.41 15.02
N ALA A 380 -43.61 39.78 15.71
CA ALA A 380 -44.57 40.47 16.56
C ALA A 380 -43.89 41.38 17.58
N TYR A 381 -42.82 40.92 18.21
CA TYR A 381 -42.03 41.83 19.05
C TYR A 381 -41.38 42.95 18.25
N ALA A 382 -40.64 42.63 17.19
CA ALA A 382 -39.91 43.65 16.46
C ALA A 382 -40.83 44.78 15.97
N ARG A 383 -42.02 44.43 15.48
CA ARG A 383 -42.97 45.45 15.04
C ARG A 383 -43.39 46.38 16.18
N ALA A 384 -43.69 45.83 17.35
CA ALA A 384 -44.03 46.68 18.49
C ALA A 384 -42.86 47.53 18.95
N ARG A 385 -41.65 46.96 18.96
CA ARG A 385 -40.47 47.69 19.36
C ARG A 385 -40.02 48.70 18.30
N GLY A 386 -40.50 48.57 17.07
CA GLY A 386 -40.08 49.45 15.99
C GLY A 386 -38.77 49.07 15.32
N LEU A 387 -38.30 47.84 15.51
CA LEU A 387 -37.07 47.37 14.87
C LEU A 387 -37.34 47.01 13.41
N PRO A 388 -36.40 47.32 12.50
CA PRO A 388 -36.54 46.85 11.13
C PRO A 388 -36.38 45.34 11.00
N VAL A 389 -37.08 44.77 10.01
CA VAL A 389 -37.10 43.33 9.77
C VAL A 389 -36.84 43.08 8.29
N LEU A 390 -35.94 42.15 8.00
CA LEU A 390 -35.79 41.56 6.68
C LEU A 390 -36.12 40.08 6.77
N GLY A 391 -37.10 39.65 5.97
CA GLY A 391 -37.52 38.26 5.95
C GLY A 391 -37.20 37.57 4.65
N LEU A 392 -36.47 36.46 4.71
CA LEU A 392 -36.06 35.74 3.51
C LEU A 392 -36.84 34.43 3.39
N CYS A 393 -37.55 34.28 2.28
CA CYS A 393 -38.40 33.11 2.03
C CYS A 393 -39.37 32.77 3.17
N LEU A 394 -39.05 31.73 3.95
CA LEU A 394 -39.79 31.45 5.17
C LEU A 394 -39.96 32.68 6.03
N GLY A 395 -38.98 33.59 6.01
CA GLY A 395 -39.14 34.86 6.71
C GLY A 395 -40.35 35.64 6.24
N LEU A 396 -40.51 35.78 4.92
CA LEU A 396 -41.72 36.38 4.36
C LEU A 396 -42.96 35.62 4.81
N GLN A 397 -42.91 34.29 4.79
CA GLN A 397 -44.09 33.52 5.16
C GLN A 397 -44.50 33.79 6.61
N CYS A 398 -43.52 33.90 7.51
CA CYS A 398 -43.83 34.27 8.88
C CYS A 398 -44.34 35.71 8.99
N ILE A 399 -43.82 36.63 8.18
CA ILE A 399 -44.34 38.00 8.19
C ILE A 399 -45.81 38.00 7.80
N VAL A 400 -46.17 37.22 6.78
CA VAL A 400 -47.53 37.23 6.27
C VAL A 400 -48.47 36.48 7.21
N ILE A 401 -47.96 35.53 7.99
CA ILE A 401 -48.83 34.88 8.97
C ILE A 401 -49.01 35.73 10.22
N GLU A 402 -47.96 36.41 10.68
CA GLU A 402 -48.12 37.53 11.60
C GLU A 402 -49.24 38.50 11.18
N ALA A 403 -49.18 38.97 9.94
CA ALA A 403 -50.22 39.89 9.48
C ALA A 403 -51.59 39.22 9.41
N ALA A 404 -51.65 37.94 9.04
CA ALA A 404 -52.93 37.24 9.16
C ALA A 404 -53.45 37.25 10.59
N ARG A 405 -52.58 37.00 11.55
CA ARG A 405 -52.84 37.08 12.98
C ARG A 405 -52.91 38.48 13.52
N SER A 406 -53.00 39.49 12.67
CA SER A 406 -53.09 40.87 13.13
C SER A 406 -54.41 41.54 12.76
N VAL A 407 -55.41 40.78 12.30
CA VAL A 407 -56.54 41.34 11.55
C VAL A 407 -57.80 40.55 11.91
N GLY A 408 -57.79 39.22 11.70
CA GLY A 408 -58.79 38.40 12.36
C GLY A 408 -58.43 36.93 12.46
N LEU A 409 -57.30 36.55 11.89
CA LEU A 409 -57.07 35.21 11.38
C LEU A 409 -56.16 34.51 12.36
N THR A 410 -56.61 34.43 13.61
CA THR A 410 -55.77 34.08 14.75
C THR A 410 -55.28 32.65 14.72
N ASN A 411 -55.93 31.76 13.98
CA ASN A 411 -55.43 30.40 13.80
C ASN A 411 -54.74 30.21 12.45
N ALA A 412 -54.45 31.28 11.72
CA ALA A 412 -53.86 31.16 10.40
C ALA A 412 -52.44 30.61 10.52
N ASN A 413 -52.02 29.87 9.49
CA ASN A 413 -50.68 29.32 9.43
C ASN A 413 -50.34 29.03 7.98
N SER A 414 -49.17 28.44 7.75
CA SER A 414 -48.97 27.65 6.55
C SER A 414 -49.61 26.27 6.68
N ALA A 415 -50.12 25.78 5.54
CA ALA A 415 -50.44 24.37 5.38
C ALA A 415 -49.27 23.44 5.64
N GLU A 416 -48.03 23.94 5.49
CA GLU A 416 -46.86 23.15 5.84
C GLU A 416 -46.72 22.92 7.34
N PHE A 417 -47.14 23.88 8.14
CA PHE A 417 -46.80 23.89 9.56
C PHE A 417 -47.98 23.61 10.47
N ASP A 418 -49.21 23.77 9.98
CA ASP A 418 -50.38 23.18 10.62
C ASP A 418 -51.30 22.66 9.52
N PRO A 419 -51.19 21.38 9.17
CA PRO A 419 -52.02 20.83 8.08
C PRO A 419 -53.52 20.93 8.34
N ASP A 420 -53.95 21.16 9.58
CA ASP A 420 -55.35 21.30 9.91
C ASP A 420 -55.78 22.76 10.11
N THR A 421 -54.91 23.72 9.83
CA THR A 421 -55.26 25.11 10.05
C THR A 421 -56.52 25.45 9.26
N PRO A 422 -57.51 26.12 9.86
CA PRO A 422 -58.67 26.58 9.10
C PRO A 422 -58.37 27.75 8.17
N ASP A 423 -57.22 28.41 8.30
CA ASP A 423 -56.80 29.47 7.39
C ASP A 423 -55.39 29.21 6.90
N PRO A 424 -55.22 28.37 5.88
CA PRO A 424 -53.92 28.22 5.20
C PRO A 424 -53.57 29.39 4.28
N VAL A 425 -53.10 30.48 4.89
CA VAL A 425 -52.67 31.65 4.14
C VAL A 425 -51.39 31.39 3.36
N ILE A 426 -50.60 30.39 3.74
CA ILE A 426 -49.50 29.90 2.93
C ILE A 426 -49.83 28.48 2.49
N ALA A 427 -49.73 28.23 1.18
CA ALA A 427 -50.24 27.01 0.60
C ALA A 427 -49.45 26.67 -0.66
N THR A 428 -49.48 25.41 -1.04
CA THR A 428 -48.93 24.98 -2.33
C THR A 428 -49.85 25.45 -3.46
N MET A 429 -49.32 26.29 -4.34
CA MET A 429 -50.12 26.89 -5.38
C MET A 429 -50.61 25.86 -6.38
N GLY A 443 -47.15 18.04 -3.50
CA GLY A 443 -46.22 18.98 -2.92
C GLY A 443 -46.03 20.23 -3.77
N GLY A 444 -46.74 20.30 -4.89
CA GLY A 444 -46.63 21.43 -5.79
C GLY A 444 -45.29 21.52 -6.49
N THR A 445 -45.17 22.49 -7.41
CA THR A 445 -43.90 22.75 -8.07
C THR A 445 -42.90 23.36 -7.10
N MET A 446 -41.72 22.74 -6.99
CA MET A 446 -40.55 23.40 -6.42
C MET A 446 -39.99 24.37 -7.45
N ARG A 447 -40.08 25.67 -7.16
CA ARG A 447 -39.41 26.69 -7.95
C ARG A 447 -37.92 26.70 -7.61
N LEU A 448 -37.07 26.60 -8.64
CA LEU A 448 -35.63 26.53 -8.45
C LEU A 448 -34.93 27.45 -9.44
N GLY A 449 -33.93 28.17 -8.94
CA GLY A 449 -33.14 29.07 -9.74
C GLY A 449 -33.79 30.42 -9.97
N SER A 450 -33.31 31.10 -10.99
CA SER A 450 -33.74 32.47 -11.28
C SER A 450 -35.16 32.53 -11.84
N TYR A 451 -35.93 33.49 -11.34
CA TYR A 451 -37.20 33.89 -11.94
C TYR A 451 -37.30 35.41 -11.93
N PRO A 452 -37.93 36.00 -12.93
CA PRO A 452 -38.13 37.45 -12.95
C PRO A 452 -39.31 37.91 -12.10
N ALA A 453 -39.23 39.17 -11.65
CA ALA A 453 -40.31 39.80 -10.90
C ALA A 453 -40.38 41.28 -11.28
N VAL A 454 -41.58 41.84 -11.14
CA VAL A 454 -41.85 43.26 -11.41
C VAL A 454 -42.25 43.94 -10.11
N LEU A 455 -41.77 45.17 -9.90
CA LEU A 455 -41.89 45.85 -8.61
C LEU A 455 -42.76 47.09 -8.72
N GLU A 456 -43.49 47.34 -7.63
CA GLU A 456 -44.33 48.53 -7.52
C GLU A 456 -43.45 49.79 -7.55
N PRO A 457 -43.75 50.77 -8.40
CA PRO A 457 -43.01 52.03 -8.35
C PRO A 457 -43.14 52.77 -7.03
N ASP A 458 -42.01 53.26 -6.53
CA ASP A 458 -41.86 53.86 -5.20
C ASP A 458 -42.30 52.96 -4.05
N SER A 459 -42.38 51.66 -4.27
CA SER A 459 -42.23 50.72 -3.17
C SER A 459 -40.90 50.96 -2.45
N VAL A 460 -40.84 50.57 -1.18
CA VAL A 460 -39.56 50.49 -0.48
C VAL A 460 -38.59 49.54 -1.18
N VAL A 461 -39.10 48.48 -1.80
CA VAL A 461 -38.23 47.60 -2.57
C VAL A 461 -37.67 48.32 -3.79
N ALA A 462 -38.54 49.01 -4.53
CA ALA A 462 -38.05 49.74 -5.71
C ALA A 462 -37.08 50.85 -5.32
N GLN A 463 -37.26 51.47 -4.15
CA GLN A 463 -36.28 52.43 -3.68
C GLN A 463 -34.96 51.78 -3.30
N ALA A 464 -35.01 50.54 -2.82
CA ALA A 464 -33.77 49.80 -2.60
C ALA A 464 -33.07 49.45 -3.91
N TYR A 465 -33.76 48.76 -4.81
CA TYR A 465 -33.12 48.27 -6.03
C TYR A 465 -32.84 49.39 -7.03
N GLN A 466 -33.58 50.49 -6.96
CA GLN A 466 -33.53 51.53 -7.99
C GLN A 466 -33.81 50.97 -9.38
N THR A 467 -34.74 50.02 -9.45
CA THR A 467 -35.27 49.52 -10.70
C THR A 467 -36.65 48.96 -10.44
N THR A 468 -37.48 48.93 -11.49
CA THR A 468 -38.76 48.24 -11.44
C THR A 468 -38.71 46.77 -11.85
N GLN A 469 -37.60 46.29 -12.40
CA GLN A 469 -37.50 44.89 -12.80
C GLN A 469 -36.24 44.27 -12.22
N VAL A 470 -36.41 43.07 -11.65
CA VAL A 470 -35.36 42.36 -10.94
C VAL A 470 -35.51 40.88 -11.23
N SER A 471 -34.47 40.12 -10.91
CA SER A 471 -34.56 38.67 -10.81
C SER A 471 -33.82 38.19 -9.56
N GLU A 472 -34.28 37.07 -9.02
CA GLU A 472 -33.73 36.50 -7.80
C GLU A 472 -33.76 34.98 -7.94
N ARG A 473 -32.98 34.30 -7.10
CA ARG A 473 -32.90 32.85 -7.10
C ARG A 473 -33.84 32.25 -6.07
N HIS A 474 -34.60 31.25 -6.49
CA HIS A 474 -35.66 30.66 -5.68
C HIS A 474 -35.36 29.21 -5.32
N ARG A 475 -35.88 28.78 -4.17
CA ARG A 475 -35.86 27.39 -3.75
C ARG A 475 -36.98 27.13 -2.75
N HIS A 476 -38.21 27.05 -3.24
CA HIS A 476 -39.37 26.90 -2.37
C HIS A 476 -40.53 26.32 -3.17
N ARG A 477 -41.51 25.78 -2.44
CA ARG A 477 -42.69 25.20 -3.07
C ARG A 477 -44.03 25.67 -2.50
N TYR A 478 -44.06 26.34 -1.36
CA TYR A 478 -45.27 27.02 -0.90
C TYR A 478 -45.31 28.49 -1.34
N GLU A 479 -46.52 29.03 -1.36
CA GLU A 479 -46.78 30.38 -1.85
C GLU A 479 -47.79 31.08 -0.95
N VAL A 480 -47.83 32.41 -1.08
CA VAL A 480 -48.93 33.20 -0.50
C VAL A 480 -50.24 32.83 -1.19
N ASN A 481 -51.25 32.49 -0.39
CA ASN A 481 -52.57 32.15 -0.91
C ASN A 481 -53.25 33.42 -1.43
N ASN A 482 -53.49 33.48 -2.74
CA ASN A 482 -54.08 34.67 -3.35
C ASN A 482 -55.48 34.96 -2.82
N ALA A 483 -56.15 33.98 -2.22
CA ALA A 483 -57.46 34.21 -1.62
C ALA A 483 -57.44 35.16 -0.44
N TYR A 484 -56.28 35.40 0.18
CA TYR A 484 -56.19 36.24 1.35
C TYR A 484 -55.54 37.61 1.11
N ARG A 485 -55.17 37.92 -0.13
CA ARG A 485 -54.49 39.19 -0.39
C ARG A 485 -55.27 40.37 0.17
N ASP A 486 -56.55 40.48 -0.21
CA ASP A 486 -57.38 41.60 0.24
C ASP A 486 -57.53 41.62 1.76
N LYS A 487 -57.71 40.44 2.37
CA LYS A 487 -57.83 40.40 3.83
C LYS A 487 -56.59 40.93 4.52
N ILE A 488 -55.41 40.48 4.08
CA ILE A 488 -54.19 40.80 4.82
C ILE A 488 -53.62 42.16 4.42
N ALA A 489 -54.00 42.67 3.25
CA ALA A 489 -53.74 44.08 2.96
C ALA A 489 -54.31 44.99 4.03
N GLU A 490 -55.39 44.59 4.69
CA GLU A 490 -55.90 45.39 5.81
C GLU A 490 -54.95 45.40 7.00
N SER A 491 -53.95 44.53 7.04
CA SER A 491 -52.87 44.69 8.01
C SER A 491 -52.08 45.97 7.73
N GLY A 492 -52.12 46.45 6.49
CA GLY A 492 -51.29 47.53 6.00
C GLY A 492 -50.29 47.06 4.98
N LEU A 493 -50.06 45.75 4.92
CA LEU A 493 -49.02 45.17 4.08
C LEU A 493 -49.33 45.39 2.61
N ARG A 494 -48.30 45.77 1.84
CA ARG A 494 -48.42 45.89 0.40
C ARG A 494 -47.72 44.72 -0.28
N PHE A 495 -48.34 44.22 -1.35
CA PHE A 495 -47.72 43.23 -2.23
C PHE A 495 -46.92 43.95 -3.33
N SER A 496 -45.85 44.59 -2.89
CA SER A 496 -45.08 45.51 -3.72
C SER A 496 -44.24 44.82 -4.78
N GLY A 497 -44.33 43.50 -4.96
CA GLY A 497 -43.74 42.89 -6.13
C GLY A 497 -44.33 41.53 -6.39
N THR A 498 -44.41 41.17 -7.68
CA THR A 498 -45.08 39.96 -8.12
C THR A 498 -44.32 39.39 -9.30
N SER A 499 -44.69 38.18 -9.70
CA SER A 499 -44.40 37.70 -11.05
C SER A 499 -44.87 38.69 -12.10
N PRO A 500 -44.30 38.68 -13.30
CA PRO A 500 -44.76 39.62 -14.33
C PRO A 500 -46.22 39.46 -14.70
N ASP A 501 -46.79 38.28 -14.53
CA ASP A 501 -48.22 38.07 -14.68
C ASP A 501 -49.01 38.44 -13.43
N GLY A 502 -48.35 38.77 -12.32
CA GLY A 502 -49.01 39.05 -11.07
C GLY A 502 -49.48 37.84 -10.30
N HIS A 503 -49.33 36.64 -10.86
CA HIS A 503 -49.90 35.46 -10.24
C HIS A 503 -49.24 35.13 -8.90
N LEU A 504 -47.94 35.40 -8.76
CA LEU A 504 -47.18 35.08 -7.56
C LEU A 504 -46.72 36.34 -6.85
N VAL A 505 -46.96 36.40 -5.54
CA VAL A 505 -46.35 37.39 -4.66
C VAL A 505 -44.86 37.11 -4.50
N GLU A 506 -44.03 38.09 -4.85
CA GLU A 506 -42.58 37.99 -4.70
C GLU A 506 -42.00 38.84 -3.60
N PHE A 507 -42.62 39.99 -3.27
CA PHE A 507 -42.15 40.87 -2.21
C PHE A 507 -43.32 41.44 -1.43
N VAL A 508 -43.13 41.62 -0.12
CA VAL A 508 -44.13 42.25 0.74
C VAL A 508 -43.42 43.30 1.59
N GLU A 509 -44.13 44.40 1.87
CA GLU A 509 -43.59 45.46 2.70
C GLU A 509 -44.72 46.17 3.43
N TYR A 510 -44.38 46.75 4.64
CA TYR A 510 -45.22 47.79 5.21
C TYR A 510 -44.84 49.17 4.67
N PRO A 511 -45.80 50.09 4.56
CA PRO A 511 -45.46 51.44 4.15
C PRO A 511 -44.54 52.12 5.15
N PRO A 512 -43.68 53.03 4.70
CA PRO A 512 -42.67 53.62 5.59
C PRO A 512 -43.24 54.29 6.83
N ASP A 513 -44.46 54.81 6.76
CA ASP A 513 -45.10 55.41 7.93
C ASP A 513 -45.68 54.38 8.89
N ARG A 514 -45.87 53.14 8.44
CA ARG A 514 -46.28 52.09 9.37
C ARG A 514 -45.06 51.54 10.10
N HIS A 515 -44.04 51.13 9.36
CA HIS A 515 -42.73 50.84 9.93
C HIS A 515 -41.67 51.32 8.93
N PRO A 516 -40.55 51.86 9.42
CA PRO A 516 -39.55 52.41 8.50
C PRO A 516 -38.99 51.43 7.48
N PHE A 517 -38.69 50.20 7.89
CA PHE A 517 -38.27 49.18 6.94
C PHE A 517 -38.68 47.83 7.50
N VAL A 518 -39.71 47.22 6.92
CA VAL A 518 -40.07 45.82 7.14
C VAL A 518 -40.36 45.21 5.78
N VAL A 519 -39.48 44.34 5.30
CA VAL A 519 -39.53 43.80 3.95
C VAL A 519 -39.36 42.28 4.00
N GLY A 520 -40.15 41.58 3.18
CA GLY A 520 -39.95 40.16 2.94
C GLY A 520 -39.73 39.89 1.47
N THR A 521 -39.01 38.81 1.17
CA THR A 521 -38.96 38.28 -0.19
C THR A 521 -39.00 36.76 -0.16
N GLN A 522 -39.59 36.18 -1.21
CA GLN A 522 -39.61 34.73 -1.38
C GLN A 522 -38.28 34.16 -1.83
N ALA A 523 -37.38 34.98 -2.35
CA ALA A 523 -36.10 34.53 -2.88
C ALA A 523 -35.03 34.48 -1.79
N HIS A 524 -33.82 34.07 -2.20
CA HIS A 524 -32.63 34.05 -1.37
C HIS A 524 -31.60 35.07 -1.85
N PRO A 525 -31.79 36.36 -1.58
CA PRO A 525 -30.88 37.37 -2.11
C PRO A 525 -29.44 37.25 -1.63
N GLU A 526 -29.17 36.59 -0.50
CA GLU A 526 -27.80 36.32 -0.09
C GLU A 526 -26.99 35.54 -1.12
N LEU A 527 -27.64 34.81 -2.02
CA LEU A 527 -26.90 34.07 -3.05
C LEU A 527 -26.32 34.97 -4.12
N LYS A 528 -26.97 36.08 -4.43
CA LYS A 528 -26.47 37.02 -5.42
C LYS A 528 -25.54 38.08 -4.86
N SER A 529 -25.38 38.14 -3.54
CA SER A 529 -24.45 39.07 -2.92
C SER A 529 -22.99 38.69 -3.16
N ARG A 530 -22.13 39.70 -3.18
CA ARG A 530 -20.68 39.54 -3.22
C ARG A 530 -20.02 40.60 -2.34
N PRO A 531 -18.82 40.32 -1.81
CA PRO A 531 -18.19 41.28 -0.89
C PRO A 531 -17.87 42.62 -1.52
N THR A 532 -17.48 42.62 -2.79
CA THR A 532 -17.21 43.85 -3.53
C THR A 532 -18.44 44.37 -4.26
N ARG A 533 -19.59 43.73 -4.11
CA ARG A 533 -20.82 44.16 -4.77
C ARG A 533 -22.00 43.76 -3.89
N PRO A 534 -22.25 44.51 -2.82
CA PRO A 534 -23.31 44.12 -1.89
C PRO A 534 -24.67 44.17 -2.55
N HIS A 535 -25.55 43.30 -2.09
CA HIS A 535 -26.89 43.26 -2.66
C HIS A 535 -27.75 44.41 -2.08
N PRO A 536 -28.52 45.11 -2.94
CA PRO A 536 -29.38 46.21 -2.48
C PRO A 536 -30.24 46.04 -1.23
N LEU A 537 -30.85 44.87 -1.01
CA LEU A 537 -31.73 44.71 0.14
C LEU A 537 -30.95 44.69 1.45
N PHE A 538 -29.76 44.11 1.47
CA PHE A 538 -28.93 44.17 2.66
C PHE A 538 -28.31 45.54 2.89
N VAL A 539 -27.97 46.27 1.83
CA VAL A 539 -27.55 47.67 2.00
C VAL A 539 -28.68 48.50 2.60
N ALA A 540 -29.91 48.28 2.14
CA ALA A 540 -31.08 48.98 2.68
C ALA A 540 -31.35 48.61 4.12
N PHE A 541 -31.38 47.31 4.42
CA PHE A 541 -31.64 46.85 5.78
C PHE A 541 -30.58 47.32 6.77
N VAL A 542 -29.30 47.24 6.42
CA VAL A 542 -28.26 47.73 7.33
C VAL A 542 -28.32 49.26 7.46
N GLY A 543 -28.68 49.97 6.40
CA GLY A 543 -29.04 51.37 6.55
C GLY A 543 -30.11 51.61 7.60
N ALA A 544 -31.23 50.92 7.48
CA ALA A 544 -32.31 51.06 8.46
C ALA A 544 -31.85 50.75 9.88
N ALA A 545 -31.04 49.71 10.06
CA ALA A 545 -30.50 49.42 11.39
C ALA A 545 -29.60 50.51 11.91
N ILE A 546 -28.75 51.09 11.05
CA ILE A 546 -27.93 52.24 11.46
C ILE A 546 -28.82 53.41 11.88
N ASP A 547 -29.87 53.69 11.12
CA ASP A 547 -30.76 54.80 11.43
C ASP A 547 -31.54 54.58 12.73
N TYR A 548 -31.98 53.35 12.98
CA TYR A 548 -32.56 53.03 14.28
C TYR A 548 -31.57 53.24 15.41
N LYS A 549 -30.38 52.65 15.31
CA LYS A 549 -29.38 52.84 16.35
C LYS A 549 -29.11 54.32 16.61
N ALA A 550 -28.91 55.09 15.54
CA ALA A 550 -28.59 56.50 15.70
C ALA A 550 -29.75 57.29 16.29
N GLY A 551 -30.98 56.93 15.96
CA GLY A 551 -32.10 57.68 16.47
C GLY A 551 -32.52 57.16 17.83
N GLU A 552 -32.25 55.89 18.08
CA GLU A 552 -32.74 55.22 19.28
C GLU A 552 -32.14 55.86 20.53
N PRO B 5 -29.00 -30.11 18.27
CA PRO B 5 -29.71 -29.14 17.44
C PRO B 5 -28.81 -28.44 16.42
N GLN B 6 -29.41 -27.68 15.51
CA GLN B 6 -28.65 -26.97 14.50
C GLN B 6 -27.76 -25.90 15.12
N THR B 7 -26.53 -25.79 14.61
CA THR B 7 -25.62 -24.72 14.96
C THR B 7 -26.12 -23.39 14.38
N ALA B 8 -25.42 -22.31 14.71
CA ALA B 8 -25.45 -21.12 13.89
C ALA B 8 -24.96 -21.42 12.48
N THR B 9 -25.51 -20.71 11.51
CA THR B 9 -25.11 -20.90 10.12
C THR B 9 -23.69 -20.41 9.89
N LYS B 10 -22.86 -21.27 9.29
CA LYS B 10 -21.47 -20.93 9.01
C LYS B 10 -21.36 -20.20 7.67
N HIS B 11 -20.36 -19.34 7.56
CA HIS B 11 -20.05 -18.63 6.32
C HIS B 11 -18.65 -18.98 5.80
N LEU B 12 -18.58 -19.48 4.58
CA LEU B 12 -17.33 -19.80 3.90
C LEU B 12 -17.10 -18.84 2.73
N PHE B 13 -16.03 -18.04 2.79
CA PHE B 13 -15.67 -17.08 1.74
C PHE B 13 -14.53 -17.61 0.86
N VAL B 14 -14.87 -18.13 -0.33
CA VAL B 14 -13.90 -18.45 -1.38
C VAL B 14 -13.43 -17.20 -2.13
N SER B 15 -12.16 -16.84 -1.96
CA SER B 15 -11.53 -15.71 -2.68
C SER B 15 -10.55 -16.24 -3.73
N GLY B 16 -10.08 -15.34 -4.57
CA GLY B 16 -9.20 -15.72 -5.68
C GLY B 16 -7.99 -14.81 -5.82
N GLY B 17 -6.86 -15.42 -6.17
CA GLY B 17 -5.63 -14.67 -6.33
C GLY B 17 -4.87 -15.02 -7.59
N VAL B 18 -3.95 -14.10 -7.94
CA VAL B 18 -3.07 -14.16 -9.11
C VAL B 18 -3.79 -13.95 -10.43
N ALA B 19 -4.80 -14.77 -10.73
CA ALA B 19 -5.54 -14.59 -11.97
C ALA B 19 -6.94 -15.15 -11.82
N SER B 20 -7.84 -14.68 -12.68
CA SER B 20 -9.09 -15.38 -12.95
C SER B 20 -8.85 -16.64 -13.80
N SER B 21 -9.93 -17.39 -14.02
CA SER B 21 -9.97 -18.64 -14.79
C SER B 21 -9.26 -19.80 -14.11
N LEU B 22 -8.96 -19.71 -12.82
CA LEU B 22 -8.38 -20.82 -12.10
C LEU B 22 -9.38 -21.92 -11.75
N GLY B 23 -10.64 -21.81 -12.15
CA GLY B 23 -11.63 -22.81 -11.79
C GLY B 23 -12.19 -22.66 -10.40
N LYS B 24 -12.16 -21.44 -9.87
CA LYS B 24 -12.61 -21.14 -8.52
C LYS B 24 -14.08 -21.46 -8.28
N GLY B 25 -14.95 -21.19 -9.26
CA GLY B 25 -16.34 -21.58 -9.14
C GLY B 25 -16.58 -23.08 -9.13
N LEU B 26 -15.83 -23.83 -9.95
CA LEU B 26 -15.92 -25.28 -9.89
C LEU B 26 -15.34 -25.85 -8.60
N THR B 27 -14.32 -25.22 -8.04
CA THR B 27 -13.81 -25.63 -6.74
C THR B 27 -14.85 -25.43 -5.65
N ALA B 28 -15.45 -24.24 -5.59
CA ALA B 28 -16.52 -23.99 -4.63
C ALA B 28 -17.71 -24.93 -4.81
N SER B 29 -18.08 -25.21 -6.06
CA SER B 29 -19.15 -26.18 -6.33
C SER B 29 -18.81 -27.58 -5.81
N SER B 30 -17.58 -28.03 -6.05
CA SER B 30 -17.16 -29.36 -5.61
C SER B 30 -17.13 -29.46 -4.10
N LEU B 31 -16.68 -28.41 -3.42
CA LEU B 31 -16.78 -28.38 -1.96
C LEU B 31 -18.22 -28.39 -1.48
N GLY B 32 -19.10 -27.64 -2.15
CA GLY B 32 -20.53 -27.75 -1.87
C GLY B 32 -21.09 -29.17 -1.99
N GLN B 33 -20.72 -29.86 -3.06
CA GLN B 33 -21.11 -31.28 -3.20
C GLN B 33 -20.56 -32.15 -2.08
N LEU B 34 -19.30 -31.95 -1.69
CA LEU B 34 -18.73 -32.75 -0.61
C LEU B 34 -19.44 -32.51 0.71
N LEU B 35 -19.71 -31.25 1.05
CA LEU B 35 -20.43 -30.96 2.27
C LEU B 35 -21.88 -31.46 2.23
N THR B 36 -22.51 -31.43 1.06
CA THR B 36 -23.86 -31.99 0.91
C THR B 36 -23.88 -33.51 1.06
N ALA B 37 -22.90 -34.21 0.50
CA ALA B 37 -22.84 -35.66 0.65
C ALA B 37 -22.53 -36.12 2.08
N ARG B 38 -22.00 -35.25 2.93
CA ARG B 38 -21.99 -35.50 4.37
C ARG B 38 -23.33 -35.27 5.04
N GLY B 39 -24.30 -34.68 4.34
CA GLY B 39 -25.62 -34.45 4.89
C GLY B 39 -25.91 -33.06 5.40
N LEU B 40 -25.10 -32.06 5.07
CA LEU B 40 -25.34 -30.68 5.45
C LEU B 40 -26.19 -29.97 4.39
N HIS B 41 -27.01 -29.02 4.84
CA HIS B 41 -27.80 -28.14 3.97
C HIS B 41 -26.95 -26.95 3.53
N VAL B 42 -26.13 -27.17 2.51
CA VAL B 42 -25.33 -26.12 1.87
C VAL B 42 -26.20 -25.20 0.99
N THR B 43 -25.82 -23.92 0.92
CA THR B 43 -26.34 -23.01 -0.08
C THR B 43 -25.20 -22.10 -0.54
N MET B 44 -25.32 -21.56 -1.75
CA MET B 44 -24.22 -20.83 -2.38
C MET B 44 -24.67 -19.48 -2.94
N GLN B 45 -23.73 -18.55 -3.05
CA GLN B 45 -23.95 -17.20 -3.56
C GLN B 45 -22.69 -16.72 -4.28
N LYS B 46 -22.87 -15.87 -5.30
CA LYS B 46 -21.74 -15.19 -5.92
C LYS B 46 -21.87 -13.67 -5.84
N LEU B 47 -20.74 -13.00 -5.57
CA LEU B 47 -20.62 -11.55 -5.66
C LEU B 47 -19.83 -11.18 -6.91
N ASP B 48 -20.42 -10.36 -7.79
CA ASP B 48 -19.73 -9.93 -9.01
C ASP B 48 -19.27 -8.48 -8.92
N PRO B 49 -17.96 -8.22 -8.99
CA PRO B 49 -17.45 -6.85 -8.85
C PRO B 49 -17.78 -5.90 -9.99
N TYR B 50 -18.42 -6.33 -11.07
CA TYR B 50 -18.73 -5.42 -12.17
C TYR B 50 -20.04 -4.66 -11.97
N LEU B 51 -20.16 -3.54 -12.68
CA LEU B 51 -21.23 -2.55 -12.53
C LEU B 51 -22.49 -2.82 -13.34
N ASN B 52 -22.48 -3.74 -14.30
CA ASN B 52 -23.72 -4.13 -14.95
C ASN B 52 -24.72 -4.66 -13.93
N VAL B 53 -25.96 -4.17 -14.01
CA VAL B 53 -26.94 -4.56 -13.01
C VAL B 53 -27.31 -6.04 -13.18
N ASP B 54 -27.25 -6.54 -14.40
CA ASP B 54 -27.33 -7.97 -14.68
C ASP B 54 -26.68 -8.21 -16.03
N PRO B 55 -26.30 -9.45 -16.33
CA PRO B 55 -25.62 -9.73 -17.60
C PRO B 55 -26.51 -9.64 -18.83
N GLY B 56 -27.80 -9.34 -18.70
CA GLY B 56 -28.65 -9.27 -19.87
C GLY B 56 -28.28 -8.20 -20.88
N THR B 57 -27.32 -7.34 -20.57
CA THR B 57 -26.80 -6.36 -21.51
C THR B 57 -25.51 -6.79 -22.18
N MET B 58 -24.84 -7.80 -21.65
CA MET B 58 -23.55 -8.24 -22.15
C MET B 58 -23.71 -9.25 -23.27
N ASN B 59 -22.75 -9.28 -24.16
CA ASN B 59 -22.75 -10.25 -25.24
C ASN B 59 -22.31 -11.62 -24.72
N PRO B 60 -23.08 -12.68 -24.95
CA PRO B 60 -22.73 -13.99 -24.39
C PRO B 60 -21.56 -14.66 -25.08
N PHE B 61 -21.29 -14.32 -26.34
CA PHE B 61 -20.14 -14.90 -27.01
C PHE B 61 -18.84 -14.34 -26.47
N GLN B 62 -18.86 -13.11 -25.94
CA GLN B 62 -17.69 -12.54 -25.30
C GLN B 62 -17.61 -12.85 -23.81
N HIS B 63 -18.75 -12.99 -23.13
CA HIS B 63 -18.78 -13.07 -21.67
C HIS B 63 -19.52 -14.29 -21.12
N GLY B 64 -19.94 -15.22 -21.96
CA GLY B 64 -20.66 -16.41 -21.54
C GLY B 64 -22.16 -16.22 -21.37
N GLU B 65 -22.84 -17.36 -21.33
CA GLU B 65 -24.30 -17.42 -21.24
C GLU B 65 -24.87 -16.68 -20.04
N VAL B 66 -26.08 -16.15 -20.22
CA VAL B 66 -26.94 -15.71 -19.14
C VAL B 66 -27.68 -16.91 -18.57
N PHE B 67 -27.53 -17.16 -17.27
CA PHE B 67 -28.32 -18.16 -16.57
C PHE B 67 -29.64 -17.54 -16.12
N VAL B 68 -30.67 -18.37 -16.00
CA VAL B 68 -31.99 -17.92 -15.55
C VAL B 68 -32.48 -18.80 -14.42
N THR B 69 -32.91 -18.18 -13.32
CA THR B 69 -33.46 -18.86 -12.16
C THR B 69 -34.96 -19.04 -12.29
N GLU B 70 -35.52 -19.85 -11.38
CA GLU B 70 -36.96 -20.12 -11.40
C GLU B 70 -37.77 -18.84 -11.27
N ASP B 71 -37.37 -17.94 -10.40
CA ASP B 71 -38.01 -16.64 -10.23
C ASP B 71 -37.67 -15.66 -11.33
N GLY B 72 -36.88 -16.05 -12.33
CA GLY B 72 -36.71 -15.23 -13.50
C GLY B 72 -35.58 -14.24 -13.46
N ALA B 73 -34.77 -14.21 -12.39
CA ALA B 73 -33.60 -13.35 -12.41
C ALA B 73 -32.60 -13.85 -13.45
N GLU B 74 -31.82 -12.92 -13.98
CA GLU B 74 -30.75 -13.22 -14.92
C GLU B 74 -29.41 -13.12 -14.19
N THR B 75 -28.58 -14.15 -14.30
CA THR B 75 -27.41 -14.27 -13.45
C THR B 75 -26.20 -14.78 -14.23
N ASP B 76 -25.04 -14.61 -13.62
CA ASP B 76 -23.79 -15.23 -14.07
C ASP B 76 -23.91 -16.75 -14.12
N LEU B 77 -23.12 -17.37 -15.00
CA LEU B 77 -23.20 -18.81 -15.23
C LEU B 77 -22.65 -19.64 -14.06
N ASP B 78 -21.92 -19.03 -13.13
CA ASP B 78 -21.50 -19.77 -11.95
C ASP B 78 -22.68 -20.22 -11.12
N VAL B 79 -23.79 -19.48 -11.17
CA VAL B 79 -25.03 -19.95 -10.55
C VAL B 79 -25.48 -21.25 -11.21
N GLY B 80 -25.19 -21.41 -12.50
CA GLY B 80 -25.44 -22.68 -13.16
C GLY B 80 -24.55 -23.81 -12.68
N HIS B 81 -23.26 -23.53 -12.48
CA HIS B 81 -22.41 -24.54 -11.85
C HIS B 81 -22.88 -24.93 -10.46
N TYR B 82 -23.31 -23.96 -9.66
CA TYR B 82 -23.84 -24.26 -8.33
C TYR B 82 -25.09 -25.13 -8.40
N GLU B 83 -26.06 -24.75 -9.23
CA GLU B 83 -27.26 -25.57 -9.41
C GLU B 83 -26.95 -26.98 -9.89
N ARG B 84 -26.01 -27.12 -10.82
CA ARG B 84 -25.65 -28.46 -11.31
C ARG B 84 -24.97 -29.32 -10.26
N PHE B 85 -24.05 -28.76 -9.47
CA PHE B 85 -23.36 -29.59 -8.47
C PHE B 85 -24.19 -29.79 -7.20
N LEU B 86 -25.09 -28.88 -6.87
CA LEU B 86 -25.95 -29.06 -5.70
C LEU B 86 -27.23 -29.80 -6.01
N ASP B 87 -27.70 -29.76 -7.25
CA ASP B 87 -29.06 -30.16 -7.63
C ASP B 87 -30.11 -29.47 -6.76
N ARG B 88 -30.01 -28.15 -6.70
CA ARG B 88 -30.88 -27.30 -5.88
C ARG B 88 -31.24 -26.06 -6.70
N ASN B 89 -32.48 -25.60 -6.60
CA ASN B 89 -32.85 -24.30 -7.16
C ASN B 89 -32.36 -23.17 -6.28
N LEU B 90 -31.72 -22.17 -6.89
CA LEU B 90 -31.19 -21.01 -6.19
C LEU B 90 -31.98 -19.75 -6.47
N PRO B 91 -32.18 -18.88 -5.49
CA PRO B 91 -32.91 -17.62 -5.72
C PRO B 91 -32.08 -16.62 -6.52
N GLY B 92 -32.77 -15.62 -7.04
CA GLY B 92 -32.10 -14.50 -7.67
C GLY B 92 -31.13 -13.78 -6.76
N SER B 93 -31.39 -13.82 -5.45
CA SER B 93 -30.48 -13.29 -4.45
C SER B 93 -29.06 -13.82 -4.58
N ALA B 94 -28.90 -15.02 -5.14
CA ALA B 94 -27.60 -15.67 -5.21
C ALA B 94 -26.58 -14.98 -6.12
N ASN B 95 -26.94 -13.93 -6.84
CA ASN B 95 -25.96 -13.15 -7.60
C ASN B 95 -26.12 -11.68 -7.24
N VAL B 96 -25.29 -11.19 -6.32
CA VAL B 96 -25.08 -9.77 -6.09
C VAL B 96 -24.14 -9.21 -7.15
N THR B 97 -24.29 -7.91 -7.46
CA THR B 97 -23.27 -7.17 -8.22
C THR B 97 -23.12 -5.77 -7.63
N THR B 98 -21.99 -5.12 -7.95
CA THR B 98 -21.80 -3.72 -7.61
C THR B 98 -22.85 -2.80 -8.22
N GLY B 99 -23.19 -3.05 -9.49
CA GLY B 99 -24.23 -2.30 -10.15
C GLY B 99 -25.54 -2.24 -9.40
N GLN B 100 -25.95 -3.36 -8.83
CA GLN B 100 -27.15 -3.43 -8.01
C GLN B 100 -26.97 -2.76 -6.65
N VAL B 101 -25.83 -2.95 -6.00
CA VAL B 101 -25.65 -2.41 -4.65
C VAL B 101 -25.64 -0.88 -4.68
N TYR B 102 -24.93 -0.29 -5.64
CA TYR B 102 -24.93 1.15 -5.79
C TYR B 102 -26.30 1.72 -6.14
N SER B 103 -26.94 1.16 -7.16
CA SER B 103 -28.29 1.60 -7.52
C SER B 103 -29.27 1.53 -6.35
N THR B 104 -29.19 0.47 -5.53
CA THR B 104 -30.03 0.36 -4.33
C THR B 104 -29.73 1.45 -3.31
N VAL B 105 -28.45 1.71 -3.01
CA VAL B 105 -28.12 2.73 -2.02
C VAL B 105 -28.46 4.13 -2.52
N ILE B 106 -28.21 4.41 -3.80
CA ILE B 106 -28.56 5.72 -4.35
C ILE B 106 -30.07 5.93 -4.34
N ALA B 107 -30.85 4.91 -4.65
CA ALA B 107 -32.31 5.03 -4.55
C ALA B 107 -32.79 5.26 -3.12
N LYS B 108 -32.22 4.57 -2.14
CA LYS B 108 -32.55 4.87 -0.74
C LYS B 108 -32.16 6.30 -0.35
N GLU B 109 -31.05 6.80 -0.87
CA GLU B 109 -30.66 8.19 -0.62
C GLU B 109 -31.66 9.19 -1.19
N ARG B 110 -32.06 9.01 -2.45
CA ARG B 110 -33.02 9.93 -3.06
C ARG B 110 -34.35 9.97 -2.30
N ARG B 111 -34.74 8.88 -1.66
CA ARG B 111 -35.94 8.86 -0.82
C ARG B 111 -35.73 9.38 0.60
N GLY B 112 -34.55 9.83 0.96
CA GLY B 112 -34.31 10.36 2.28
C GLY B 112 -34.23 9.36 3.41
N GLU B 113 -34.03 8.08 3.08
CA GLU B 113 -34.03 7.03 4.10
C GLU B 113 -32.80 7.04 5.01
N TYR B 114 -31.75 7.79 4.68
CA TYR B 114 -30.60 7.95 5.57
C TYR B 114 -30.68 9.19 6.45
N LEU B 115 -31.83 9.85 6.49
CA LEU B 115 -32.16 10.84 7.52
C LEU B 115 -31.16 11.99 7.60
N GLY B 116 -30.65 12.41 6.43
CA GLY B 116 -29.80 13.58 6.36
C GLY B 116 -28.31 13.38 6.49
N ASP B 117 -27.83 12.14 6.66
CA ASP B 117 -26.40 11.92 6.65
C ASP B 117 -25.82 12.08 5.24
N THR B 118 -24.52 12.37 5.20
CA THR B 118 -23.71 12.02 4.04
C THR B 118 -23.65 10.51 3.87
N VAL B 119 -23.83 10.04 2.63
CA VAL B 119 -23.74 8.63 2.29
C VAL B 119 -22.34 8.33 1.75
N GLN B 120 -21.76 7.23 2.22
CA GLN B 120 -20.35 6.93 2.05
C GLN B 120 -20.19 5.47 1.68
N VAL B 121 -19.05 5.13 1.09
CA VAL B 121 -18.73 3.73 0.79
C VAL B 121 -18.73 2.89 2.05
N ILE B 122 -18.06 3.35 3.10
CA ILE B 122 -18.20 2.82 4.43
C ILE B 122 -18.81 3.91 5.30
N PRO B 123 -19.93 3.65 5.98
CA PRO B 123 -20.56 2.34 6.13
C PRO B 123 -21.60 1.87 5.09
N HIS B 124 -22.17 2.74 4.25
CA HIS B 124 -23.44 2.41 3.59
C HIS B 124 -23.32 1.37 2.48
N ILE B 125 -22.29 1.42 1.64
CA ILE B 125 -22.13 0.39 0.62
C ILE B 125 -21.74 -0.94 1.23
N THR B 126 -20.88 -0.93 2.25
CA THR B 126 -20.50 -2.18 2.88
C THR B 126 -21.63 -2.77 3.71
N ASP B 127 -22.48 -1.91 4.29
CA ASP B 127 -23.68 -2.40 4.98
C ASP B 127 -24.67 -3.03 4.02
N GLU B 128 -24.83 -2.46 2.82
CA GLU B 128 -25.70 -3.13 1.84
C GLU B 128 -25.13 -4.47 1.39
N ILE B 129 -23.82 -4.55 1.15
CA ILE B 129 -23.22 -5.85 0.84
C ILE B 129 -23.38 -6.85 1.99
N LYS B 130 -23.04 -6.44 3.21
CA LYS B 130 -23.17 -7.33 4.36
C LYS B 130 -24.61 -7.78 4.61
N ARG B 131 -25.58 -6.89 4.40
CA ARG B 131 -26.99 -7.27 4.45
C ARG B 131 -27.36 -8.31 3.39
N ARG B 132 -26.91 -8.10 2.15
CA ARG B 132 -27.18 -9.09 1.12
C ARG B 132 -26.46 -10.42 1.36
N ILE B 133 -25.31 -10.42 2.04
CA ILE B 133 -24.67 -11.67 2.42
C ILE B 133 -25.48 -12.41 3.48
N LEU B 134 -25.75 -11.75 4.60
CA LEU B 134 -26.44 -12.42 5.71
C LEU B 134 -27.88 -12.74 5.39
N ALA B 135 -28.48 -12.10 4.38
CA ALA B 135 -29.76 -12.54 3.84
C ALA B 135 -29.78 -14.01 3.43
N MET B 136 -28.68 -14.51 2.86
CA MET B 136 -28.65 -15.91 2.42
C MET B 136 -28.86 -16.90 3.57
N ALA B 137 -28.55 -16.50 4.79
CA ALA B 137 -28.68 -17.37 5.96
C ALA B 137 -30.11 -17.54 6.45
N GLN B 138 -31.06 -16.81 5.90
CA GLN B 138 -32.43 -16.82 6.42
C GLN B 138 -33.17 -18.12 6.08
N PRO B 139 -34.14 -18.51 6.92
CA PRO B 139 -34.90 -19.74 6.66
C PRO B 139 -35.60 -19.73 5.32
N ASP B 140 -35.50 -20.87 4.62
CA ASP B 140 -36.01 -20.99 3.27
C ASP B 140 -37.54 -21.00 3.25
N ALA B 141 -38.08 -21.17 2.05
CA ALA B 141 -39.53 -21.18 1.85
C ALA B 141 -40.22 -22.31 2.61
N ASP B 142 -39.47 -23.30 3.09
CA ASP B 142 -40.02 -24.36 3.93
C ASP B 142 -39.57 -24.24 5.39
N GLY B 143 -38.79 -23.23 5.73
CA GLY B 143 -38.38 -22.98 7.08
C GLY B 143 -37.07 -23.59 7.48
N ASN B 144 -36.32 -24.14 6.53
CA ASN B 144 -35.04 -24.77 6.82
C ASN B 144 -33.95 -23.71 6.75
N ARG B 145 -33.25 -23.50 7.85
CA ARG B 145 -32.05 -22.67 7.83
C ARG B 145 -30.87 -23.47 7.27
N PRO B 146 -30.12 -22.91 6.32
CA PRO B 146 -28.94 -23.61 5.81
C PRO B 146 -27.84 -23.76 6.86
N ASP B 147 -27.09 -24.86 6.74
CA ASP B 147 -25.95 -25.08 7.63
C ASP B 147 -24.75 -24.22 7.25
N VAL B 148 -24.43 -24.13 5.95
CA VAL B 148 -23.33 -23.31 5.46
C VAL B 148 -23.83 -22.45 4.29
N VAL B 149 -23.42 -21.19 4.27
CA VAL B 149 -23.45 -20.35 3.08
C VAL B 149 -22.04 -20.23 2.52
N ILE B 150 -21.85 -20.64 1.27
CA ILE B 150 -20.57 -20.53 0.57
C ILE B 150 -20.64 -19.35 -0.41
N THR B 151 -20.27 -18.17 0.07
CA THR B 151 -20.18 -17.00 -0.81
C THR B 151 -18.84 -16.98 -1.55
N GLU B 152 -18.89 -17.04 -2.88
CA GLU B 152 -17.71 -16.88 -3.73
C GLU B 152 -17.54 -15.43 -4.14
N ILE B 153 -16.38 -14.86 -3.83
CA ILE B 153 -16.06 -13.46 -4.14
C ILE B 153 -15.43 -13.40 -5.52
N GLY B 154 -16.08 -12.73 -6.45
CA GLY B 154 -15.54 -12.58 -7.79
C GLY B 154 -14.35 -11.66 -7.84
N GLY B 155 -13.67 -11.72 -8.96
CA GLY B 155 -12.47 -10.94 -9.22
C GLY B 155 -11.22 -11.47 -8.53
N THR B 156 -10.18 -10.64 -8.58
CA THR B 156 -8.87 -10.95 -8.03
C THR B 156 -8.53 -10.03 -6.88
N VAL B 157 -7.98 -10.59 -5.81
CA VAL B 157 -7.52 -9.79 -4.68
C VAL B 157 -6.52 -8.75 -5.17
N GLY B 158 -6.87 -7.48 -5.00
CA GLY B 158 -6.09 -6.35 -5.45
C GLY B 158 -6.58 -5.69 -6.72
N ASP B 159 -7.64 -6.21 -7.33
CA ASP B 159 -8.52 -5.38 -8.16
C ASP B 159 -9.20 -4.31 -7.32
N ILE B 160 -9.32 -3.11 -7.90
CA ILE B 160 -9.94 -2.00 -7.19
C ILE B 160 -11.41 -2.31 -6.90
N GLU B 161 -12.10 -2.88 -7.88
CA GLU B 161 -13.53 -3.18 -7.79
C GLU B 161 -13.89 -4.23 -6.74
N SER B 162 -12.97 -5.08 -6.34
CA SER B 162 -13.22 -6.06 -5.29
C SER B 162 -13.19 -5.51 -3.87
N GLN B 163 -12.58 -4.35 -3.63
CA GLN B 163 -12.28 -3.86 -2.28
C GLN B 163 -13.48 -3.61 -1.36
N PRO B 164 -14.69 -3.37 -1.86
CA PRO B 164 -15.85 -3.33 -0.95
C PRO B 164 -16.37 -4.70 -0.51
N PHE B 165 -16.33 -5.70 -1.39
CA PHE B 165 -16.81 -7.02 -1.01
C PHE B 165 -15.87 -7.70 -0.01
N LEU B 166 -14.57 -7.54 -0.19
CA LEU B 166 -13.61 -8.04 0.79
C LEU B 166 -13.74 -7.34 2.14
N GLU B 167 -14.01 -6.03 2.14
CA GLU B 167 -14.26 -5.31 3.38
C GLU B 167 -15.53 -5.78 4.08
N ALA B 168 -16.61 -6.01 3.32
CA ALA B 168 -17.81 -6.58 3.92
C ALA B 168 -17.57 -7.96 4.50
N ALA B 169 -16.81 -8.81 3.80
CA ALA B 169 -16.48 -10.12 4.35
C ALA B 169 -15.62 -10.05 5.61
N ARG B 170 -14.66 -9.12 5.64
CA ARG B 170 -13.91 -8.86 6.88
C ARG B 170 -14.82 -8.44 8.03
N GLN B 171 -15.79 -7.57 7.77
CA GLN B 171 -16.74 -7.20 8.82
C GLN B 171 -17.63 -8.36 9.26
N VAL B 172 -18.02 -9.25 8.35
CA VAL B 172 -18.75 -10.44 8.77
C VAL B 172 -17.90 -11.32 9.68
N ARG B 173 -16.63 -11.48 9.33
CA ARG B 173 -15.68 -12.20 10.19
C ARG B 173 -15.52 -11.53 11.56
N HIS B 174 -15.53 -10.21 11.61
CA HIS B 174 -15.47 -9.50 12.88
C HIS B 174 -16.75 -9.67 13.70
N TYR B 175 -17.90 -9.63 13.05
CA TYR B 175 -19.18 -9.72 13.74
C TYR B 175 -19.44 -11.13 14.29
N LEU B 176 -19.23 -12.16 13.49
CA LEU B 176 -19.57 -13.51 13.92
C LEU B 176 -18.43 -14.25 14.62
N GLY B 177 -17.19 -13.85 14.41
CA GLY B 177 -16.04 -14.51 14.99
C GLY B 177 -15.62 -15.79 14.29
N ARG B 178 -14.37 -16.18 14.54
CA ARG B 178 -13.72 -17.26 13.80
C ARG B 178 -14.45 -18.59 13.93
N GLU B 179 -15.21 -18.79 15.00
CA GLU B 179 -15.94 -20.05 15.14
C GLU B 179 -16.97 -20.25 14.03
N ASP B 180 -17.42 -19.18 13.38
CA ASP B 180 -18.46 -19.24 12.37
C ASP B 180 -18.02 -18.97 10.94
N VAL B 181 -16.80 -18.46 10.73
CA VAL B 181 -16.39 -17.93 9.43
C VAL B 181 -15.06 -18.54 9.03
N PHE B 182 -14.95 -18.91 7.76
CA PHE B 182 -13.78 -19.56 7.16
C PHE B 182 -13.43 -18.83 5.87
N PHE B 183 -12.15 -18.59 5.64
CA PHE B 183 -11.66 -18.04 4.38
C PHE B 183 -10.82 -19.06 3.61
N LEU B 184 -11.26 -19.39 2.40
CA LEU B 184 -10.53 -20.24 1.46
C LEU B 184 -10.00 -19.38 0.33
N HIS B 185 -8.67 -19.39 0.13
CA HIS B 185 -8.04 -18.61 -0.94
C HIS B 185 -7.48 -19.53 -2.02
N VAL B 186 -7.86 -19.28 -3.28
CA VAL B 186 -7.40 -20.03 -4.45
C VAL B 186 -6.26 -19.28 -5.13
N SER B 187 -5.18 -19.99 -5.45
CA SER B 187 -3.98 -19.38 -5.99
C SER B 187 -3.35 -20.27 -7.05
N LEU B 188 -2.53 -19.67 -7.91
CA LEU B 188 -1.81 -20.36 -8.98
C LEU B 188 -0.35 -20.63 -8.61
N VAL B 189 0.09 -21.87 -8.82
CA VAL B 189 1.50 -22.25 -8.80
C VAL B 189 2.01 -22.47 -10.23
N PRO B 190 2.71 -21.52 -10.84
CA PRO B 190 3.19 -21.72 -12.20
C PRO B 190 4.41 -22.62 -12.31
N TYR B 191 4.53 -23.29 -13.46
CA TYR B 191 5.69 -24.09 -13.83
C TYR B 191 6.49 -23.38 -14.91
N LEU B 192 7.81 -23.29 -14.72
CA LEU B 192 8.72 -22.66 -15.67
C LEU B 192 9.57 -23.73 -16.33
N ALA B 193 9.33 -23.98 -17.61
CA ALA B 193 9.92 -25.10 -18.33
C ALA B 193 11.44 -24.98 -18.57
N PRO B 194 11.97 -23.81 -18.88
CA PRO B 194 13.41 -23.74 -19.14
C PRO B 194 14.27 -24.12 -17.95
N SER B 195 13.80 -23.92 -16.73
CA SER B 195 14.54 -24.28 -15.53
C SER B 195 13.85 -25.33 -14.69
N GLY B 196 12.69 -25.81 -15.10
CA GLY B 196 12.11 -27.02 -14.53
C GLY B 196 11.65 -26.94 -13.09
N GLU B 197 10.96 -25.87 -12.71
CA GLU B 197 10.68 -25.63 -11.30
C GLU B 197 9.32 -24.97 -11.13
N LEU B 198 8.67 -25.33 -10.02
CA LEU B 198 7.46 -24.66 -9.54
C LEU B 198 7.81 -23.45 -8.68
N LYS B 199 7.09 -22.35 -8.88
CA LYS B 199 7.35 -21.10 -8.18
C LYS B 199 6.24 -20.78 -7.18
N THR B 200 6.62 -20.52 -5.93
CA THR B 200 5.70 -20.15 -4.86
C THR B 200 5.55 -18.65 -4.65
N LYS B 201 6.40 -17.83 -5.27
CA LYS B 201 6.35 -16.37 -5.05
C LYS B 201 5.02 -15.71 -5.37
N PRO B 202 4.31 -16.03 -6.46
CA PRO B 202 2.97 -15.44 -6.66
C PRO B 202 1.98 -15.71 -5.55
N THR B 203 2.02 -16.88 -4.94
CA THR B 203 1.14 -17.18 -3.82
C THR B 203 1.53 -16.38 -2.59
N GLN B 204 2.83 -16.22 -2.34
CA GLN B 204 3.29 -15.37 -1.25
C GLN B 204 2.80 -13.94 -1.40
N HIS B 205 3.01 -13.34 -2.58
CA HIS B 205 2.52 -11.98 -2.80
C HIS B 205 0.99 -11.86 -2.74
N SER B 206 0.26 -12.88 -3.18
CA SER B 206 -1.20 -12.81 -3.13
C SER B 206 -1.73 -12.95 -1.70
N VAL B 207 -1.10 -13.79 -0.89
CA VAL B 207 -1.48 -13.84 0.53
C VAL B 207 -1.03 -12.59 1.27
N ALA B 208 0.08 -11.97 0.89
CA ALA B 208 0.46 -10.70 1.48
C ALA B 208 -0.55 -9.60 1.16
N ALA B 209 -1.01 -9.53 -0.09
CA ALA B 209 -2.09 -8.63 -0.44
C ALA B 209 -3.35 -8.87 0.38
N LEU B 210 -3.73 -10.13 0.54
CA LEU B 210 -4.91 -10.47 1.35
C LEU B 210 -4.73 -10.10 2.83
N ARG B 211 -3.55 -10.28 3.39
CA ARG B 211 -3.25 -9.84 4.75
C ARG B 211 -3.21 -8.32 4.92
N SER B 212 -2.79 -7.58 3.90
CA SER B 212 -2.77 -6.13 4.01
C SER B 212 -4.16 -5.50 4.10
N ILE B 213 -5.21 -6.23 3.76
CA ILE B 213 -6.58 -5.74 3.95
C ILE B 213 -7.28 -6.42 5.13
N GLY B 214 -6.55 -7.15 5.96
CA GLY B 214 -7.08 -7.66 7.20
C GLY B 214 -7.72 -9.02 7.17
N ILE B 215 -7.46 -9.83 6.15
CA ILE B 215 -7.99 -11.19 6.06
C ILE B 215 -6.84 -12.17 6.22
N THR B 216 -7.05 -13.20 7.05
CA THR B 216 -6.13 -14.33 7.12
C THR B 216 -6.78 -15.55 6.47
N PRO B 217 -6.19 -16.15 5.44
CA PRO B 217 -6.75 -17.39 4.89
C PRO B 217 -6.59 -18.58 5.83
N ASP B 218 -7.67 -19.36 5.93
CA ASP B 218 -7.64 -20.62 6.65
C ASP B 218 -7.08 -21.79 5.83
N ALA B 219 -7.23 -21.75 4.51
CA ALA B 219 -6.67 -22.79 3.64
C ALA B 219 -6.30 -22.19 2.29
N LEU B 220 -5.37 -22.85 1.60
CA LEU B 220 -4.94 -22.48 0.27
C LEU B 220 -5.21 -23.61 -0.72
N ILE B 221 -5.91 -23.30 -1.80
CA ILE B 221 -6.03 -24.17 -2.97
C ILE B 221 -4.91 -23.80 -3.94
N LEU B 222 -3.96 -24.71 -4.13
CA LEU B 222 -2.83 -24.51 -5.05
C LEU B 222 -3.16 -25.13 -6.41
N ARG B 223 -3.60 -24.30 -7.35
CA ARG B 223 -3.86 -24.76 -8.71
C ARG B 223 -2.57 -24.91 -9.50
N CYS B 224 -2.40 -26.07 -10.14
CA CYS B 224 -1.13 -26.43 -10.75
C CYS B 224 -1.41 -27.43 -11.87
N ASP B 225 -0.50 -27.49 -12.84
CA ASP B 225 -0.61 -28.50 -13.89
C ASP B 225 -0.07 -29.86 -13.46
N ARG B 226 0.60 -29.93 -12.31
CA ARG B 226 1.21 -31.15 -11.81
C ARG B 226 1.15 -31.10 -10.29
N ASP B 227 1.25 -32.27 -9.66
CA ASP B 227 1.07 -32.35 -8.22
C ASP B 227 2.22 -31.67 -7.48
N VAL B 228 1.87 -30.74 -6.59
CA VAL B 228 2.87 -29.91 -5.92
C VAL B 228 3.68 -30.75 -4.94
N PRO B 229 5.01 -30.67 -4.94
CA PRO B 229 5.81 -31.40 -3.95
C PRO B 229 5.51 -30.98 -2.52
N GLU B 230 5.61 -31.94 -1.60
CA GLU B 230 5.39 -31.70 -0.18
C GLU B 230 6.36 -30.67 0.39
N ALA B 231 7.60 -30.65 -0.08
CA ALA B 231 8.55 -29.63 0.35
C ALA B 231 8.09 -28.22 0.01
N LEU B 232 7.48 -28.04 -1.16
CA LEU B 232 6.90 -26.75 -1.51
C LEU B 232 5.70 -26.42 -0.63
N LYS B 233 4.83 -27.39 -0.37
CA LYS B 233 3.70 -27.12 0.52
C LYS B 233 4.16 -26.71 1.92
N ASN B 234 5.19 -27.36 2.44
CA ASN B 234 5.79 -26.94 3.70
C ASN B 234 6.36 -25.53 3.64
N LYS B 235 7.07 -25.20 2.56
CA LYS B 235 7.56 -23.83 2.39
C LYS B 235 6.43 -22.81 2.36
N ILE B 236 5.36 -23.08 1.61
CA ILE B 236 4.21 -22.18 1.59
C ILE B 236 3.60 -22.03 2.99
N ALA B 237 3.34 -23.15 3.66
CA ALA B 237 2.77 -23.09 5.01
C ALA B 237 3.63 -22.27 5.96
N LEU B 238 4.94 -22.40 5.86
CA LEU B 238 5.84 -21.57 6.68
C LEU B 238 5.81 -20.10 6.26
N MET B 239 5.89 -19.84 4.96
CA MET B 239 5.93 -18.47 4.47
C MET B 239 4.59 -17.76 4.60
N CYS B 240 3.47 -18.49 4.51
CA CYS B 240 2.15 -17.88 4.48
C CYS B 240 1.43 -17.89 5.83
N ASP B 241 2.02 -18.49 6.85
CA ASP B 241 1.35 -18.69 8.15
C ASP B 241 0.00 -19.40 8.02
N VAL B 242 0.01 -20.51 7.29
CA VAL B 242 -1.19 -21.34 7.12
C VAL B 242 -0.86 -22.73 7.65
N ASP B 243 -1.85 -23.33 8.30
CA ASP B 243 -1.75 -24.71 8.74
C ASP B 243 -1.47 -25.61 7.54
N ILE B 244 -0.44 -26.45 7.67
CA ILE B 244 -0.07 -27.38 6.62
C ILE B 244 -1.23 -28.26 6.18
N ASP B 245 -2.14 -28.59 7.10
CA ASP B 245 -3.32 -29.35 6.73
C ASP B 245 -4.32 -28.55 5.90
N GLY B 246 -4.17 -27.23 5.83
CA GLY B 246 -4.89 -26.38 4.91
C GLY B 246 -4.24 -26.08 3.58
N VAL B 247 -3.04 -26.57 3.28
CA VAL B 247 -2.40 -26.35 1.99
C VAL B 247 -2.75 -27.51 1.06
N ILE B 248 -3.63 -27.25 0.09
CA ILE B 248 -4.29 -28.27 -0.70
C ILE B 248 -3.72 -28.22 -2.11
N SER B 249 -3.03 -29.29 -2.52
CA SER B 249 -2.52 -29.43 -3.87
C SER B 249 -3.64 -29.82 -4.83
N THR B 250 -3.91 -28.98 -5.82
CA THR B 250 -5.10 -29.12 -6.68
C THR B 250 -4.70 -29.14 -8.15
N PRO B 251 -4.05 -30.19 -8.60
CA PRO B 251 -3.67 -30.28 -10.03
C PRO B 251 -4.88 -30.40 -10.94
N ASP B 252 -4.67 -30.03 -12.20
CA ASP B 252 -5.73 -30.12 -13.22
C ASP B 252 -6.31 -31.52 -13.33
N ALA B 253 -7.61 -31.65 -13.08
CA ALA B 253 -8.30 -32.93 -13.14
C ALA B 253 -8.68 -33.30 -14.58
N PRO B 254 -8.95 -34.57 -14.85
CA PRO B 254 -9.37 -34.95 -16.22
C PRO B 254 -10.70 -34.36 -16.64
N SER B 255 -11.72 -34.45 -15.78
CA SER B 255 -13.01 -33.84 -15.99
C SER B 255 -13.41 -33.09 -14.73
N ILE B 256 -14.37 -32.17 -14.88
CA ILE B 256 -14.86 -31.40 -13.73
C ILE B 256 -15.49 -32.31 -12.68
N TYR B 257 -16.04 -33.45 -13.07
CA TYR B 257 -16.67 -34.33 -12.10
C TYR B 257 -15.64 -35.02 -11.20
N ASP B 258 -14.38 -35.05 -11.59
CA ASP B 258 -13.31 -35.56 -10.73
C ASP B 258 -12.87 -34.60 -9.63
N ILE B 259 -13.19 -33.31 -9.71
CA ILE B 259 -12.68 -32.35 -8.75
C ILE B 259 -13.08 -32.69 -7.32
N PRO B 260 -14.31 -33.13 -7.04
CA PRO B 260 -14.61 -33.62 -5.69
C PRO B 260 -13.70 -34.74 -5.20
N LYS B 261 -13.30 -35.66 -6.08
CA LYS B 261 -12.36 -36.71 -5.68
C LYS B 261 -10.99 -36.15 -5.36
N VAL B 262 -10.51 -35.17 -6.13
CA VAL B 262 -9.25 -34.52 -5.80
C VAL B 262 -9.33 -33.87 -4.42
N LEU B 263 -10.36 -33.06 -4.19
CA LEU B 263 -10.46 -32.36 -2.91
C LEU B 263 -10.63 -33.33 -1.74
N HIS B 264 -11.36 -34.43 -1.93
CA HIS B 264 -11.51 -35.41 -0.87
C HIS B 264 -10.23 -36.19 -0.59
N ARG B 265 -9.46 -36.48 -1.63
CA ARG B 265 -8.14 -37.08 -1.45
C ARG B 265 -7.25 -36.20 -0.57
N GLU B 266 -7.26 -34.89 -0.79
CA GLU B 266 -6.52 -33.95 0.06
C GLU B 266 -7.16 -33.74 1.43
N GLU B 267 -8.34 -34.29 1.67
CA GLU B 267 -9.07 -34.11 2.93
C GLU B 267 -9.42 -32.66 3.24
N LEU B 268 -9.68 -31.84 2.22
CA LEU B 268 -10.09 -30.45 2.46
C LEU B 268 -11.42 -30.38 3.21
N ASP B 269 -12.38 -31.23 2.82
CA ASP B 269 -13.70 -31.21 3.46
C ASP B 269 -13.64 -31.53 4.96
N ALA B 270 -12.84 -32.53 5.34
CA ALA B 270 -12.64 -32.82 6.76
C ALA B 270 -12.02 -31.64 7.51
N PHE B 271 -11.02 -31.00 6.91
CA PHE B 271 -10.42 -29.82 7.52
C PHE B 271 -11.43 -28.70 7.72
N VAL B 272 -12.25 -28.41 6.71
CA VAL B 272 -13.32 -27.42 6.86
C VAL B 272 -14.30 -27.81 7.97
N VAL B 273 -14.84 -29.03 7.91
CA VAL B 273 -15.85 -29.46 8.87
C VAL B 273 -15.32 -29.38 10.29
N ARG B 274 -14.08 -29.84 10.51
CA ARG B 274 -13.45 -29.77 11.82
C ARG B 274 -13.22 -28.34 12.26
N ARG B 275 -12.60 -27.53 11.41
CA ARG B 275 -12.32 -26.13 11.74
C ARG B 275 -13.59 -25.30 11.92
N LEU B 276 -14.69 -25.66 11.26
CA LEU B 276 -15.97 -25.00 11.51
C LEU B 276 -16.80 -25.69 12.58
N ASN B 277 -16.33 -26.80 13.14
CA ASN B 277 -17.05 -27.57 14.16
C ASN B 277 -18.43 -28.04 13.69
N LEU B 278 -18.53 -28.40 12.41
CA LEU B 278 -19.78 -28.93 11.88
C LEU B 278 -19.97 -30.40 12.27
N PRO B 279 -21.22 -30.89 12.28
CA PRO B 279 -21.47 -32.32 12.56
C PRO B 279 -20.78 -33.25 11.58
N PHE B 280 -19.75 -33.96 12.05
CA PHE B 280 -18.98 -34.84 11.18
C PHE B 280 -19.75 -36.11 10.84
N ARG B 281 -19.88 -36.39 9.53
CA ARG B 281 -20.41 -37.64 9.03
C ARG B 281 -19.70 -37.99 7.73
N ASP B 282 -19.64 -39.28 7.41
CA ASP B 282 -18.94 -39.73 6.22
C ASP B 282 -19.66 -39.35 4.92
N VAL B 283 -18.85 -39.13 3.88
CA VAL B 283 -19.34 -38.88 2.52
C VAL B 283 -20.01 -40.13 1.98
N ASP B 284 -21.27 -40.00 1.57
CA ASP B 284 -21.94 -41.04 0.78
C ASP B 284 -21.59 -40.86 -0.70
N TRP B 285 -20.67 -41.69 -1.21
CA TRP B 285 -20.21 -41.63 -2.60
C TRP B 285 -21.12 -42.28 -3.64
N THR B 286 -22.24 -42.91 -3.25
CA THR B 286 -22.92 -43.83 -4.16
C THR B 286 -23.32 -43.18 -5.49
N GLU B 287 -24.03 -42.05 -5.42
CA GLU B 287 -24.48 -41.37 -6.63
C GLU B 287 -23.32 -40.86 -7.47
N TRP B 288 -22.32 -40.29 -6.84
CA TRP B 288 -21.23 -39.71 -7.63
C TRP B 288 -20.32 -40.80 -8.18
N ASP B 289 -20.18 -41.92 -7.48
CA ASP B 289 -19.51 -43.08 -8.06
C ASP B 289 -20.25 -43.61 -9.29
N ASP B 290 -21.58 -43.57 -9.27
CA ASP B 290 -22.33 -43.96 -10.47
C ASP B 290 -22.13 -42.98 -11.63
N LEU B 291 -22.14 -41.68 -11.33
CA LEU B 291 -21.80 -40.68 -12.33
C LEU B 291 -20.41 -40.91 -12.92
N LEU B 292 -19.40 -41.09 -12.07
CA LEU B 292 -18.04 -41.29 -12.57
C LEU B 292 -17.86 -42.58 -13.34
N ARG B 293 -18.59 -43.65 -13.00
CA ARG B 293 -18.68 -44.81 -13.89
C ARG B 293 -19.16 -44.40 -15.28
N ARG B 294 -20.33 -43.79 -15.37
CA ARG B 294 -20.87 -43.44 -16.69
C ARG B 294 -19.97 -42.46 -17.45
N VAL B 295 -19.35 -41.52 -16.73
CA VAL B 295 -18.41 -40.57 -17.34
C VAL B 295 -17.19 -41.28 -17.93
N HIS B 296 -16.56 -42.16 -17.17
CA HIS B 296 -15.28 -42.73 -17.59
C HIS B 296 -15.37 -44.02 -18.39
N GLU B 297 -16.51 -44.71 -18.39
CA GLU B 297 -16.66 -45.99 -19.08
C GLU B 297 -17.82 -45.97 -20.06
N PRO B 298 -17.74 -45.13 -21.10
CA PRO B 298 -18.77 -45.14 -22.13
C PRO B 298 -18.72 -46.41 -22.97
N HIS B 299 -19.89 -46.98 -23.24
CA HIS B 299 -20.02 -48.12 -24.13
C HIS B 299 -20.10 -47.76 -25.61
N GLU B 300 -20.54 -46.56 -25.95
CA GLU B 300 -20.61 -46.12 -27.34
C GLU B 300 -20.39 -44.61 -27.42
N THR B 301 -20.63 -44.05 -28.61
CA THR B 301 -20.16 -42.71 -28.94
C THR B 301 -21.00 -42.20 -30.10
N VAL B 302 -21.41 -40.93 -30.02
CA VAL B 302 -22.28 -40.33 -31.03
C VAL B 302 -21.83 -38.89 -31.27
N ARG B 303 -22.01 -38.43 -32.51
CA ARG B 303 -21.67 -37.08 -32.91
C ARG B 303 -22.93 -36.22 -33.07
N ILE B 304 -22.95 -35.08 -32.39
CA ILE B 304 -24.08 -34.15 -32.45
C ILE B 304 -23.54 -32.82 -32.98
N ALA B 305 -24.21 -32.28 -34.00
CA ALA B 305 -23.92 -30.91 -34.44
C ALA B 305 -24.62 -29.89 -33.56
N LEU B 306 -23.85 -28.98 -32.98
CA LEU B 306 -24.40 -27.79 -32.33
C LEU B 306 -24.26 -26.64 -33.32
N VAL B 307 -25.37 -26.20 -33.90
CA VAL B 307 -25.35 -25.21 -34.97
C VAL B 307 -25.28 -23.82 -34.36
N GLY B 308 -24.06 -23.36 -34.09
CA GLY B 308 -23.80 -22.15 -33.36
C GLY B 308 -23.20 -21.02 -34.16
N LYS B 309 -22.48 -20.15 -33.46
CA LYS B 309 -21.89 -18.95 -34.04
C LYS B 309 -20.64 -19.28 -34.87
N TYR B 310 -19.86 -20.27 -34.43
CA TYR B 310 -18.53 -20.48 -34.98
C TYR B 310 -18.15 -21.94 -34.77
N VAL B 311 -17.09 -22.35 -35.46
CA VAL B 311 -16.64 -23.73 -35.47
C VAL B 311 -15.80 -24.05 -34.24
N GLU B 312 -15.97 -23.31 -33.15
CA GLU B 312 -15.22 -23.60 -31.94
C GLU B 312 -16.12 -23.51 -30.72
N LEU B 313 -15.68 -24.19 -29.67
CA LEU B 313 -16.40 -24.21 -28.40
C LEU B 313 -16.62 -22.81 -27.87
N SER B 314 -17.82 -22.56 -27.34
CA SER B 314 -18.19 -21.26 -26.81
C SER B 314 -18.86 -21.43 -25.46
N ASP B 315 -18.51 -20.56 -24.52
CA ASP B 315 -19.23 -20.47 -23.26
C ASP B 315 -20.65 -19.95 -23.42
N ALA B 316 -20.99 -19.41 -24.58
CA ALA B 316 -22.39 -19.11 -24.89
C ALA B 316 -23.28 -20.33 -24.85
N TYR B 317 -22.72 -21.54 -24.97
CA TYR B 317 -23.50 -22.77 -24.98
C TYR B 317 -23.02 -23.79 -23.95
N LEU B 318 -22.46 -23.29 -22.84
CA LEU B 318 -21.92 -24.18 -21.82
C LEU B 318 -22.98 -25.08 -21.22
N SER B 319 -24.14 -24.53 -20.87
CA SER B 319 -25.23 -25.34 -20.34
C SER B 319 -25.80 -26.31 -21.37
N VAL B 320 -25.86 -25.92 -22.64
CA VAL B 320 -26.32 -26.83 -23.67
C VAL B 320 -25.38 -28.03 -23.80
N ALA B 321 -24.07 -27.76 -23.84
CA ALA B 321 -23.10 -28.84 -23.90
C ALA B 321 -23.15 -29.76 -22.68
N GLU B 322 -23.27 -29.19 -21.48
CA GLU B 322 -23.44 -30.01 -20.29
C GLU B 322 -24.71 -30.86 -20.33
N ALA B 323 -25.81 -30.31 -20.84
CA ALA B 323 -27.05 -31.06 -20.95
C ALA B 323 -26.95 -32.19 -21.96
N LEU B 324 -26.27 -31.96 -23.08
CA LEU B 324 -25.99 -33.02 -24.04
C LEU B 324 -25.15 -34.14 -23.44
N ARG B 325 -24.07 -33.79 -22.74
CA ARG B 325 -23.27 -34.80 -22.04
C ARG B 325 -24.09 -35.59 -21.02
N ALA B 326 -24.91 -34.92 -20.20
CA ALA B 326 -25.78 -35.64 -19.26
C ALA B 326 -26.77 -36.58 -19.97
N GLY B 327 -27.33 -36.14 -21.11
CA GLY B 327 -28.11 -37.05 -21.93
C GLY B 327 -27.33 -38.27 -22.35
N GLY B 328 -26.08 -38.07 -22.77
CA GLY B 328 -25.20 -39.20 -23.03
C GLY B 328 -25.03 -40.11 -21.82
N PHE B 329 -24.75 -39.53 -20.66
CA PHE B 329 -24.54 -40.34 -19.46
C PHE B 329 -25.73 -41.22 -19.16
N LYS B 330 -26.94 -40.72 -19.45
CA LYS B 330 -28.12 -41.56 -19.24
C LYS B 330 -28.08 -42.84 -20.08
N HIS B 331 -27.58 -42.73 -21.31
CA HIS B 331 -27.46 -43.87 -22.21
C HIS B 331 -26.13 -44.60 -22.10
N ARG B 332 -25.20 -44.12 -21.27
CA ARG B 332 -23.81 -44.57 -21.29
C ARG B 332 -23.16 -44.41 -22.66
N ALA B 333 -23.60 -43.41 -23.42
CA ALA B 333 -22.87 -43.00 -24.61
C ALA B 333 -21.86 -41.91 -24.26
N LYS B 334 -20.81 -41.80 -25.06
CA LYS B 334 -20.13 -40.53 -25.25
C LYS B 334 -20.93 -39.65 -26.21
N VAL B 335 -20.93 -38.35 -25.97
CA VAL B 335 -21.37 -37.35 -26.94
C VAL B 335 -20.18 -36.50 -27.35
N GLU B 336 -19.91 -36.43 -28.65
CA GLU B 336 -18.91 -35.53 -29.22
C GLU B 336 -19.62 -34.43 -29.98
N ILE B 337 -19.29 -33.18 -29.65
CA ILE B 337 -20.02 -32.03 -30.17
C ILE B 337 -19.25 -31.45 -31.35
N CYS B 338 -19.89 -31.47 -32.53
CA CYS B 338 -19.37 -30.82 -33.73
C CYS B 338 -19.84 -29.37 -33.76
N TRP B 339 -18.93 -28.45 -33.47
CA TRP B 339 -19.25 -27.02 -33.50
C TRP B 339 -19.32 -26.57 -34.95
N VAL B 340 -20.54 -26.28 -35.42
CA VAL B 340 -20.81 -25.96 -36.82
C VAL B 340 -21.29 -24.53 -36.90
N ALA B 341 -20.60 -23.72 -37.70
CA ALA B 341 -21.00 -22.34 -37.94
C ALA B 341 -22.25 -22.29 -38.81
N SER B 342 -23.25 -21.52 -38.36
CA SER B 342 -24.52 -21.42 -39.08
C SER B 342 -24.32 -20.96 -40.52
N ASP B 343 -23.36 -20.07 -40.75
CA ASP B 343 -23.29 -19.38 -42.03
C ASP B 343 -22.81 -20.29 -43.15
N GLY B 344 -22.00 -21.30 -42.83
CA GLY B 344 -21.67 -22.32 -43.81
C GLY B 344 -22.81 -23.22 -44.21
N CYS B 345 -23.94 -23.15 -43.50
CA CYS B 345 -25.09 -24.00 -43.76
C CYS B 345 -26.21 -23.28 -44.49
N GLU B 346 -25.95 -22.07 -44.98
CA GLU B 346 -26.96 -21.34 -45.75
C GLU B 346 -27.19 -21.98 -47.12
N THR B 347 -26.13 -22.42 -47.78
CA THR B 347 -26.26 -23.20 -49.01
C THR B 347 -26.40 -24.69 -48.69
N THR B 348 -27.21 -25.37 -49.50
CA THR B 348 -27.47 -26.79 -49.29
C THR B 348 -26.21 -27.63 -49.43
N SER B 349 -25.30 -27.25 -50.31
CA SER B 349 -24.03 -27.97 -50.40
C SER B 349 -23.14 -27.67 -49.19
N GLY B 350 -23.13 -26.41 -48.73
CA GLY B 350 -22.43 -26.09 -47.50
C GLY B 350 -23.04 -26.77 -46.29
N ALA B 351 -24.37 -26.82 -46.23
CA ALA B 351 -25.04 -27.57 -45.18
C ALA B 351 -24.64 -29.05 -45.22
N ALA B 352 -24.66 -29.65 -46.40
CA ALA B 352 -24.28 -31.06 -46.52
C ALA B 352 -22.84 -31.28 -46.09
N ALA B 353 -21.96 -30.36 -46.42
CA ALA B 353 -20.57 -30.46 -45.97
C ALA B 353 -20.44 -30.33 -44.46
N ALA B 354 -21.22 -29.44 -43.84
CA ALA B 354 -21.13 -29.24 -42.40
C ALA B 354 -21.75 -30.39 -41.61
N LEU B 355 -22.86 -30.96 -42.08
CA LEU B 355 -23.67 -31.85 -41.27
C LEU B 355 -23.65 -33.31 -41.68
N GLY B 356 -23.18 -33.63 -42.89
CA GLY B 356 -23.41 -34.97 -43.39
C GLY B 356 -22.83 -36.08 -42.53
N ASP B 357 -21.77 -35.79 -41.77
CA ASP B 357 -21.14 -36.81 -40.94
C ASP B 357 -21.75 -36.97 -39.56
N VAL B 358 -22.62 -36.06 -39.12
CA VAL B 358 -23.12 -36.09 -37.75
C VAL B 358 -24.36 -36.98 -37.66
N HIS B 359 -24.85 -37.18 -36.44
CA HIS B 359 -25.98 -38.06 -36.17
C HIS B 359 -27.19 -37.33 -35.59
N GLY B 360 -27.05 -36.05 -35.26
CA GLY B 360 -28.18 -35.23 -34.86
C GLY B 360 -27.77 -33.77 -34.88
N VAL B 361 -28.77 -32.91 -35.02
CA VAL B 361 -28.54 -31.47 -35.11
C VAL B 361 -29.27 -30.79 -33.97
N LEU B 362 -28.53 -30.02 -33.17
CA LEU B 362 -29.11 -29.19 -32.11
C LEU B 362 -29.03 -27.74 -32.56
N ILE B 363 -30.17 -27.06 -32.56
CA ILE B 363 -30.26 -25.65 -32.90
C ILE B 363 -30.47 -24.86 -31.62
N PRO B 364 -29.43 -24.22 -31.08
CA PRO B 364 -29.62 -23.42 -29.87
C PRO B 364 -30.07 -22.00 -30.18
N GLY B 365 -30.70 -21.40 -29.19
CA GLY B 365 -31.08 -20.01 -29.23
C GLY B 365 -30.36 -19.16 -28.20
N GLY B 366 -30.79 -17.93 -28.08
CA GLY B 366 -30.21 -16.98 -27.16
C GLY B 366 -30.40 -15.57 -27.70
N PHE B 367 -29.52 -14.68 -27.27
CA PHE B 367 -29.47 -13.33 -27.78
C PHE B 367 -28.06 -13.06 -28.28
N GLY B 368 -27.93 -12.04 -29.12
CA GLY B 368 -26.64 -11.74 -29.71
C GLY B 368 -26.33 -12.50 -30.99
N ILE B 369 -27.35 -12.95 -31.73
CA ILE B 369 -27.11 -13.67 -32.98
C ILE B 369 -27.88 -13.00 -34.10
N ARG B 370 -27.35 -13.14 -35.32
CA ARG B 370 -28.08 -12.92 -36.55
C ARG B 370 -27.69 -14.03 -37.52
N GLY B 371 -28.46 -14.18 -38.59
CA GLY B 371 -28.13 -15.16 -39.61
C GLY B 371 -28.95 -16.43 -39.56
N ILE B 372 -30.21 -16.36 -39.12
CA ILE B 372 -31.05 -17.53 -39.01
C ILE B 372 -31.46 -18.16 -40.33
N GLU B 373 -31.17 -17.51 -41.46
CA GLU B 373 -31.24 -18.20 -42.75
C GLU B 373 -30.39 -19.48 -42.77
N GLY B 374 -29.19 -19.44 -42.21
CA GLY B 374 -28.38 -20.64 -42.10
C GLY B 374 -28.88 -21.65 -41.08
N LYS B 375 -29.55 -21.18 -40.04
CA LYS B 375 -30.21 -22.12 -39.13
C LYS B 375 -31.37 -22.83 -39.83
N ILE B 376 -32.29 -22.10 -40.45
CA ILE B 376 -33.32 -22.79 -41.22
C ILE B 376 -32.67 -23.70 -42.24
N GLY B 377 -31.54 -23.31 -42.82
CA GLY B 377 -30.99 -24.10 -43.91
C GLY B 377 -30.41 -25.42 -43.42
N ALA B 378 -29.89 -25.41 -42.18
CA ALA B 378 -29.54 -26.67 -41.52
C ALA B 378 -30.75 -27.51 -41.14
N ILE B 379 -31.88 -26.89 -40.81
CA ILE B 379 -33.07 -27.69 -40.54
C ILE B 379 -33.56 -28.35 -41.81
N ALA B 380 -33.67 -27.55 -42.87
CA ALA B 380 -34.05 -28.03 -44.19
C ALA B 380 -33.18 -29.19 -44.66
N TYR B 381 -31.86 -29.11 -44.45
CA TYR B 381 -31.03 -30.27 -44.73
C TYR B 381 -31.34 -31.44 -43.80
N ALA B 382 -31.35 -31.24 -42.49
CA ALA B 382 -31.55 -32.35 -41.56
C ALA B 382 -32.83 -33.12 -41.86
N ARG B 383 -33.92 -32.42 -42.16
CA ARG B 383 -35.17 -33.08 -42.51
C ARG B 383 -35.04 -33.97 -43.74
N ALA B 384 -34.39 -33.47 -44.80
CA ALA B 384 -34.18 -34.30 -45.98
C ALA B 384 -33.27 -35.49 -45.70
N ARG B 385 -32.21 -35.27 -44.92
CA ARG B 385 -31.29 -36.34 -44.58
C ARG B 385 -31.88 -37.32 -43.57
N GLY B 386 -32.96 -36.95 -42.88
CA GLY B 386 -33.55 -37.80 -41.86
C GLY B 386 -32.89 -37.74 -40.51
N LEU B 387 -32.08 -36.70 -40.24
CA LEU B 387 -31.43 -36.53 -38.95
C LEU B 387 -32.42 -35.98 -37.92
N PRO B 388 -32.37 -36.44 -36.67
CA PRO B 388 -33.18 -35.82 -35.63
C PRO B 388 -32.73 -34.40 -35.28
N VAL B 389 -33.69 -33.58 -34.89
CA VAL B 389 -33.46 -32.17 -34.57
C VAL B 389 -34.10 -31.86 -33.22
N LEU B 390 -33.35 -31.19 -32.36
CA LEU B 390 -33.90 -30.54 -31.16
C LEU B 390 -33.68 -29.04 -31.30
N GLY B 391 -34.77 -28.28 -31.23
CA GLY B 391 -34.72 -26.83 -31.34
C GLY B 391 -35.08 -26.13 -30.06
N LEU B 392 -34.20 -25.28 -29.55
CA LEU B 392 -34.43 -24.59 -28.28
C LEU B 392 -34.71 -23.11 -28.54
N CYS B 393 -35.88 -22.66 -28.09
CA CYS B 393 -36.34 -21.28 -28.31
C CYS B 393 -36.27 -20.80 -29.75
N LEU B 394 -35.28 -19.97 -30.08
CA LEU B 394 -35.00 -19.60 -31.46
C LEU B 394 -34.93 -20.84 -32.36
N GLY B 395 -34.47 -21.97 -31.83
CA GLY B 395 -34.51 -23.21 -32.60
C GLY B 395 -35.92 -23.57 -33.04
N LEU B 396 -36.88 -23.53 -32.12
CA LEU B 396 -38.28 -23.72 -32.48
C LEU B 396 -38.72 -22.70 -33.52
N GLN B 397 -38.33 -21.44 -33.34
CA GLN B 397 -38.76 -20.41 -34.28
C GLN B 397 -38.25 -20.70 -35.69
N CYS B 398 -37.00 -21.16 -35.81
CA CYS B 398 -36.50 -21.57 -37.11
C CYS B 398 -37.21 -22.81 -37.65
N ILE B 399 -37.57 -23.75 -36.78
CA ILE B 399 -38.33 -24.92 -37.25
C ILE B 399 -39.66 -24.47 -37.84
N VAL B 400 -40.33 -23.54 -37.18
CA VAL B 400 -41.66 -23.12 -37.61
C VAL B 400 -41.57 -22.24 -38.85
N ILE B 401 -40.45 -21.54 -39.07
CA ILE B 401 -40.32 -20.77 -40.30
C ILE B 401 -39.92 -21.67 -41.47
N GLU B 402 -39.04 -22.65 -41.26
CA GLU B 402 -38.91 -23.76 -42.19
C GLU B 402 -40.26 -24.34 -42.63
N ALA B 403 -41.11 -24.70 -41.68
CA ALA B 403 -42.41 -25.24 -42.05
C ALA B 403 -43.29 -24.21 -42.76
N ALA B 404 -43.21 -22.94 -42.39
CA ALA B 404 -43.89 -21.93 -43.18
C ALA B 404 -43.41 -21.94 -44.63
N ARG B 405 -42.11 -22.03 -44.83
CA ARG B 405 -41.44 -22.16 -46.11
C ARG B 405 -41.55 -23.52 -46.72
N SER B 406 -42.43 -24.39 -46.21
CA SER B 406 -42.60 -25.74 -46.75
C SER B 406 -43.99 -25.98 -47.33
N VAL B 407 -44.80 -24.93 -47.51
CA VAL B 407 -46.24 -25.07 -47.67
C VAL B 407 -46.74 -24.01 -48.64
N GLY B 408 -46.50 -22.72 -48.35
CA GLY B 408 -46.61 -21.72 -49.39
C GLY B 408 -45.88 -20.42 -49.11
N LEU B 409 -45.27 -20.33 -47.94
CA LEU B 409 -45.05 -19.05 -47.26
C LEU B 409 -43.56 -18.73 -47.41
N THR B 410 -43.12 -18.65 -48.67
CA THR B 410 -41.71 -18.67 -49.02
C THR B 410 -40.96 -17.43 -48.55
N ASN B 411 -41.65 -16.32 -48.29
CA ASN B 411 -41.02 -15.15 -47.70
C ASN B 411 -41.27 -15.03 -46.20
N ALA B 412 -41.80 -16.06 -45.56
CA ALA B 412 -42.13 -15.98 -44.15
C ALA B 412 -40.86 -15.86 -43.31
N ASN B 413 -40.98 -15.17 -42.18
CA ASN B 413 -39.86 -14.99 -41.26
C ASN B 413 -40.42 -14.68 -39.89
N SER B 414 -39.53 -14.41 -38.94
CA SER B 414 -39.91 -13.59 -37.80
C SER B 414 -39.93 -12.10 -38.15
N ALA B 415 -40.85 -11.39 -37.51
CA ALA B 415 -40.81 -9.94 -37.46
C ALA B 415 -39.53 -9.40 -36.84
N GLU B 416 -38.84 -10.20 -36.03
CA GLU B 416 -37.54 -9.79 -35.51
C GLU B 416 -36.46 -9.77 -36.57
N PHE B 417 -36.54 -10.64 -37.56
CA PHE B 417 -35.42 -10.88 -38.46
C PHE B 417 -35.66 -10.37 -39.88
N ASP B 418 -36.92 -10.14 -40.26
CA ASP B 418 -37.24 -9.31 -41.42
C ASP B 418 -38.45 -8.46 -41.07
N PRO B 419 -38.23 -7.23 -40.60
CA PRO B 419 -39.37 -6.38 -40.21
C PRO B 419 -40.34 -6.08 -41.33
N ASP B 420 -39.97 -6.31 -42.59
CA ASP B 420 -40.84 -6.09 -43.73
C ASP B 420 -41.44 -7.37 -44.28
N THR B 421 -41.23 -8.51 -43.62
CA THR B 421 -41.74 -9.76 -44.15
C THR B 421 -43.25 -9.67 -44.33
N PRO B 422 -43.79 -10.10 -45.48
CA PRO B 422 -45.25 -10.15 -45.63
C PRO B 422 -45.92 -11.25 -44.83
N ASP B 423 -45.17 -12.21 -44.30
CA ASP B 423 -45.70 -13.26 -43.43
C ASP B 423 -44.88 -13.36 -42.15
N PRO B 424 -45.15 -12.49 -41.17
CA PRO B 424 -44.56 -12.64 -39.82
C PRO B 424 -45.18 -13.77 -39.01
N VAL B 425 -44.76 -15.00 -39.30
CA VAL B 425 -45.23 -16.15 -38.55
C VAL B 425 -44.67 -16.19 -37.13
N ILE B 426 -43.59 -15.49 -36.86
CA ILE B 426 -43.14 -15.24 -35.48
C ILE B 426 -43.26 -13.76 -35.21
N ALA B 427 -43.92 -13.42 -34.10
CA ALA B 427 -44.32 -12.05 -33.84
C ALA B 427 -44.40 -11.83 -32.34
N THR B 428 -44.31 -10.57 -31.93
CA THR B 428 -44.58 -10.20 -30.55
C THR B 428 -46.08 -10.28 -30.26
N MET B 429 -46.45 -11.14 -29.33
CA MET B 429 -47.86 -11.41 -29.06
C MET B 429 -48.54 -10.19 -28.48
N GLY B 443 -42.06 -3.93 -27.86
CA GLY B 443 -41.29 -5.16 -27.84
C GLY B 443 -42.00 -6.31 -27.18
N GLY B 444 -43.23 -6.08 -26.74
CA GLY B 444 -44.01 -7.09 -26.07
C GLY B 444 -43.48 -7.50 -24.71
N THR B 445 -44.22 -8.35 -24.01
CA THR B 445 -43.75 -8.89 -22.74
C THR B 445 -42.59 -9.84 -22.94
N MET B 446 -41.48 -9.58 -22.25
CA MET B 446 -40.45 -10.59 -22.05
C MET B 446 -40.94 -11.58 -20.98
N ARG B 447 -41.17 -12.81 -21.40
CA ARG B 447 -41.43 -13.90 -20.46
C ARG B 447 -40.13 -14.36 -19.81
N LEU B 448 -40.10 -14.40 -18.48
CA LEU B 448 -38.89 -14.74 -17.74
C LEU B 448 -39.22 -15.72 -16.62
N GLY B 449 -38.38 -16.73 -16.48
CA GLY B 449 -38.54 -17.73 -15.45
C GLY B 449 -39.53 -18.82 -15.81
N SER B 450 -39.99 -19.51 -14.77
CA SER B 450 -40.85 -20.67 -14.94
C SER B 450 -42.27 -20.28 -15.37
N TYR B 451 -42.80 -21.03 -16.33
CA TYR B 451 -44.22 -21.00 -16.67
C TYR B 451 -44.70 -22.43 -16.89
N PRO B 452 -45.96 -22.73 -16.54
CA PRO B 452 -46.51 -24.06 -16.80
C PRO B 452 -46.98 -24.26 -18.23
N ALA B 453 -47.00 -25.53 -18.65
CA ALA B 453 -47.52 -25.90 -19.96
C ALA B 453 -48.21 -27.26 -19.86
N VAL B 454 -49.17 -27.49 -20.76
CA VAL B 454 -49.92 -28.74 -20.86
C VAL B 454 -49.60 -29.40 -22.19
N LEU B 455 -49.47 -30.74 -22.17
CA LEU B 455 -48.95 -31.47 -23.32
C LEU B 455 -50.00 -32.41 -23.90
N GLU B 456 -49.96 -32.56 -25.22
CA GLU B 456 -50.83 -33.48 -25.93
C GLU B 456 -50.55 -34.92 -25.49
N PRO B 457 -51.56 -35.69 -25.10
CA PRO B 457 -51.33 -37.12 -24.80
C PRO B 457 -50.82 -37.90 -26.00
N ASP B 458 -49.80 -38.73 -25.74
CA ASP B 458 -49.06 -39.49 -26.75
C ASP B 458 -48.43 -38.61 -27.84
N SER B 459 -48.26 -37.32 -27.59
CA SER B 459 -47.22 -36.57 -28.27
C SER B 459 -45.86 -37.23 -28.04
N VAL B 460 -44.93 -36.99 -28.96
CA VAL B 460 -43.53 -37.35 -28.72
C VAL B 460 -42.98 -36.63 -27.49
N VAL B 461 -43.44 -35.42 -27.21
CA VAL B 461 -43.02 -34.74 -25.99
C VAL B 461 -43.56 -35.46 -24.76
N ALA B 462 -44.84 -35.82 -24.77
CA ALA B 462 -45.40 -36.53 -23.63
C ALA B 462 -44.75 -37.90 -23.44
N GLN B 463 -44.34 -38.55 -24.53
CA GLN B 463 -43.59 -39.80 -24.39
C GLN B 463 -42.20 -39.57 -23.82
N ALA B 464 -41.60 -38.42 -24.11
CA ALA B 464 -40.34 -38.08 -23.45
C ALA B 464 -40.53 -37.81 -21.96
N TYR B 465 -41.41 -36.86 -21.61
CA TYR B 465 -41.54 -36.46 -20.21
C TYR B 465 -42.24 -37.51 -19.36
N GLN B 466 -43.06 -38.36 -19.98
CA GLN B 466 -43.94 -39.28 -19.24
C GLN B 466 -44.85 -38.52 -18.27
N THR B 467 -45.32 -37.36 -18.69
CA THR B 467 -46.34 -36.61 -17.98
C THR B 467 -47.05 -35.72 -18.98
N THR B 468 -48.29 -35.36 -18.65
CA THR B 468 -49.02 -34.36 -19.42
C THR B 468 -48.83 -32.92 -18.92
N GLN B 469 -48.22 -32.72 -17.75
CA GLN B 469 -47.99 -31.37 -17.25
C GLN B 469 -46.54 -31.17 -16.87
N VAL B 470 -45.98 -30.03 -17.31
CA VAL B 470 -44.57 -29.71 -17.15
C VAL B 470 -44.46 -28.23 -16.87
N SER B 471 -43.28 -27.81 -16.42
CA SER B 471 -42.88 -26.42 -16.41
C SER B 471 -41.44 -26.28 -16.89
N GLU B 472 -41.15 -25.13 -17.49
CA GLU B 472 -39.84 -24.86 -18.06
C GLU B 472 -39.52 -23.38 -17.81
N ARG B 473 -38.24 -23.03 -17.94
CA ARG B 473 -37.78 -21.66 -17.74
C ARG B 473 -37.69 -20.93 -19.07
N HIS B 474 -38.23 -19.72 -19.11
CA HIS B 474 -38.35 -18.95 -20.34
C HIS B 474 -37.51 -17.67 -20.29
N ARG B 475 -37.09 -17.23 -21.48
CA ARG B 475 -36.42 -15.95 -21.66
C ARG B 475 -36.57 -15.50 -23.10
N HIS B 476 -37.76 -15.03 -23.47
CA HIS B 476 -38.04 -14.65 -24.84
C HIS B 476 -39.23 -13.70 -24.87
N ARG B 477 -39.37 -12.99 -25.98
CA ARG B 477 -40.47 -12.04 -26.16
C ARG B 477 -41.24 -12.18 -27.47
N TYR B 478 -40.76 -12.92 -28.45
CA TYR B 478 -41.55 -13.28 -29.61
C TYR B 478 -42.25 -14.64 -29.44
N GLU B 479 -43.32 -14.82 -30.21
CA GLU B 479 -44.19 -15.99 -30.12
C GLU B 479 -44.58 -16.47 -31.51
N VAL B 480 -45.05 -17.72 -31.57
CA VAL B 480 -45.73 -18.23 -32.76
C VAL B 480 -47.02 -17.44 -32.99
N ASN B 481 -47.18 -16.93 -34.20
CA ASN B 481 -48.39 -16.19 -34.57
C ASN B 481 -49.56 -17.16 -34.71
N ASN B 482 -50.55 -17.02 -33.82
CA ASN B 482 -51.69 -17.93 -33.83
C ASN B 482 -52.50 -17.88 -35.12
N ALA B 483 -52.35 -16.82 -35.91
CA ALA B 483 -53.02 -16.73 -37.21
C ALA B 483 -52.54 -17.77 -38.20
N TYR B 484 -51.37 -18.37 -38.01
CA TYR B 484 -50.82 -19.33 -38.96
C TYR B 484 -50.85 -20.77 -38.50
N ARG B 485 -51.43 -21.06 -37.32
CA ARG B 485 -51.43 -22.44 -36.83
C ARG B 485 -52.00 -23.41 -37.86
N ASP B 486 -53.20 -23.12 -38.37
CA ASP B 486 -53.85 -24.00 -39.34
C ASP B 486 -53.04 -24.12 -40.62
N LYS B 487 -52.46 -23.03 -41.09
CA LYS B 487 -51.66 -23.08 -42.31
C LYS B 487 -50.46 -24.00 -42.13
N ILE B 488 -49.73 -23.85 -41.03
CA ILE B 488 -48.47 -24.56 -40.90
C ILE B 488 -48.66 -25.97 -40.37
N ALA B 489 -49.80 -26.25 -39.72
CA ALA B 489 -50.17 -27.64 -39.47
C ALA B 489 -50.20 -28.46 -40.75
N GLU B 490 -50.47 -27.84 -41.90
CA GLU B 490 -50.39 -28.58 -43.16
C GLU B 490 -48.96 -28.97 -43.52
N SER B 491 -47.95 -28.42 -42.86
CA SER B 491 -46.60 -28.97 -42.97
C SER B 491 -46.55 -30.38 -42.39
N GLY B 492 -47.46 -30.70 -41.48
CA GLY B 492 -47.45 -31.91 -40.70
C GLY B 492 -47.20 -31.64 -39.24
N LEU B 493 -46.69 -30.45 -38.92
CA LEU B 493 -46.29 -30.09 -37.58
C LEU B 493 -47.48 -30.08 -36.63
N ARG B 494 -47.29 -30.65 -35.44
CA ARG B 494 -48.29 -30.59 -34.39
C ARG B 494 -47.88 -29.60 -33.31
N PHE B 495 -48.85 -28.84 -32.81
CA PHE B 495 -48.66 -27.98 -31.64
C PHE B 495 -48.93 -28.78 -30.37
N SER B 496 -48.04 -29.74 -30.11
CA SER B 496 -48.24 -30.74 -29.08
C SER B 496 -48.07 -30.22 -27.66
N GLY B 497 -47.88 -28.91 -27.45
CA GLY B 497 -48.00 -28.37 -26.11
C GLY B 497 -48.21 -26.88 -26.13
N THR B 498 -48.96 -26.40 -25.14
CA THR B 498 -49.40 -25.01 -25.09
C THR B 498 -49.40 -24.55 -23.63
N SER B 499 -49.59 -23.26 -23.43
CA SER B 499 -50.06 -22.75 -22.15
C SER B 499 -51.34 -23.47 -21.72
N PRO B 500 -51.64 -23.50 -20.42
CA PRO B 500 -52.86 -24.18 -19.98
C PRO B 500 -54.14 -23.59 -20.58
N ASP B 501 -54.13 -22.31 -20.94
CA ASP B 501 -55.23 -21.71 -21.68
C ASP B 501 -55.15 -21.96 -23.18
N GLY B 502 -54.07 -22.57 -23.67
CA GLY B 502 -53.88 -22.79 -25.09
C GLY B 502 -53.41 -21.57 -25.86
N HIS B 503 -53.31 -20.41 -25.21
CA HIS B 503 -53.03 -19.17 -25.94
C HIS B 503 -51.64 -19.18 -26.55
N LEU B 504 -50.66 -19.81 -25.89
CA LEU B 504 -49.28 -19.83 -26.34
C LEU B 504 -48.84 -21.22 -26.74
N VAL B 505 -48.23 -21.34 -27.92
CA VAL B 505 -47.52 -22.54 -28.33
C VAL B 505 -46.24 -22.69 -27.51
N GLU B 506 -46.10 -23.83 -26.83
CA GLU B 506 -44.91 -24.14 -26.04
C GLU B 506 -44.03 -25.23 -26.64
N PHE B 507 -44.61 -26.18 -27.38
CA PHE B 507 -43.86 -27.27 -28.02
C PHE B 507 -44.41 -27.56 -29.40
N VAL B 508 -43.52 -27.91 -30.33
CA VAL B 508 -43.90 -28.32 -31.68
C VAL B 508 -43.15 -29.61 -32.01
N GLU B 509 -43.81 -30.48 -32.78
CA GLU B 509 -43.19 -31.74 -33.19
C GLU B 509 -43.77 -32.17 -34.54
N TYR B 510 -42.94 -32.94 -35.33
CA TYR B 510 -43.50 -33.76 -36.40
C TYR B 510 -43.93 -35.13 -35.86
N PRO B 511 -44.96 -35.73 -36.46
CA PRO B 511 -45.33 -37.08 -36.05
C PRO B 511 -44.22 -38.07 -36.35
N PRO B 512 -44.12 -39.14 -35.56
CA PRO B 512 -42.99 -40.07 -35.70
C PRO B 512 -42.83 -40.67 -37.08
N ASP B 513 -43.92 -40.83 -37.82
CA ASP B 513 -43.84 -41.33 -39.19
C ASP B 513 -43.40 -40.28 -40.20
N ARG B 514 -43.48 -39.00 -39.86
CA ARG B 514 -42.91 -37.98 -40.72
C ARG B 514 -41.41 -37.86 -40.49
N HIS B 515 -41.00 -37.68 -39.24
CA HIS B 515 -39.60 -37.82 -38.85
C HIS B 515 -39.56 -38.47 -37.48
N PRO B 516 -38.58 -39.34 -37.23
CA PRO B 516 -38.56 -40.06 -35.94
C PRO B 516 -38.49 -39.17 -34.71
N PHE B 517 -37.69 -38.12 -34.72
CA PHE B 517 -37.67 -37.16 -33.63
C PHE B 517 -37.26 -35.81 -34.19
N VAL B 518 -38.22 -34.89 -34.29
CA VAL B 518 -37.96 -33.48 -34.56
C VAL B 518 -38.84 -32.67 -33.62
N VAL B 519 -38.23 -32.05 -32.62
CA VAL B 519 -38.96 -31.38 -31.54
C VAL B 519 -38.39 -29.99 -31.32
N GLY B 520 -39.27 -29.02 -31.09
CA GLY B 520 -38.88 -27.69 -30.64
C GLY B 520 -39.55 -27.35 -29.33
N THR B 521 -38.90 -26.48 -28.55
CA THR B 521 -39.54 -25.86 -27.41
C THR B 521 -39.14 -24.40 -27.30
N GLN B 522 -40.06 -23.58 -26.79
CA GLN B 522 -39.78 -22.17 -26.52
C GLN B 522 -38.91 -21.95 -25.30
N ALA B 523 -38.79 -22.93 -24.42
CA ALA B 523 -38.04 -22.80 -23.18
C ALA B 523 -36.56 -23.15 -23.36
N HIS B 524 -35.81 -23.05 -22.27
CA HIS B 524 -34.41 -23.44 -22.19
C HIS B 524 -34.22 -24.65 -21.28
N PRO B 525 -34.56 -25.86 -21.74
CA PRO B 525 -34.48 -27.03 -20.86
C PRO B 525 -33.08 -27.36 -20.34
N GLU B 526 -32.02 -26.91 -21.00
CA GLU B 526 -30.67 -27.07 -20.46
C GLU B 526 -30.49 -26.45 -19.08
N LEU B 527 -31.31 -25.48 -18.70
CA LEU B 527 -31.19 -24.87 -17.37
C LEU B 527 -31.67 -25.79 -16.26
N LYS B 528 -32.64 -26.65 -16.52
CA LYS B 528 -33.14 -27.58 -15.52
C LYS B 528 -32.40 -28.92 -15.51
N SER B 529 -31.49 -29.14 -16.45
CA SER B 529 -30.68 -30.35 -16.46
C SER B 529 -29.64 -30.36 -15.34
N ARG B 530 -29.29 -31.56 -14.89
CA ARG B 530 -28.19 -31.81 -13.96
C ARG B 530 -27.46 -33.09 -14.34
N PRO B 531 -26.17 -33.20 -14.00
CA PRO B 531 -25.40 -34.39 -14.43
C PRO B 531 -25.92 -35.69 -13.87
N THR B 532 -26.41 -35.68 -12.64
CA THR B 532 -27.00 -36.85 -12.02
C THR B 532 -28.50 -36.95 -12.23
N ARG B 533 -29.08 -36.03 -13.00
CA ARG B 533 -30.52 -36.04 -13.28
C ARG B 533 -30.74 -35.41 -14.65
N PRO B 534 -30.49 -36.17 -15.71
CA PRO B 534 -30.60 -35.59 -17.06
C PRO B 534 -32.02 -35.20 -17.38
N HIS B 535 -32.16 -34.17 -18.20
CA HIS B 535 -33.48 -33.71 -18.56
C HIS B 535 -34.08 -34.62 -19.64
N PRO B 536 -35.36 -35.00 -19.51
CA PRO B 536 -36.03 -35.86 -20.51
C PRO B 536 -35.86 -35.58 -22.00
N LEU B 537 -35.85 -34.33 -22.42
CA LEU B 537 -35.75 -34.04 -23.86
C LEU B 537 -34.37 -34.35 -24.41
N PHE B 538 -33.32 -34.12 -23.63
CA PHE B 538 -31.99 -34.52 -24.06
C PHE B 538 -31.76 -36.04 -24.00
N VAL B 539 -32.36 -36.72 -23.03
CA VAL B 539 -32.33 -38.19 -23.05
C VAL B 539 -33.03 -38.74 -24.29
N ALA B 540 -34.17 -38.14 -24.66
CA ALA B 540 -34.89 -38.54 -25.86
C ALA B 540 -34.11 -38.25 -27.13
N PHE B 541 -33.59 -37.03 -27.26
CA PHE B 541 -32.83 -36.65 -28.44
C PHE B 541 -31.56 -37.49 -28.62
N VAL B 542 -30.81 -37.73 -27.54
CA VAL B 542 -29.61 -38.57 -27.67
C VAL B 542 -30.00 -40.02 -27.95
N GLY B 543 -31.11 -40.50 -27.41
CA GLY B 543 -31.67 -41.77 -27.88
C GLY B 543 -31.89 -41.81 -29.39
N ALA B 544 -32.61 -40.82 -29.91
CA ALA B 544 -32.84 -40.75 -31.36
C ALA B 544 -31.54 -40.72 -32.16
N ALA B 545 -30.55 -39.96 -31.70
CA ALA B 545 -29.26 -39.95 -32.38
C ALA B 545 -28.56 -41.32 -32.34
N ILE B 546 -28.62 -42.01 -31.22
CA ILE B 546 -28.09 -43.38 -31.15
C ILE B 546 -28.80 -44.29 -32.13
N ASP B 547 -30.13 -44.19 -32.21
CA ASP B 547 -30.90 -45.05 -33.10
C ASP B 547 -30.62 -44.75 -34.57
N TYR B 548 -30.46 -43.47 -34.92
CA TYR B 548 -30.01 -43.13 -36.27
C TYR B 548 -28.63 -43.71 -36.57
N LYS B 549 -27.65 -43.47 -35.71
CA LYS B 549 -26.32 -44.03 -35.93
C LYS B 549 -26.38 -45.54 -36.10
N ALA B 550 -27.10 -46.23 -35.22
CA ALA B 550 -27.16 -47.69 -35.28
C ALA B 550 -27.86 -48.18 -36.53
N GLY B 551 -28.88 -47.46 -36.99
CA GLY B 551 -29.60 -47.92 -38.16
C GLY B 551 -28.94 -47.45 -39.43
N GLU B 552 -28.24 -46.32 -39.34
CA GLU B 552 -27.68 -45.68 -40.51
C GLU B 552 -26.64 -46.57 -41.18
N PRO C 5 0.21 -18.41 41.75
CA PRO C 5 1.58 -18.26 41.23
C PRO C 5 1.69 -17.24 40.11
N GLN C 6 2.92 -16.93 39.72
CA GLN C 6 3.15 -15.96 38.65
C GLN C 6 2.61 -16.47 37.31
N THR C 7 1.98 -15.56 36.57
CA THR C 7 1.57 -15.81 35.20
C THR C 7 2.79 -15.92 34.28
N ALA C 8 2.54 -16.25 33.02
CA ALA C 8 3.48 -15.92 31.95
C ALA C 8 3.70 -14.41 31.88
N THR C 9 4.90 -14.02 31.48
CA THR C 9 5.23 -12.61 31.37
C THR C 9 4.48 -11.97 30.20
N LYS C 10 3.80 -10.86 30.47
CA LYS C 10 3.03 -10.15 29.46
C LYS C 10 3.93 -9.17 28.70
N HIS C 11 3.58 -8.94 27.44
CA HIS C 11 4.27 -7.96 26.59
C HIS C 11 3.33 -6.84 26.16
N LEU C 12 3.70 -5.60 26.47
CA LEU C 12 2.97 -4.40 26.06
C LEU C 12 3.79 -3.60 25.06
N PHE C 13 3.27 -3.46 23.83
CA PHE C 13 3.94 -2.70 22.75
C PHE C 13 3.31 -1.31 22.57
N VAL C 14 3.95 -0.29 23.11
CA VAL C 14 3.62 1.12 22.82
C VAL C 14 4.17 1.57 21.47
N SER C 15 3.27 1.85 20.52
CA SER C 15 3.62 2.37 19.19
C SER C 15 3.19 3.84 19.08
N GLY C 16 3.64 4.49 18.02
CA GLY C 16 3.38 5.91 17.82
C GLY C 16 2.92 6.25 16.42
N GLY C 17 1.99 7.20 16.34
CA GLY C 17 1.44 7.62 15.06
C GLY C 17 1.37 9.12 14.90
N VAL C 18 1.24 9.51 13.63
CA VAL C 18 1.13 10.89 13.14
C VAL C 18 2.45 11.67 13.26
N ALA C 19 3.02 11.77 14.45
CA ALA C 19 4.28 12.47 14.60
C ALA C 19 5.04 11.94 15.80
N SER C 20 6.35 12.16 15.80
CA SER C 20 7.15 12.09 17.02
C SER C 20 6.88 13.31 17.93
N SER C 21 7.50 13.28 19.11
CA SER C 21 7.40 14.31 20.15
C SER C 21 6.04 14.37 20.83
N LEU C 22 5.20 13.36 20.68
CA LEU C 22 3.92 13.32 21.39
C LEU C 22 4.05 12.95 22.85
N GLY C 23 5.26 12.74 23.37
CA GLY C 23 5.41 12.33 24.76
C GLY C 23 5.19 10.86 25.01
N LYS C 24 5.40 10.04 23.98
CA LYS C 24 5.18 8.61 24.03
C LYS C 24 6.04 7.90 25.08
N GLY C 25 7.29 8.28 25.21
CA GLY C 25 8.13 7.75 26.27
C GLY C 25 7.69 8.10 27.68
N LEU C 26 7.23 9.33 27.89
CA LEU C 26 6.67 9.69 29.19
C LEU C 26 5.34 9.00 29.46
N THR C 27 4.54 8.75 28.43
CA THR C 27 3.33 7.97 28.61
C THR C 27 3.64 6.54 29.03
N ALA C 28 4.56 5.88 28.32
CA ALA C 28 4.98 4.53 28.71
C ALA C 28 5.57 4.49 30.11
N SER C 29 6.39 5.50 30.47
CA SER C 29 6.93 5.58 31.83
C SER C 29 5.84 5.71 32.88
N SER C 30 4.84 6.56 32.63
CA SER C 30 3.75 6.76 33.58
C SER C 30 2.92 5.51 33.75
N LEU C 31 2.66 4.79 32.67
CA LEU C 31 2.01 3.49 32.78
C LEU C 31 2.85 2.48 33.55
N GLY C 32 4.17 2.47 33.32
CA GLY C 32 5.05 1.67 34.16
C GLY C 32 4.95 1.98 35.65
N GLN C 33 4.94 3.26 35.99
CA GLN C 33 4.72 3.65 37.40
C GLN C 33 3.37 3.18 37.94
N LEU C 34 2.31 3.31 37.15
CA LEU C 34 1.00 2.86 37.61
C LEU C 34 0.96 1.37 37.85
N LEU C 35 1.51 0.58 36.93
CA LEU C 35 1.56 -0.87 37.12
C LEU C 35 2.46 -1.27 38.28
N THR C 36 3.55 -0.53 38.51
CA THR C 36 4.41 -0.77 39.67
C THR C 36 3.73 -0.46 40.99
N ALA C 37 2.98 0.64 41.06
CA ALA C 37 2.26 0.99 42.28
C ALA C 37 1.12 0.03 42.61
N ARG C 38 0.64 -0.75 41.64
CA ARG C 38 -0.21 -1.91 41.94
C ARG C 38 0.56 -3.10 42.46
N GLY C 39 1.89 -3.09 42.41
CA GLY C 39 2.71 -4.17 42.93
C GLY C 39 3.25 -5.16 41.91
N LEU C 40 3.20 -4.84 40.62
CA LEU C 40 3.77 -5.70 39.58
C LEU C 40 5.23 -5.35 39.33
N HIS C 41 6.01 -6.36 38.97
CA HIS C 41 7.41 -6.21 38.56
C HIS C 41 7.49 -5.85 37.07
N VAL C 42 7.29 -4.57 36.78
CA VAL C 42 7.45 -4.01 35.44
C VAL C 42 8.93 -3.90 35.03
N THR C 43 9.21 -4.08 33.74
CA THR C 43 10.49 -3.71 33.16
C THR C 43 10.24 -3.13 31.77
N MET C 44 11.16 -2.30 31.29
CA MET C 44 10.95 -1.53 30.06
C MET C 44 12.13 -1.65 29.11
N GLN C 45 11.86 -1.45 27.82
CA GLN C 45 12.85 -1.52 26.74
C GLN C 45 12.46 -0.53 25.64
N LYS C 46 13.45 0.01 24.93
CA LYS C 46 13.20 0.80 23.73
C LYS C 46 13.88 0.21 22.50
N LEU C 47 13.17 0.24 21.37
CA LEU C 47 13.72 -0.08 20.06
C LEU C 47 13.91 1.20 19.26
N ASP C 48 15.14 1.47 18.80
CA ASP C 48 15.42 2.66 18.01
C ASP C 48 15.62 2.33 16.53
N PRO C 49 14.77 2.85 15.64
CA PRO C 49 14.88 2.52 14.21
C PRO C 49 16.11 3.07 13.49
N TYR C 50 16.96 3.87 14.12
CA TYR C 50 18.13 4.41 13.43
C TYR C 50 19.33 3.45 13.45
N LEU C 51 20.25 3.68 12.51
CA LEU C 51 21.38 2.81 12.21
C LEU C 51 22.63 3.07 13.04
N ASN C 52 22.73 4.17 13.76
CA ASN C 52 23.84 4.34 14.69
C ASN C 52 23.87 3.22 15.71
N VAL C 53 25.04 2.63 15.92
CA VAL C 53 25.11 1.48 16.82
C VAL C 53 24.87 1.93 18.26
N ASP C 54 25.24 3.16 18.58
CA ASP C 54 24.86 3.80 19.84
C ASP C 54 24.95 5.30 19.63
N PRO C 55 24.31 6.10 20.49
CA PRO C 55 24.33 7.55 20.30
C PRO C 55 25.66 8.22 20.60
N GLY C 56 26.69 7.49 21.01
CA GLY C 56 27.96 8.11 21.31
C GLY C 56 28.63 8.81 20.14
N THR C 57 28.10 8.67 18.92
CA THR C 57 28.59 9.39 17.76
C THR C 57 27.78 10.62 17.42
N MET C 58 26.60 10.77 18.00
CA MET C 58 25.69 11.86 17.68
C MET C 58 25.96 13.05 18.57
N ASN C 59 25.68 14.23 18.04
CA ASN C 59 25.83 15.46 18.81
C ASN C 59 24.66 15.60 19.79
N PRO C 60 24.94 15.81 21.08
CA PRO C 60 23.85 15.87 22.05
C PRO C 60 23.04 17.16 21.99
N PHE C 61 23.61 18.24 21.49
CA PHE C 61 22.85 19.47 21.35
C PHE C 61 21.82 19.37 20.24
N GLN C 62 22.07 18.53 19.24
CA GLN C 62 21.10 18.29 18.19
C GLN C 62 20.16 17.14 18.51
N HIS C 63 20.62 16.12 19.25
CA HIS C 63 19.85 14.89 19.43
C HIS C 63 19.63 14.48 20.89
N GLY C 64 19.99 15.32 21.84
CA GLY C 64 19.84 15.03 23.25
C GLY C 64 20.96 14.20 23.86
N GLU C 65 20.99 14.24 25.20
CA GLU C 65 22.02 13.57 26.00
C GLU C 65 22.15 12.08 25.73
N VAL C 66 23.37 11.59 25.87
CA VAL C 66 23.65 10.16 26.00
C VAL C 66 23.42 9.74 27.45
N PHE C 67 22.55 8.76 27.67
CA PHE C 67 22.37 8.15 28.96
C PHE C 67 23.40 7.03 29.14
N VAL C 68 23.77 6.75 30.38
CA VAL C 68 24.73 5.68 30.70
C VAL C 68 24.16 4.78 31.78
N THR C 69 24.18 3.47 31.53
CA THR C 69 23.72 2.45 32.46
C THR C 69 24.85 2.01 33.38
N GLU C 70 24.49 1.24 34.41
CA GLU C 70 25.46 0.75 35.38
C GLU C 70 26.54 -0.08 34.70
N ASP C 71 26.15 -0.95 33.78
CA ASP C 71 27.08 -1.75 32.99
C ASP C 71 27.80 -0.97 31.91
N GLY C 72 27.56 0.33 31.79
CA GLY C 72 28.36 1.16 30.92
C GLY C 72 27.89 1.27 29.49
N ALA C 73 26.75 0.69 29.13
CA ALA C 73 26.23 0.93 27.79
C ALA C 73 25.79 2.38 27.65
N GLU C 74 25.86 2.87 26.42
CA GLU C 74 25.40 4.21 26.07
C GLU C 74 24.06 4.11 25.35
N THR C 75 23.07 4.86 25.81
CA THR C 75 21.70 4.65 25.36
C THR C 75 20.97 5.97 25.14
N ASP C 76 19.85 5.88 24.44
CA ASP C 76 18.88 6.96 24.30
C ASP C 76 18.38 7.42 25.67
N LEU C 77 17.97 8.69 25.74
CA LEU C 77 17.55 9.30 27.01
C LEU C 77 16.21 8.77 27.51
N ASP C 78 15.43 8.09 26.67
CA ASP C 78 14.20 7.47 27.17
C ASP C 78 14.50 6.41 28.21
N VAL C 79 15.66 5.77 28.14
CA VAL C 79 16.09 4.88 29.21
C VAL C 79 16.22 5.66 30.51
N GLY C 80 16.61 6.93 30.42
CA GLY C 80 16.60 7.79 31.60
C GLY C 80 15.22 8.09 32.14
N HIS C 81 14.26 8.36 31.26
CA HIS C 81 12.88 8.49 31.74
C HIS C 81 12.37 7.21 32.40
N TYR C 82 12.68 6.05 31.83
CA TYR C 82 12.29 4.78 32.45
C TYR C 82 12.91 4.59 33.82
N GLU C 83 14.22 4.79 33.94
CA GLU C 83 14.88 4.70 35.24
C GLU C 83 14.31 5.68 36.26
N ARG C 84 14.01 6.90 35.85
CA ARG C 84 13.44 7.88 36.79
C ARG C 84 12.03 7.52 37.24
N PHE C 85 11.16 7.06 36.33
CA PHE C 85 9.81 6.73 36.77
C PHE C 85 9.68 5.37 37.43
N LEU C 86 10.58 4.43 37.13
CA LEU C 86 10.57 3.13 37.79
C LEU C 86 11.38 3.10 39.07
N ASP C 87 12.39 3.95 39.19
CA ASP C 87 13.43 3.84 40.21
C ASP C 87 14.08 2.46 40.20
N ARG C 88 14.52 2.04 39.02
CA ARG C 88 15.11 0.72 38.79
C ARG C 88 16.31 0.90 37.86
N ASN C 89 17.38 0.15 38.10
CA ASN C 89 18.48 0.09 37.14
C ASN C 89 18.13 -0.81 35.97
N LEU C 90 18.38 -0.33 34.74
CA LEU C 90 18.08 -1.08 33.53
C LEU C 90 19.35 -1.54 32.83
N PRO C 91 19.35 -2.74 32.25
CA PRO C 91 20.54 -3.21 31.53
C PRO C 91 20.73 -2.50 30.20
N GLY C 92 21.94 -2.65 29.65
CA GLY C 92 22.21 -2.16 28.31
C GLY C 92 21.31 -2.78 27.26
N SER C 93 20.83 -3.99 27.51
CA SER C 93 19.84 -4.64 26.65
C SER C 93 18.62 -3.79 26.37
N ALA C 94 18.28 -2.87 27.28
CA ALA C 94 17.07 -2.07 27.18
C ALA C 94 17.05 -1.09 26.02
N ASN C 95 18.13 -0.93 25.25
CA ASN C 95 18.08 -0.12 24.03
C ASN C 95 18.63 -0.95 22.87
N VAL C 96 17.73 -1.55 22.09
CA VAL C 96 18.05 -2.09 20.77
C VAL C 96 18.11 -0.96 19.74
N THR C 97 18.91 -1.16 18.69
CA THR C 97 18.83 -0.33 17.49
C THR C 97 18.99 -1.19 16.25
N THR C 98 18.57 -0.65 15.10
CA THR C 98 18.83 -1.30 13.82
C THR C 98 20.30 -1.49 13.52
N GLY C 99 21.11 -0.46 13.83
CA GLY C 99 22.54 -0.55 13.68
C GLY C 99 23.17 -1.75 14.34
N GLN C 100 22.73 -2.06 15.55
CA GLN C 100 23.19 -3.24 16.27
C GLN C 100 22.64 -4.54 15.69
N VAL C 101 21.36 -4.57 15.31
CA VAL C 101 20.76 -5.83 14.83
C VAL C 101 21.40 -6.26 13.52
N TYR C 102 21.60 -5.33 12.59
CA TYR C 102 22.27 -5.63 11.34
C TYR C 102 23.72 -6.07 11.54
N SER C 103 24.49 -5.29 12.28
CA SER C 103 25.86 -5.67 12.56
C SER C 103 25.98 -7.06 13.20
N THR C 104 25.07 -7.40 14.12
CA THR C 104 25.05 -8.74 14.71
C THR C 104 24.76 -9.84 13.69
N VAL C 105 23.75 -9.64 12.84
CA VAL C 105 23.41 -10.67 11.85
C VAL C 105 24.50 -10.81 10.79
N ILE C 106 25.08 -9.70 10.35
CA ILE C 106 26.16 -9.77 9.37
C ILE C 106 27.38 -10.47 9.95
N ALA C 107 27.71 -10.20 11.21
CA ALA C 107 28.81 -10.92 11.86
C ALA C 107 28.54 -12.42 11.99
N LYS C 108 27.32 -12.82 12.36
CA LYS C 108 26.98 -14.25 12.34
C LYS C 108 27.08 -14.86 10.94
N GLU C 109 26.71 -14.12 9.92
CA GLU C 109 26.86 -14.60 8.55
C GLU C 109 28.32 -14.82 8.16
N ARG C 110 29.19 -13.85 8.44
CA ARG C 110 30.60 -14.01 8.10
C ARG C 110 31.24 -15.21 8.79
N ARG C 111 30.77 -15.59 9.97
CA ARG C 111 31.24 -16.80 10.65
C ARG C 111 30.57 -18.09 10.19
N GLY C 112 29.67 -18.05 9.22
CA GLY C 112 29.04 -19.26 8.72
C GLY C 112 27.99 -19.87 9.62
N GLU C 113 27.47 -19.12 10.59
CA GLU C 113 26.53 -19.68 11.56
C GLU C 113 25.14 -19.95 10.97
N TYR C 114 24.83 -19.47 9.78
CA TYR C 114 23.57 -19.81 9.11
C TYR C 114 23.69 -20.97 8.14
N LEU C 115 24.81 -21.69 8.16
CA LEU C 115 24.94 -23.01 7.55
C LEU C 115 24.62 -23.01 6.05
N GLY C 116 25.00 -21.95 5.35
CA GLY C 116 24.87 -21.89 3.91
C GLY C 116 23.60 -21.32 3.34
N ASP C 117 22.64 -20.89 4.17
CA ASP C 117 21.47 -20.22 3.63
C ASP C 117 21.82 -18.83 3.11
N THR C 118 20.98 -18.34 2.19
CA THR C 118 20.81 -16.91 2.01
C THR C 118 20.23 -16.28 3.27
N VAL C 119 20.81 -15.15 3.68
CA VAL C 119 20.33 -14.37 4.83
C VAL C 119 19.42 -13.25 4.34
N GLN C 120 18.29 -13.07 5.01
CA GLN C 120 17.19 -12.26 4.54
C GLN C 120 16.66 -11.43 5.70
N VAL C 121 15.95 -10.34 5.37
CA VAL C 121 15.29 -9.53 6.39
C VAL C 121 14.30 -10.35 7.19
N ILE C 122 13.45 -11.11 6.51
CA ILE C 122 12.66 -12.16 7.13
C ILE C 122 13.13 -13.48 6.55
N PRO C 123 13.53 -14.45 7.39
CA PRO C 123 13.38 -14.43 8.84
C PRO C 123 14.51 -13.82 9.71
N HIS C 124 15.72 -13.61 9.20
CA HIS C 124 16.88 -13.47 10.09
C HIS C 124 16.93 -12.14 10.86
N ILE C 125 16.60 -11.00 10.22
CA ILE C 125 16.57 -9.75 10.97
C ILE C 125 15.42 -9.71 11.96
N THR C 126 14.26 -10.24 11.57
CA THR C 126 13.13 -10.23 12.49
C THR C 126 13.33 -11.23 13.62
N ASP C 127 14.02 -12.35 13.36
CA ASP C 127 14.38 -13.28 14.43
C ASP C 127 15.35 -12.66 15.42
N GLU C 128 16.32 -11.88 14.94
CA GLU C 128 17.20 -11.19 15.88
C GLU C 128 16.45 -10.16 16.72
N ILE C 129 15.54 -9.39 16.11
CA ILE C 129 14.72 -8.48 16.90
C ILE C 129 13.85 -9.22 17.91
N LYS C 130 13.14 -10.26 17.46
CA LYS C 130 12.28 -11.03 18.36
C LYS C 130 13.05 -11.69 19.50
N ARG C 131 14.26 -12.18 19.22
CA ARG C 131 15.14 -12.68 20.27
C ARG C 131 15.54 -11.61 21.28
N ARG C 132 15.92 -10.44 20.79
CA ARG C 132 16.24 -9.35 21.71
C ARG C 132 15.02 -8.86 22.50
N ILE C 133 13.81 -8.97 21.96
CA ILE C 133 12.61 -8.64 22.73
C ILE C 133 12.38 -9.66 23.84
N LEU C 134 12.28 -10.94 23.49
CA LEU C 134 11.96 -11.96 24.49
C LEU C 134 13.10 -12.18 25.48
N ALA C 135 14.32 -11.77 25.17
CA ALA C 135 15.38 -11.70 26.16
C ALA C 135 15.00 -10.89 27.40
N MET C 136 14.25 -9.80 27.25
CA MET C 136 13.89 -8.98 28.40
C MET C 136 13.04 -9.75 29.42
N ALA C 137 12.35 -10.80 29.00
CA ALA C 137 11.49 -11.58 29.88
C ALA C 137 12.26 -12.54 30.80
N GLN C 138 13.56 -12.69 30.62
CA GLN C 138 14.32 -13.69 31.35
C GLN C 138 14.52 -13.31 32.83
N PRO C 139 14.66 -14.31 33.71
CA PRO C 139 14.86 -14.03 35.13
C PRO C 139 16.08 -13.16 35.39
N ASP C 140 15.90 -12.19 36.28
CA ASP C 140 16.91 -11.18 36.56
C ASP C 140 18.07 -11.79 37.35
N ALA C 141 19.03 -10.92 37.70
CA ALA C 141 20.21 -11.35 38.43
C ALA C 141 19.89 -11.94 39.79
N ASP C 142 18.67 -11.74 40.29
CA ASP C 142 18.23 -12.37 41.53
C ASP C 142 17.21 -13.47 41.30
N GLY C 143 16.85 -13.75 40.05
CA GLY C 143 15.97 -14.83 39.71
C GLY C 143 14.51 -14.44 39.58
N ASN C 144 14.19 -13.15 39.63
CA ASN C 144 12.82 -12.68 39.53
C ASN C 144 12.48 -12.49 38.06
N ARG C 145 11.47 -13.21 37.60
CA ARG C 145 10.92 -12.95 36.27
C ARG C 145 9.99 -11.75 36.32
N PRO C 146 10.12 -10.79 35.40
CA PRO C 146 9.21 -9.65 35.37
C PRO C 146 7.79 -10.05 35.00
N ASP C 147 6.82 -9.30 35.55
CA ASP C 147 5.42 -9.53 35.22
C ASP C 147 5.05 -8.98 33.84
N VAL C 148 5.51 -7.76 33.52
CA VAL C 148 5.27 -7.13 32.23
C VAL C 148 6.59 -6.60 31.68
N VAL C 149 6.81 -6.80 30.38
CA VAL C 149 7.79 -6.05 29.61
C VAL C 149 7.05 -5.02 28.75
N ILE C 150 7.38 -3.74 28.93
CA ILE C 150 6.82 -2.65 28.14
C ILE C 150 7.85 -2.21 27.10
N THR C 151 7.81 -2.82 25.93
CA THR C 151 8.67 -2.39 24.82
C THR C 151 8.04 -1.21 24.08
N GLU C 152 8.74 -0.06 24.07
CA GLU C 152 8.35 1.09 23.28
C GLU C 152 9.02 1.07 21.91
N ILE C 153 8.22 1.11 20.86
CA ILE C 153 8.71 1.08 19.48
C ILE C 153 8.96 2.51 19.01
N GLY C 154 10.21 2.83 18.72
CA GLY C 154 10.54 4.15 18.23
C GLY C 154 10.04 4.41 16.82
N GLY C 155 10.08 5.67 16.45
CA GLY C 155 9.62 6.14 15.16
C GLY C 155 8.11 6.23 15.02
N THR C 156 7.69 6.44 13.78
CA THR C 156 6.29 6.60 13.41
C THR C 156 5.82 5.47 12.52
N VAL C 157 4.63 4.94 12.80
CA VAL C 157 4.04 3.93 11.94
C VAL C 157 3.96 4.43 10.51
N GLY C 158 4.67 3.76 9.61
CA GLY C 158 4.76 4.12 8.21
C GLY C 158 6.05 4.82 7.82
N ASP C 159 6.96 5.06 8.76
CA ASP C 159 8.38 5.14 8.45
C ASP C 159 8.91 3.82 7.93
N ILE C 160 9.79 3.90 6.92
CA ILE C 160 10.35 2.69 6.33
C ILE C 160 11.19 1.94 7.37
N GLU C 161 11.97 2.67 8.14
CA GLU C 161 12.89 2.09 9.13
C GLU C 161 12.20 1.37 10.27
N SER C 162 10.94 1.67 10.57
CA SER C 162 10.20 0.97 11.61
C SER C 162 9.67 -0.41 11.20
N GLN C 163 9.57 -0.73 9.91
CA GLN C 163 8.86 -1.91 9.43
C GLN C 163 9.40 -3.27 9.87
N PRO C 164 10.67 -3.41 10.26
CA PRO C 164 11.10 -4.68 10.87
C PRO C 164 10.70 -4.85 12.34
N PHE C 165 10.71 -3.77 13.12
CA PHE C 165 10.33 -3.89 14.52
C PHE C 165 8.84 -4.16 14.69
N LEU C 166 8.01 -3.53 13.87
CA LEU C 166 6.58 -3.81 13.88
C LEU C 166 6.28 -5.24 13.43
N GLU C 167 7.02 -5.75 12.44
CA GLU C 167 6.87 -7.14 12.03
C GLU C 167 7.29 -8.12 13.12
N ALA C 168 8.38 -7.84 13.82
CA ALA C 168 8.76 -8.67 14.96
C ALA C 168 7.71 -8.65 16.06
N ALA C 169 7.15 -7.48 16.36
CA ALA C 169 6.07 -7.41 17.35
C ALA C 169 4.82 -8.16 16.93
N ARG C 170 4.46 -8.08 15.64
CA ARG C 170 3.37 -8.91 15.12
C ARG C 170 3.64 -10.40 15.30
N GLN C 171 4.87 -10.84 15.03
CA GLN C 171 5.19 -12.25 15.26
C GLN C 171 5.16 -12.64 16.73
N VAL C 172 5.56 -11.75 17.64
CA VAL C 172 5.41 -12.03 19.06
C VAL C 172 3.94 -12.20 19.45
N ARG C 173 3.09 -11.32 18.91
CA ARG C 173 1.65 -11.46 19.10
C ARG C 173 1.10 -12.77 18.53
N HIS C 174 1.63 -13.22 17.40
CA HIS C 174 1.23 -14.51 16.84
C HIS C 174 1.71 -15.68 17.69
N TYR C 175 2.93 -15.62 18.20
CA TYR C 175 3.50 -16.71 18.98
C TYR C 175 2.85 -16.85 20.35
N LEU C 176 2.66 -15.76 21.09
CA LEU C 176 2.14 -15.86 22.44
C LEU C 176 0.62 -15.77 22.53
N GLY C 177 -0.04 -15.19 21.54
CA GLY C 177 -1.48 -15.01 21.56
C GLY C 177 -1.96 -13.85 22.41
N ARG C 178 -3.20 -13.43 22.11
CA ARG C 178 -3.77 -12.20 22.67
C ARG C 178 -3.83 -12.19 24.18
N GLU C 179 -3.88 -13.37 24.81
CA GLU C 179 -3.90 -13.40 26.27
C GLU C 179 -2.65 -12.81 26.90
N ASP C 180 -1.54 -12.78 26.16
CA ASP C 180 -0.26 -12.31 26.70
C ASP C 180 0.23 -10.98 26.15
N VAL C 181 -0.36 -10.46 25.07
CA VAL C 181 0.21 -9.34 24.33
C VAL C 181 -0.85 -8.26 24.15
N PHE C 182 -0.43 -7.01 24.33
CA PHE C 182 -1.28 -5.82 24.25
C PHE C 182 -0.58 -4.79 23.37
N PHE C 183 -1.34 -4.14 22.49
CA PHE C 183 -0.84 -3.02 21.69
C PHE C 183 -1.50 -1.70 22.09
N LEU C 184 -0.68 -0.74 22.53
CA LEU C 184 -1.11 0.62 22.83
C LEU C 184 -0.58 1.55 21.74
N HIS C 185 -1.48 2.27 21.07
CA HIS C 185 -1.10 3.21 20.01
C HIS C 185 -1.35 4.65 20.45
N VAL C 186 -0.32 5.49 20.35
CA VAL C 186 -0.38 6.92 20.69
C VAL C 186 -0.58 7.74 19.42
N SER C 187 -1.53 8.68 19.46
CA SER C 187 -1.91 9.45 18.28
C SER C 187 -2.22 10.89 18.66
N LEU C 188 -2.15 11.78 17.68
CA LEU C 188 -2.43 13.21 17.83
C LEU C 188 -3.83 13.58 17.35
N VAL C 189 -4.57 14.31 18.18
CA VAL C 189 -5.81 15.00 17.78
C VAL C 189 -5.55 16.50 17.63
N PRO C 190 -5.38 17.02 16.41
CA PRO C 190 -5.13 18.46 16.26
C PRO C 190 -6.38 19.32 16.39
N TYR C 191 -6.15 20.56 16.84
CA TYR C 191 -7.17 21.60 16.92
C TYR C 191 -6.93 22.64 15.83
N LEU C 192 -7.99 22.98 15.08
CA LEU C 192 -7.93 23.99 14.03
C LEU C 192 -8.68 25.23 14.47
N ALA C 193 -7.95 26.31 14.73
CA ALA C 193 -8.49 27.51 15.34
C ALA C 193 -9.47 28.30 14.46
N PRO C 194 -9.22 28.43 13.15
CA PRO C 194 -10.15 29.23 12.34
C PRO C 194 -11.56 28.69 12.30
N SER C 195 -11.75 27.37 12.45
CA SER C 195 -13.07 26.77 12.45
C SER C 195 -13.41 26.08 13.76
N GLY C 196 -12.52 26.09 14.75
CA GLY C 196 -12.86 25.74 16.10
C GLY C 196 -13.23 24.29 16.37
N GLU C 197 -12.46 23.35 15.83
CA GLU C 197 -12.87 21.95 15.84
C GLU C 197 -11.65 21.04 16.00
N LEU C 198 -11.87 19.93 16.70
CA LEU C 198 -10.93 18.82 16.77
C LEU C 198 -11.13 17.86 15.61
N LYS C 199 -10.03 17.39 15.02
CA LYS C 199 -10.07 16.52 13.85
C LYS C 199 -9.61 15.10 14.20
N THR C 200 -10.43 14.11 13.87
CA THR C 200 -10.12 12.70 14.09
C THR C 200 -9.49 11.99 12.88
N LYS C 201 -9.48 12.62 11.71
CA LYS C 201 -8.97 11.98 10.51
C LYS C 201 -7.52 11.49 10.59
N PRO C 202 -6.57 12.24 11.17
CA PRO C 202 -5.21 11.69 11.32
C PRO C 202 -5.14 10.40 12.13
N THR C 203 -5.96 10.26 13.16
CA THR C 203 -5.98 9.03 13.92
C THR C 203 -6.57 7.88 13.11
N GLN C 204 -7.62 8.16 12.34
CA GLN C 204 -8.18 7.15 11.45
C GLN C 204 -7.14 6.64 10.46
N HIS C 205 -6.45 7.54 9.76
CA HIS C 205 -5.41 7.12 8.82
C HIS C 205 -4.24 6.40 9.50
N SER C 206 -3.86 6.79 10.72
CA SER C 206 -2.78 6.11 11.41
C SER C 206 -3.15 4.72 11.89
N VAL C 207 -4.39 4.54 12.34
CA VAL C 207 -4.85 3.19 12.67
C VAL C 207 -5.04 2.34 11.41
N ALA C 208 -5.44 2.94 10.29
CA ALA C 208 -5.50 2.20 9.04
C ALA C 208 -4.13 1.72 8.59
N ALA C 209 -3.12 2.58 8.68
CA ALA C 209 -1.74 2.15 8.44
C ALA C 209 -1.31 1.01 9.35
N LEU C 210 -1.62 1.11 10.64
CA LEU C 210 -1.28 0.03 11.56
C LEU C 210 -2.02 -1.28 11.26
N ARG C 211 -3.27 -1.21 10.84
CA ARG C 211 -4.02 -2.40 10.40
C ARG C 211 -3.51 -2.99 9.09
N SER C 212 -3.00 -2.18 8.18
CA SER C 212 -2.47 -2.70 6.92
C SER C 212 -1.21 -3.54 7.09
N ILE C 213 -0.53 -3.47 8.24
CA ILE C 213 0.60 -4.33 8.53
C ILE C 213 0.25 -5.43 9.53
N GLY C 214 -1.03 -5.62 9.84
CA GLY C 214 -1.47 -6.75 10.63
C GLY C 214 -1.53 -6.57 12.13
N ILE C 215 -1.54 -5.33 12.62
CA ILE C 215 -1.65 -5.06 14.06
C ILE C 215 -3.00 -4.42 14.32
N THR C 216 -3.69 -4.90 15.36
CA THR C 216 -4.89 -4.24 15.87
C THR C 216 -4.57 -3.57 17.21
N PRO C 217 -4.74 -2.26 17.36
CA PRO C 217 -4.54 -1.64 18.67
C PRO C 217 -5.63 -2.02 19.67
N ASP C 218 -5.19 -2.30 20.90
CA ASP C 218 -6.10 -2.52 22.02
C ASP C 218 -6.58 -1.23 22.67
N ALA C 219 -5.78 -0.17 22.64
CA ALA C 219 -6.18 1.12 23.18
C ALA C 219 -5.54 2.25 22.40
N LEU C 220 -6.16 3.42 22.45
CA LEU C 220 -5.65 4.64 21.83
C LEU C 220 -5.41 5.72 22.87
N ILE C 221 -4.20 6.26 22.89
CA ILE C 221 -3.87 7.49 23.63
C ILE C 221 -4.07 8.66 22.68
N LEU C 222 -5.07 9.50 22.97
CA LEU C 222 -5.37 10.69 22.16
C LEU C 222 -4.68 11.90 22.78
N ARG C 223 -3.53 12.28 22.22
CA ARG C 223 -2.83 13.48 22.68
C ARG C 223 -3.46 14.74 22.10
N CYS C 224 -3.74 15.71 22.97
CA CYS C 224 -4.54 16.87 22.59
C CYS C 224 -4.17 18.02 23.52
N ASP C 225 -4.38 19.25 23.05
CA ASP C 225 -4.19 20.41 23.90
C ASP C 225 -5.38 20.69 24.82
N ARG C 226 -6.50 20.00 24.62
CA ARG C 226 -7.71 20.19 25.39
C ARG C 226 -8.42 18.85 25.47
N ASP C 227 -9.30 18.71 26.46
CA ASP C 227 -9.93 17.42 26.71
C ASP C 227 -10.89 17.05 25.58
N VAL C 228 -10.70 15.85 25.03
CA VAL C 228 -11.46 15.43 23.84
C VAL C 228 -12.91 15.18 24.21
N PRO C 229 -13.89 15.70 23.47
CA PRO C 229 -15.30 15.41 23.74
C PRO C 229 -15.63 13.93 23.62
N GLU C 230 -16.56 13.48 24.46
CA GLU C 230 -17.02 12.09 24.45
C GLU C 230 -17.61 11.68 23.11
N ALA C 231 -18.31 12.60 22.43
CA ALA C 231 -18.84 12.30 21.10
C ALA C 231 -17.72 11.97 20.11
N LEU C 232 -16.60 12.67 20.18
CA LEU C 232 -15.45 12.33 19.35
C LEU C 232 -14.85 10.99 19.73
N LYS C 233 -14.73 10.70 21.03
CA LYS C 233 -14.21 9.40 21.43
C LYS C 233 -15.11 8.27 20.93
N ASN C 234 -16.42 8.44 21.00
CA ASN C 234 -17.35 7.46 20.42
C ASN C 234 -17.17 7.33 18.90
N LYS C 235 -17.02 8.44 18.20
CA LYS C 235 -16.74 8.37 16.77
C LYS C 235 -15.45 7.62 16.45
N ILE C 236 -14.37 7.90 17.18
CA ILE C 236 -13.11 7.17 17.00
C ILE C 236 -13.30 5.67 17.26
N ALA C 237 -13.91 5.33 18.40
CA ALA C 237 -14.14 3.93 18.73
C ALA C 237 -14.93 3.21 17.65
N LEU C 238 -15.93 3.87 17.07
CA LEU C 238 -16.68 3.28 15.97
C LEU C 238 -15.85 3.18 14.69
N MET C 239 -15.14 4.25 14.34
CA MET C 239 -14.35 4.26 13.11
C MET C 239 -13.11 3.38 13.20
N CYS C 240 -12.53 3.22 14.38
CA CYS C 240 -11.26 2.51 14.53
C CYS C 240 -11.41 1.08 14.99
N ASP C 241 -12.63 0.61 15.28
CA ASP C 241 -12.85 -0.71 15.87
C ASP C 241 -12.07 -0.93 17.15
N VAL C 242 -12.15 0.03 18.06
CA VAL C 242 -11.51 -0.05 19.36
C VAL C 242 -12.59 0.05 20.43
N ASP C 243 -12.42 -0.73 21.48
CA ASP C 243 -13.29 -0.63 22.65
C ASP C 243 -13.26 0.78 23.21
N ILE C 244 -14.45 1.35 23.40
CA ILE C 244 -14.58 2.70 23.95
C ILE C 244 -13.85 2.85 25.27
N ASP C 245 -13.76 1.80 26.07
CA ASP C 245 -12.99 1.87 27.30
C ASP C 245 -11.48 1.91 27.07
N GLY C 246 -11.02 1.64 25.87
CA GLY C 246 -9.66 1.87 25.44
C GLY C 246 -9.34 3.18 24.77
N VAL C 247 -10.30 4.08 24.56
CA VAL C 247 -10.03 5.39 23.96
C VAL C 247 -9.77 6.40 25.08
N ILE C 248 -8.52 6.79 25.24
CA ILE C 248 -8.02 7.50 26.41
C ILE C 248 -7.72 8.94 25.99
N SER C 249 -8.48 9.90 26.53
CA SER C 249 -8.24 11.31 26.30
C SER C 249 -7.05 11.79 27.15
N THR C 250 -5.99 12.28 26.51
CA THR C 250 -4.72 12.57 27.17
C THR C 250 -4.28 13.99 26.89
N PRO C 251 -4.98 14.99 27.44
CA PRO C 251 -4.58 16.39 27.23
C PRO C 251 -3.24 16.71 27.90
N ASP C 252 -2.61 17.76 27.39
CA ASP C 252 -1.33 18.23 27.94
C ASP C 252 -1.41 18.51 29.44
N ALA C 253 -0.60 17.80 30.22
CA ALA C 253 -0.58 17.97 31.67
C ALA C 253 0.29 19.15 32.09
N PRO C 254 0.11 19.67 33.31
CA PRO C 254 0.96 20.78 33.75
C PRO C 254 2.43 20.42 33.90
N SER C 255 2.72 19.29 34.55
CA SER C 255 4.06 18.75 34.67
C SER C 255 4.03 17.27 34.31
N ILE C 256 5.21 16.73 34.00
CA ILE C 256 5.31 15.31 33.66
C ILE C 256 4.87 14.42 34.82
N TYR C 257 5.03 14.89 36.06
CA TYR C 257 4.64 14.06 37.19
C TYR C 257 3.12 13.92 37.33
N ASP C 258 2.35 14.78 36.68
CA ASP C 258 0.90 14.64 36.63
C ASP C 258 0.40 13.58 35.65
N ILE C 259 1.22 13.14 34.70
CA ILE C 259 0.73 12.22 33.67
C ILE C 259 0.18 10.93 34.26
N PRO C 260 0.77 10.32 35.28
CA PRO C 260 0.12 9.19 35.94
C PRO C 260 -1.29 9.48 36.47
N LYS C 261 -1.52 10.68 37.00
CA LYS C 261 -2.86 11.05 37.45
C LYS C 261 -3.84 11.17 36.29
N VAL C 262 -3.40 11.72 35.17
CA VAL C 262 -4.25 11.76 33.98
C VAL C 262 -4.63 10.35 33.55
N LEU C 263 -3.63 9.47 33.39
CA LEU C 263 -3.92 8.12 32.92
C LEU C 263 -4.79 7.34 33.91
N HIS C 264 -4.59 7.54 35.21
CA HIS C 264 -5.42 6.87 36.20
C HIS C 264 -6.85 7.40 36.24
N ARG C 265 -7.02 8.70 36.02
CA ARG C 265 -8.36 9.26 35.88
C ARG C 265 -9.13 8.61 34.72
N GLU C 266 -8.46 8.39 33.59
CA GLU C 266 -9.07 7.68 32.47
C GLU C 266 -9.20 6.17 32.70
N GLU C 267 -8.66 5.64 33.79
CA GLU C 267 -8.67 4.21 34.09
C GLU C 267 -7.96 3.35 33.04
N LEU C 268 -6.92 3.87 32.40
CA LEU C 268 -6.16 3.07 31.44
C LEU C 268 -5.50 1.87 32.09
N ASP C 269 -4.92 2.05 33.28
CA ASP C 269 -4.24 0.97 33.98
C ASP C 269 -5.18 -0.19 34.31
N ALA C 270 -6.38 0.11 34.80
CA ALA C 270 -7.38 -0.93 35.03
C ALA C 270 -7.76 -1.68 33.75
N PHE C 271 -7.94 -0.96 32.65
CA PHE C 271 -8.22 -1.59 31.37
C PHE C 271 -7.10 -2.53 30.95
N VAL C 272 -5.84 -2.09 31.05
CA VAL C 272 -4.71 -2.96 30.75
C VAL C 272 -4.69 -4.19 31.65
N VAL C 273 -4.75 -3.99 32.97
CA VAL C 273 -4.66 -5.10 33.92
C VAL C 273 -5.75 -6.13 33.66
N ARG C 274 -6.98 -5.67 33.44
CA ARG C 274 -8.09 -6.55 33.15
C ARG C 274 -7.90 -7.27 31.83
N ARG C 275 -7.61 -6.54 30.76
CA ARG C 275 -7.41 -7.13 29.44
C ARG C 275 -6.20 -8.06 29.38
N LEU C 276 -5.18 -7.84 30.21
CA LEU C 276 -4.07 -8.78 30.32
C LEU C 276 -4.28 -9.83 31.40
N ASN C 277 -5.37 -9.78 32.14
CA ASN C 277 -5.66 -10.72 33.23
C ASN C 277 -4.57 -10.73 34.31
N LEU C 278 -3.99 -9.57 34.59
CA LEU C 278 -3.00 -9.47 35.64
C LEU C 278 -3.66 -9.43 37.03
N PRO C 279 -2.91 -9.79 38.08
CA PRO C 279 -3.46 -9.71 39.45
C PRO C 279 -3.87 -8.29 39.85
N PHE C 280 -5.17 -8.05 39.97
CA PHE C 280 -5.68 -6.72 40.28
C PHE C 280 -5.45 -6.35 41.73
N ARG C 281 -4.80 -5.21 41.95
CA ARG C 281 -4.65 -4.60 43.26
C ARG C 281 -4.67 -3.09 43.12
N ASP C 282 -5.08 -2.40 44.17
CA ASP C 282 -5.19 -0.94 44.14
C ASP C 282 -3.83 -0.25 44.08
N VAL C 283 -3.82 0.91 43.43
CA VAL C 283 -2.66 1.80 43.37
C VAL C 283 -2.38 2.38 44.75
N ASP C 284 -1.17 2.18 45.26
CA ASP C 284 -0.69 2.90 46.44
C ASP C 284 -0.13 4.25 46.02
N TRP C 285 -0.91 5.32 46.24
CA TRP C 285 -0.53 6.69 45.86
C TRP C 285 0.43 7.40 46.82
N THR C 286 0.81 6.80 47.95
CA THR C 286 1.42 7.58 49.03
C THR C 286 2.67 8.35 48.59
N GLU C 287 3.63 7.66 47.98
CA GLU C 287 4.86 8.31 47.56
C GLU C 287 4.63 9.35 46.48
N TRP C 288 3.77 9.05 45.51
CA TRP C 288 3.60 9.99 44.42
C TRP C 288 2.74 11.17 44.86
N ASP C 289 1.81 10.97 45.78
CA ASP C 289 1.13 12.11 46.40
C ASP C 289 2.09 13.02 47.16
N ASP C 290 3.12 12.44 47.80
CA ASP C 290 4.13 13.29 48.45
C ASP C 290 4.97 14.06 47.43
N LEU C 291 5.36 13.40 46.34
CA LEU C 291 6.02 14.10 45.25
C LEU C 291 5.18 15.24 44.70
N LEU C 292 3.91 14.98 44.39
CA LEU C 292 3.05 16.03 43.84
C LEU C 292 2.77 17.16 44.81
N ARG C 293 2.72 16.90 46.12
CA ARG C 293 2.76 17.97 47.10
C ARG C 293 4.00 18.85 46.91
N ARG C 294 5.19 18.26 46.98
CA ARG C 294 6.40 19.07 46.87
C ARG C 294 6.52 19.78 45.52
N VAL C 295 6.06 19.14 44.45
CA VAL C 295 6.06 19.76 43.12
C VAL C 295 5.15 20.99 43.07
N HIS C 296 3.92 20.86 43.55
CA HIS C 296 2.93 21.93 43.36
C HIS C 296 2.88 22.96 44.47
N GLU C 297 3.46 22.70 45.63
CA GLU C 297 3.39 23.62 46.77
C GLU C 297 4.77 23.98 47.29
N PRO C 298 5.59 24.65 46.46
CA PRO C 298 6.89 25.13 46.92
C PRO C 298 6.76 26.25 47.93
N HIS C 299 7.55 26.17 49.00
CA HIS C 299 7.63 27.23 49.99
C HIS C 299 8.58 28.36 49.63
N GLU C 300 9.60 28.10 48.80
CA GLU C 300 10.53 29.14 48.38
C GLU C 300 11.03 28.83 46.97
N THR C 301 12.04 29.57 46.52
CA THR C 301 12.41 29.63 45.12
C THR C 301 13.84 30.14 45.03
N VAL C 302 14.63 29.51 44.16
CA VAL C 302 16.04 29.84 44.01
C VAL C 302 16.43 29.79 42.54
N ARG C 303 17.39 30.63 42.16
CA ARG C 303 17.89 30.71 40.80
C ARG C 303 19.27 30.06 40.69
N ILE C 304 19.42 29.12 39.77
CA ILE C 304 20.68 28.42 39.54
C ILE C 304 21.09 28.69 38.10
N ALA C 305 22.33 29.12 37.90
CA ALA C 305 22.91 29.21 36.57
C ALA C 305 23.41 27.84 36.10
N LEU C 306 22.91 27.38 34.96
CA LEU C 306 23.48 26.24 34.26
C LEU C 306 24.35 26.79 33.13
N VAL C 307 25.67 26.68 33.29
CA VAL C 307 26.61 27.32 32.37
C VAL C 307 26.82 26.40 31.17
N GLY C 308 25.95 26.53 30.18
CA GLY C 308 25.88 25.62 29.05
C GLY C 308 26.31 26.22 27.73
N LYS C 309 25.76 25.65 26.66
CA LYS C 309 26.11 26.03 25.29
C LYS C 309 25.46 27.35 24.89
N TYR C 310 24.23 27.60 25.36
CA TYR C 310 23.42 28.68 24.83
C TYR C 310 22.42 29.11 25.90
N VAL C 311 21.81 30.26 25.67
CA VAL C 311 20.90 30.87 26.63
C VAL C 311 19.50 30.28 26.55
N GLU C 312 19.39 29.04 26.07
CA GLU C 312 18.08 28.41 26.01
C GLU C 312 18.17 26.96 26.48
N LEU C 313 17.02 26.43 26.89
CA LEU C 313 16.91 25.07 27.35
C LEU C 313 17.39 24.08 26.29
N SER C 314 18.11 23.06 26.73
CA SER C 314 18.66 22.05 25.83
C SER C 314 18.41 20.67 26.41
N ASP C 315 18.02 19.73 25.54
CA ASP C 315 17.96 18.32 25.92
C ASP C 315 19.33 17.72 26.17
N ALA C 316 20.40 18.42 25.81
CA ALA C 316 21.73 18.02 26.24
C ALA C 316 21.89 17.99 27.75
N TYR C 317 21.03 18.69 28.50
CA TYR C 317 21.12 18.76 29.95
C TYR C 317 19.81 18.38 30.64
N LEU C 318 19.03 17.52 30.01
CA LEU C 318 17.74 17.12 30.55
C LEU C 318 17.86 16.45 31.90
N SER C 319 18.79 15.51 32.04
CA SER C 319 19.00 14.85 33.32
C SER C 319 19.56 15.79 34.38
N VAL C 320 20.42 16.74 34.00
CA VAL C 320 20.91 17.72 34.95
C VAL C 320 19.78 18.58 35.49
N ALA C 321 18.92 19.07 34.60
CA ALA C 321 17.76 19.86 35.02
C ALA C 321 16.80 19.07 35.91
N GLU C 322 16.52 17.82 35.56
CA GLU C 322 15.70 16.98 36.43
C GLU C 322 16.34 16.75 37.80
N ALA C 323 17.65 16.56 37.85
CA ALA C 323 18.33 16.39 39.13
C ALA C 323 18.32 17.64 39.98
N LEU C 324 18.46 18.80 39.36
CA LEU C 324 18.30 20.07 40.08
C LEU C 324 16.90 20.25 40.64
N ARG C 325 15.88 19.98 39.84
CA ARG C 325 14.52 20.02 40.34
C ARG C 325 14.28 19.04 41.50
N ALA C 326 14.75 17.80 41.39
CA ALA C 326 14.63 16.86 42.52
C ALA C 326 15.36 17.35 43.78
N GLY C 327 16.54 17.95 43.61
CA GLY C 327 17.18 18.61 44.74
C GLY C 327 16.29 19.67 45.38
N GLY C 328 15.66 20.49 44.54
CA GLY C 328 14.65 21.41 45.04
C GLY C 328 13.53 20.74 45.81
N PHE C 329 12.97 19.67 45.24
CA PHE C 329 11.87 18.97 45.89
C PHE C 329 12.25 18.50 47.28
N LYS C 330 13.51 18.10 47.45
CA LYS C 330 13.95 17.70 48.79
C LYS C 330 13.83 18.83 49.81
N HIS C 331 14.13 20.05 49.39
CA HIS C 331 14.02 21.22 50.24
C HIS C 331 12.66 21.90 50.20
N ARG C 332 11.73 21.42 49.37
CA ARG C 332 10.51 22.15 49.05
C ARG C 332 10.78 23.54 48.49
N ALA C 333 11.91 23.71 47.81
CA ALA C 333 12.13 24.91 47.01
C ALA C 333 11.64 24.68 45.58
N LYS C 334 11.31 25.78 44.90
CA LYS C 334 11.41 25.83 43.45
C LYS C 334 12.86 26.05 43.05
N VAL C 335 13.27 25.45 41.94
CA VAL C 335 14.51 25.80 41.25
C VAL C 335 14.17 26.37 39.89
N GLU C 336 14.66 27.58 39.62
CA GLU C 336 14.56 28.20 38.30
C GLU C 336 15.93 28.22 37.66
N ILE C 337 16.04 27.70 36.44
CA ILE C 337 17.32 27.48 35.79
C ILE C 337 17.58 28.64 34.84
N CYS C 338 18.65 29.39 35.11
CA CYS C 338 19.14 30.44 34.21
C CYS C 338 20.11 29.82 33.20
N TRP C 339 19.66 29.67 31.96
CA TRP C 339 20.50 29.12 30.90
C TRP C 339 21.48 30.20 30.46
N VAL C 340 22.76 30.02 30.79
CA VAL C 340 23.80 31.00 30.58
C VAL C 340 24.80 30.45 29.58
N ALA C 341 25.02 31.16 28.48
CA ALA C 341 26.01 30.77 27.49
C ALA C 341 27.42 31.00 28.03
N SER C 342 28.25 29.97 27.90
CA SER C 342 29.62 30.03 28.41
C SER C 342 30.40 31.21 27.82
N ASP C 343 30.17 31.53 26.55
CA ASP C 343 31.05 32.45 25.85
C ASP C 343 30.88 33.89 26.32
N GLY C 344 29.68 34.24 26.80
CA GLY C 344 29.51 35.54 27.43
C GLY C 344 30.22 35.68 28.76
N CYS C 345 30.73 34.59 29.33
CA CYS C 345 31.38 34.61 30.63
C CYS C 345 32.90 34.56 30.54
N GLU C 346 33.45 34.71 29.33
CA GLU C 346 34.90 34.72 29.19
C GLU C 346 35.51 36.00 29.76
N THR C 347 34.86 37.15 29.55
CA THR C 347 35.27 38.38 30.21
C THR C 347 34.61 38.50 31.59
N THR C 348 35.35 39.07 32.54
CA THR C 348 34.85 39.21 33.90
C THR C 348 33.63 40.10 33.98
N SER C 349 33.54 41.13 33.13
CA SER C 349 32.33 41.95 33.09
C SER C 349 31.18 41.18 32.47
N GLY C 350 31.45 40.41 31.42
CA GLY C 350 30.42 39.55 30.86
C GLY C 350 29.99 38.46 31.82
N ALA C 351 30.94 37.88 32.54
CA ALA C 351 30.59 36.93 33.60
C ALA C 351 29.71 37.58 34.66
N ALA C 352 30.08 38.77 35.11
CA ALA C 352 29.28 39.46 36.12
C ALA C 352 27.88 39.76 35.61
N ALA C 353 27.75 40.12 34.33
CA ALA C 353 26.44 40.33 33.74
C ALA C 353 25.62 39.05 33.66
N ALA C 354 26.26 37.93 33.33
CA ALA C 354 25.54 36.67 33.20
C ALA C 354 25.13 36.09 34.55
N LEU C 355 25.97 36.21 35.58
CA LEU C 355 25.81 35.45 36.80
C LEU C 355 25.40 36.27 38.02
N GLY C 356 25.53 37.58 38.00
CA GLY C 356 25.41 38.34 39.22
C GLY C 356 24.07 38.18 39.93
N ASP C 357 23.01 37.87 39.19
CA ASP C 357 21.69 37.73 39.80
C ASP C 357 21.38 36.34 40.33
N VAL C 358 22.19 35.34 40.01
CA VAL C 358 21.86 33.96 40.39
C VAL C 358 22.38 33.65 41.79
N HIS C 359 22.05 32.46 42.29
CA HIS C 359 22.41 32.03 43.63
C HIS C 359 23.32 30.82 43.66
N GLY C 360 23.57 30.20 42.51
CA GLY C 360 24.56 29.14 42.41
C GLY C 360 24.86 28.88 40.96
N VAL C 361 26.04 28.32 40.71
CA VAL C 361 26.51 28.05 39.35
C VAL C 361 26.76 26.56 39.21
N LEU C 362 26.11 25.94 38.22
CA LEU C 362 26.35 24.54 37.87
C LEU C 362 27.11 24.51 36.55
N ILE C 363 28.25 23.83 36.55
CA ILE C 363 29.08 23.66 35.37
C ILE C 363 28.91 22.23 34.87
N PRO C 364 28.11 22.00 33.83
CA PRO C 364 27.97 20.64 33.31
C PRO C 364 29.05 20.28 32.31
N GLY C 365 29.27 18.98 32.18
CA GLY C 365 30.15 18.44 31.17
C GLY C 365 29.44 17.58 30.15
N GLY C 366 30.20 16.94 29.31
CA GLY C 366 29.69 16.09 28.26
C GLY C 366 30.69 16.04 27.12
N PHE C 367 30.16 15.76 25.93
CA PHE C 367 30.94 15.81 24.71
C PHE C 367 30.24 16.73 23.73
N GLY C 368 30.98 17.19 22.74
CA GLY C 368 30.44 18.14 21.79
C GLY C 368 30.53 19.59 22.20
N ILE C 369 31.49 19.96 23.05
CA ILE C 369 31.65 21.34 23.47
C ILE C 369 33.08 21.79 23.22
N ARG C 370 33.23 23.09 23.00
CA ARG C 370 34.50 23.79 23.10
C ARG C 370 34.25 25.12 23.79
N GLY C 371 35.31 25.77 24.26
CA GLY C 371 35.16 27.07 24.86
C GLY C 371 35.25 27.09 26.37
N ILE C 372 36.01 26.17 26.97
CA ILE C 372 36.11 26.08 28.43
C ILE C 372 36.83 27.25 29.07
N GLU C 373 37.46 28.14 28.31
CA GLU C 373 37.87 29.43 28.85
C GLU C 373 36.72 30.18 29.52
N GLY C 374 35.54 30.19 28.91
CA GLY C 374 34.38 30.79 29.54
C GLY C 374 33.82 30.02 30.72
N LYS C 375 34.00 28.71 30.73
CA LYS C 375 33.67 27.94 31.93
C LYS C 375 34.59 28.28 33.08
N ILE C 376 35.91 28.22 32.87
CA ILE C 376 36.79 28.66 33.94
C ILE C 376 36.45 30.10 34.34
N GLY C 377 36.05 30.94 33.39
CA GLY C 377 35.87 32.33 33.72
C GLY C 377 34.64 32.55 34.58
N ALA C 378 33.62 31.71 34.40
CA ALA C 378 32.49 31.67 35.34
C ALA C 378 32.88 31.10 36.70
N ILE C 379 33.82 30.16 36.76
CA ILE C 379 34.25 29.68 38.07
C ILE C 379 35.00 30.78 38.81
N ALA C 380 35.95 31.39 38.11
CA ALA C 380 36.71 32.53 38.64
C ALA C 380 35.82 33.64 39.15
N TYR C 381 34.75 33.98 38.42
CA TYR C 381 33.77 34.91 38.98
C TYR C 381 33.07 34.36 40.21
N ALA C 382 32.49 33.16 40.12
CA ALA C 382 31.71 32.63 41.23
C ALA C 382 32.51 32.58 42.53
N ARG C 383 33.78 32.18 42.46
CA ARG C 383 34.62 32.17 43.64
C ARG C 383 34.78 33.55 44.26
N ALA C 384 35.04 34.57 43.44
CA ALA C 384 35.15 35.93 43.97
C ALA C 384 33.82 36.43 44.54
N ARG C 385 32.71 36.12 43.87
CA ARG C 385 31.41 36.54 44.33
C ARG C 385 30.94 35.73 45.54
N GLY C 386 31.55 34.59 45.81
CA GLY C 386 31.13 33.73 46.90
C GLY C 386 29.97 32.81 46.60
N LEU C 387 29.64 32.60 45.32
CA LEU C 387 28.57 31.71 44.92
C LEU C 387 29.03 30.25 45.01
N PRO C 388 28.16 29.34 45.46
CA PRO C 388 28.49 27.92 45.41
C PRO C 388 28.56 27.38 43.99
N VAL C 389 29.42 26.38 43.79
CA VAL C 389 29.67 25.78 42.49
C VAL C 389 29.59 24.26 42.64
N LEU C 390 28.86 23.62 41.73
CA LEU C 390 28.93 22.18 41.52
C LEU C 390 29.45 21.92 40.12
N GLY C 391 30.56 21.18 40.02
CA GLY C 391 31.17 20.85 38.75
C GLY C 391 31.07 19.38 38.41
N LEU C 392 30.50 19.05 37.26
CA LEU C 392 30.30 17.65 36.86
C LEU C 392 31.27 17.31 35.73
N CYS C 393 32.11 16.30 35.96
CA CYS C 393 33.13 15.87 35.00
C CYS C 393 34.01 17.00 34.46
N LEU C 394 33.77 17.43 33.22
CA LEU C 394 34.41 18.62 32.69
C LEU C 394 34.31 19.79 33.65
N GLY C 395 33.23 19.88 34.42
CA GLY C 395 33.15 20.90 35.45
C GLY C 395 34.28 20.82 36.45
N LEU C 396 34.54 19.61 36.97
CA LEU C 396 35.71 19.41 37.82
C LEU C 396 37.00 19.80 37.10
N GLN C 397 37.13 19.43 35.83
CA GLN C 397 38.36 19.74 35.11
C GLN C 397 38.58 21.25 35.01
N CYS C 398 37.51 22.00 34.76
CA CYS C 398 37.61 23.45 34.78
C CYS C 398 37.92 24.00 36.17
N ILE C 399 37.36 23.40 37.22
CA ILE C 399 37.69 23.85 38.57
C ILE C 399 39.18 23.67 38.83
N VAL C 400 39.74 22.54 38.42
CA VAL C 400 41.13 22.24 38.71
C VAL C 400 42.06 23.07 37.83
N ILE C 401 41.61 23.50 36.65
CA ILE C 401 42.46 24.38 35.84
C ILE C 401 42.38 25.82 36.33
N GLU C 402 41.21 26.29 36.74
CA GLU C 402 41.13 27.49 37.57
C GLU C 402 42.14 27.49 38.73
N ALA C 403 42.14 26.43 39.52
CA ALA C 403 43.09 26.37 40.63
C ALA C 403 44.54 26.31 40.15
N ALA C 404 44.81 25.63 39.04
CA ALA C 404 46.16 25.72 38.48
C ALA C 404 46.52 27.17 38.15
N ARG C 405 45.61 27.90 37.55
CA ARG C 405 45.70 29.32 37.25
C ARG C 405 45.53 30.22 38.44
N SER C 406 45.57 29.68 39.65
CA SER C 406 45.42 30.48 40.86
C SER C 406 46.67 30.49 41.74
N VAL C 407 47.81 29.99 41.25
CA VAL C 407 48.92 29.57 42.09
C VAL C 407 50.23 29.87 41.37
N GLY C 408 50.43 29.33 40.16
CA GLY C 408 51.46 29.88 39.30
C GLY C 408 51.29 29.54 37.82
N LEU C 409 50.28 28.75 37.51
CA LEU C 409 50.29 27.88 36.33
C LEU C 409 49.38 28.51 35.29
N THR C 410 49.71 29.74 34.92
CA THR C 410 48.83 30.63 34.19
C THR C 410 48.53 30.16 32.78
N ASN C 411 49.37 29.31 32.20
CA ASN C 411 49.07 28.70 30.91
C ASN C 411 48.55 27.28 31.02
N ALA C 412 48.20 26.83 32.22
CA ALA C 412 47.77 25.45 32.41
C ALA C 412 46.43 25.22 31.71
N ASN C 413 46.23 23.99 31.24
CA ASN C 413 44.98 23.61 30.59
C ASN C 413 44.84 22.10 30.68
N SER C 414 43.79 21.56 30.06
CA SER C 414 43.83 20.19 29.63
C SER C 414 44.63 20.02 28.34
N ALA C 415 45.31 18.88 28.24
CA ALA C 415 45.84 18.40 26.97
C ALA C 415 44.77 18.24 25.90
N GLU C 416 43.51 18.07 26.28
CA GLU C 416 42.43 18.03 25.31
C GLU C 416 42.16 19.38 24.67
N PHE C 417 42.38 20.46 25.40
CA PHE C 417 41.89 21.77 24.98
C PHE C 417 43.00 22.73 24.58
N ASP C 418 44.24 22.48 24.99
CA ASP C 418 45.41 23.08 24.37
C ASP C 418 46.50 22.02 24.28
N PRO C 419 46.60 21.33 23.14
CA PRO C 419 47.61 20.27 23.00
C PRO C 419 49.04 20.74 23.18
N ASP C 420 49.31 22.04 23.10
CA ASP C 420 50.64 22.59 23.28
C ASP C 420 50.84 23.22 24.66
N THR C 421 49.88 23.09 25.57
CA THR C 421 50.01 23.71 26.88
C THR C 421 51.29 23.21 27.55
N PRO C 422 52.11 24.10 28.12
CA PRO C 422 53.27 23.65 28.90
C PRO C 422 52.91 23.03 30.24
N ASP C 423 51.68 23.17 30.71
CA ASP C 423 51.22 22.53 31.94
C ASP C 423 49.90 21.80 31.68
N PRO C 424 49.96 20.58 31.14
CA PRO C 424 48.77 19.72 31.05
C PRO C 424 48.36 19.10 32.39
N VAL C 425 47.68 19.91 33.21
CA VAL C 425 47.17 19.43 34.49
C VAL C 425 46.03 18.45 34.33
N ILE C 426 45.34 18.44 33.18
CA ILE C 426 44.41 17.38 32.84
C ILE C 426 44.97 16.63 31.63
N ALA C 427 45.04 15.31 31.74
CA ALA C 427 45.77 14.49 30.79
C ALA C 427 45.16 13.11 30.74
N THR C 428 45.40 12.41 29.63
CA THR C 428 45.06 11.01 29.53
C THR C 428 46.01 10.17 30.37
N MET C 429 45.46 9.47 31.35
CA MET C 429 46.27 8.73 32.31
C MET C 429 46.99 7.56 31.65
N GLY C 443 44.36 7.82 23.04
CA GLY C 443 43.26 8.50 23.69
C GLY C 443 42.99 7.99 25.09
N GLY C 444 43.79 7.03 25.54
CA GLY C 444 43.62 6.45 26.86
C GLY C 444 42.37 5.64 27.01
N THR C 445 42.22 4.99 28.16
CA THR C 445 41.00 4.25 28.47
C THR C 445 39.82 5.20 28.69
N MET C 446 38.74 4.98 27.94
CA MET C 446 37.44 5.54 28.30
C MET C 446 36.86 4.73 29.46
N ARG C 447 36.75 5.36 30.62
CA ARG C 447 36.02 4.78 31.75
C ARG C 447 34.52 4.91 31.51
N LEU C 448 33.81 3.80 31.62
CA LEU C 448 32.38 3.75 31.35
C LEU C 448 31.66 2.95 32.43
N GLY C 449 30.53 3.49 32.87
CA GLY C 449 29.71 2.85 33.88
C GLY C 449 30.19 3.07 35.29
N SER C 450 29.73 2.21 36.19
CA SER C 450 29.99 2.36 37.61
C SER C 450 31.43 2.03 37.97
N TYR C 451 32.02 2.86 38.83
CA TYR C 451 33.28 2.57 39.51
C TYR C 451 33.17 2.99 40.96
N PRO C 452 33.82 2.27 41.87
CA PRO C 452 33.81 2.67 43.28
C PRO C 452 34.81 3.76 43.61
N ALA C 453 34.52 4.51 44.68
CA ALA C 453 35.43 5.53 45.18
C ALA C 453 35.34 5.58 46.71
N VAL C 454 36.43 6.01 47.34
CA VAL C 454 36.53 6.18 48.78
C VAL C 454 36.70 7.65 49.12
N LEU C 455 36.04 8.11 50.19
CA LEU C 455 35.93 9.52 50.48
C LEU C 455 36.63 9.87 51.79
N GLU C 456 37.21 11.07 51.80
CA GLU C 456 37.86 11.61 53.00
C GLU C 456 36.83 11.80 54.11
N PRO C 457 37.08 11.29 55.31
CA PRO C 457 36.17 11.56 56.44
C PRO C 457 36.06 13.04 56.79
N ASP C 458 34.83 13.49 56.99
CA ASP C 458 34.47 14.89 57.19
C ASP C 458 34.90 15.81 56.06
N SER C 459 35.18 15.27 54.88
CA SER C 459 35.05 16.05 53.66
C SER C 459 33.63 16.62 53.55
N VAL C 460 33.50 17.72 52.81
CA VAL C 460 32.17 18.20 52.43
C VAL C 460 31.41 17.16 51.60
N VAL C 461 32.12 16.34 50.82
CA VAL C 461 31.47 15.26 50.10
C VAL C 461 30.95 14.21 51.07
N ALA C 462 31.78 13.80 52.03
CA ALA C 462 31.32 12.81 53.00
C ALA C 462 30.18 13.34 53.85
N GLN C 463 30.15 14.64 54.14
CA GLN C 463 29.00 15.21 54.83
C GLN C 463 27.76 15.22 53.96
N ALA C 464 27.92 15.35 52.64
CA ALA C 464 26.77 15.21 51.76
C ALA C 464 26.27 13.77 51.72
N TYR C 465 27.14 12.82 51.37
CA TYR C 465 26.70 11.44 51.19
C TYR C 465 26.36 10.74 52.50
N GLN C 466 26.94 11.20 53.61
CA GLN C 466 26.86 10.49 54.88
C GLN C 466 27.36 9.05 54.76
N THR C 467 28.40 8.86 53.96
CA THR C 467 29.12 7.60 53.90
C THR C 467 30.53 7.89 53.44
N THR C 468 31.45 6.99 53.77
CA THR C 468 32.81 7.03 53.25
C THR C 468 33.00 6.24 51.95
N GLN C 469 32.04 5.44 51.53
CA GLN C 469 32.16 4.68 50.29
C GLN C 469 30.95 4.90 49.40
N VAL C 470 31.22 5.15 48.12
CA VAL C 470 30.21 5.50 47.13
C VAL C 470 30.59 4.84 45.80
N SER C 471 29.63 4.82 44.89
CA SER C 471 29.91 4.55 43.49
C SER C 471 29.12 5.51 42.60
N GLU C 472 29.67 5.80 41.43
CA GLU C 472 29.08 6.74 40.49
C GLU C 472 29.33 6.20 39.08
N ARG C 473 28.57 6.72 38.12
CA ARG C 473 28.68 6.33 36.73
C ARG C 473 29.59 7.28 35.96
N HIS C 474 30.52 6.72 35.20
CA HIS C 474 31.56 7.49 34.52
C HIS C 474 31.41 7.40 33.00
N ARG C 475 31.88 8.46 32.33
CA ARG C 475 32.00 8.50 30.88
C ARG C 475 33.03 9.54 30.48
N HIS C 476 34.31 9.22 30.67
CA HIS C 476 35.39 10.16 30.40
C HIS C 476 36.68 9.40 30.19
N ARG C 477 37.65 10.08 29.58
CA ARG C 477 38.96 9.49 29.32
C ARG C 477 40.16 10.34 29.74
N TYR C 478 39.98 11.61 30.07
CA TYR C 478 41.03 12.39 30.72
C TYR C 478 40.91 12.37 32.23
N GLU C 479 42.03 12.66 32.89
CA GLU C 479 42.15 12.58 34.34
C GLU C 479 42.97 13.76 34.86
N VAL C 480 42.84 14.00 36.17
CA VAL C 480 43.75 14.89 36.88
C VAL C 480 45.17 14.32 36.86
N ASN C 481 46.13 15.14 36.42
CA ASN C 481 47.52 14.73 36.37
C ASN C 481 48.07 14.66 37.80
N ASN C 482 48.44 13.46 38.24
CA ASN C 482 48.92 13.27 39.61
C ASN C 482 50.20 14.04 39.89
N ALA C 483 50.94 14.44 38.86
CA ALA C 483 52.13 15.25 39.05
C ALA C 483 51.85 16.63 39.63
N TYR C 484 50.62 17.13 39.55
CA TYR C 484 50.30 18.47 40.03
C TYR C 484 49.50 18.49 41.32
N ARG C 485 49.21 17.35 41.93
CA ARG C 485 48.40 17.34 43.14
C ARG C 485 48.96 18.28 44.21
N ASP C 486 50.24 18.13 44.54
CA ASP C 486 50.86 18.97 45.57
C ASP C 486 50.85 20.44 45.19
N LYS C 487 51.12 20.75 43.92
CA LYS C 487 51.10 22.13 43.48
C LYS C 487 49.72 22.77 43.68
N ILE C 488 48.67 22.08 43.24
CA ILE C 488 47.35 22.69 43.22
C ILE C 488 46.66 22.59 44.57
N ALA C 489 47.07 21.66 45.43
CA ALA C 489 46.65 21.71 46.81
C ALA C 489 46.98 23.05 47.46
N GLU C 490 48.05 23.73 46.99
CA GLU C 490 48.31 25.07 47.51
C GLU C 490 47.27 26.09 47.09
N SER C 491 46.39 25.77 46.14
CA SER C 491 45.21 26.58 45.92
C SER C 491 44.29 26.55 47.13
N GLY C 492 44.38 25.49 47.94
CA GLY C 492 43.47 25.20 49.01
C GLY C 492 42.65 23.96 48.74
N LEU C 493 42.60 23.54 47.48
CA LEU C 493 41.75 22.44 47.05
C LEU C 493 42.17 21.13 47.71
N ARG C 494 41.19 20.37 48.17
CA ARG C 494 41.43 19.03 48.70
C ARG C 494 40.97 17.98 47.70
N PHE C 495 41.76 16.91 47.57
CA PHE C 495 41.38 15.72 46.81
C PHE C 495 40.60 14.76 47.72
N SER C 496 39.42 15.20 48.10
CA SER C 496 38.62 14.55 49.14
C SER C 496 38.00 13.24 48.69
N GLY C 497 38.28 12.73 47.48
CA GLY C 497 37.91 11.37 47.16
C GLY C 497 38.70 10.85 45.99
N THR C 498 38.97 9.54 46.01
CA THR C 498 39.83 8.88 45.06
C THR C 498 39.28 7.50 44.76
N SER C 499 39.85 6.85 43.75
CA SER C 499 39.77 5.40 43.63
C SER C 499 40.22 4.72 44.92
N PRO C 500 39.78 3.50 45.18
CA PRO C 500 40.22 2.83 46.41
C PRO C 500 41.72 2.63 46.51
N ASP C 501 42.41 2.56 45.39
CA ASP C 501 43.87 2.56 45.39
C ASP C 501 44.47 3.96 45.46
N GLY C 502 43.65 5.01 45.41
CA GLY C 502 44.15 6.37 45.40
C GLY C 502 44.67 6.85 44.08
N HIS C 503 44.75 5.98 43.07
CA HIS C 503 45.41 6.34 41.82
C HIS C 503 44.66 7.44 41.08
N LEU C 504 43.33 7.47 41.16
CA LEU C 504 42.49 8.43 40.44
C LEU C 504 41.80 9.37 41.41
N VAL C 505 41.89 10.67 41.12
CA VAL C 505 41.07 11.69 41.76
C VAL C 505 39.62 11.56 41.30
N GLU C 506 38.70 11.37 42.25
CA GLU C 506 37.28 11.29 41.96
C GLU C 506 36.47 12.49 42.42
N PHE C 507 36.89 13.19 43.48
CA PHE C 507 36.21 14.37 43.99
C PHE C 507 37.20 15.42 44.43
N VAL C 508 36.86 16.69 44.22
CA VAL C 508 37.67 17.82 44.68
C VAL C 508 36.74 18.81 45.38
N GLU C 509 37.26 19.46 46.42
CA GLU C 509 36.50 20.47 47.15
C GLU C 509 37.44 21.50 47.74
N TYR C 510 36.90 22.77 47.93
CA TYR C 510 37.53 23.70 48.85
C TYR C 510 37.03 23.49 50.27
N PRO C 511 37.86 23.76 51.28
CA PRO C 511 37.39 23.67 52.65
C PRO C 511 36.29 24.69 52.92
N PRO C 512 35.37 24.37 53.84
CA PRO C 512 34.20 25.24 54.05
C PRO C 512 34.54 26.68 54.40
N ASP C 513 35.68 26.92 55.04
CA ASP C 513 36.11 28.28 55.35
C ASP C 513 36.71 29.00 54.16
N ARG C 514 37.12 28.29 53.12
CA ARG C 514 37.56 28.94 51.90
C ARG C 514 36.36 29.33 51.05
N HIS C 515 35.49 28.36 50.76
CA HIS C 515 34.17 28.65 50.19
C HIS C 515 33.17 27.69 50.82
N PRO C 516 31.94 28.15 51.08
CA PRO C 516 30.97 27.27 51.77
C PRO C 516 30.66 25.97 51.05
N PHE C 517 30.49 25.99 49.74
CA PHE C 517 30.31 24.76 48.98
C PHE C 517 30.84 25.00 47.57
N VAL C 518 32.00 24.41 47.27
CA VAL C 518 32.52 24.32 45.90
C VAL C 518 33.04 22.90 45.72
N VAL C 519 32.33 22.10 44.93
CA VAL C 519 32.60 20.67 44.80
C VAL C 519 32.63 20.29 43.33
N GLY C 520 33.59 19.43 42.96
CA GLY C 520 33.60 18.80 41.65
C GLY C 520 33.58 17.29 41.78
N THR C 521 33.05 16.63 40.75
CA THR C 521 33.21 15.18 40.62
C THR C 521 33.45 14.81 39.17
N GLN C 522 34.22 13.74 38.96
CA GLN C 522 34.45 13.20 37.63
C GLN C 522 33.27 12.44 37.07
N ALA C 523 32.32 12.04 37.90
CA ALA C 523 31.18 11.24 37.49
C ALA C 523 30.01 12.12 37.03
N HIS C 524 28.92 11.45 36.63
CA HIS C 524 27.66 12.08 36.25
C HIS C 524 26.56 11.75 37.26
N PRO C 525 26.55 12.38 38.43
CA PRO C 525 25.56 12.01 39.46
C PRO C 525 24.11 12.25 39.06
N GLU C 526 23.83 13.11 38.09
CA GLU C 526 22.47 13.25 37.58
C GLU C 526 21.88 11.95 37.03
N LEU C 527 22.71 10.98 36.65
CA LEU C 527 22.19 9.71 36.15
C LEU C 527 21.60 8.84 37.25
N LYS C 528 22.12 8.93 38.46
CA LYS C 528 21.61 8.16 39.58
C LYS C 528 20.50 8.85 40.35
N SER C 529 20.19 10.10 40.02
CA SER C 529 19.08 10.82 40.64
C SER C 529 17.72 10.28 40.19
N ARG C 530 16.73 10.42 41.07
CA ARG C 530 15.34 10.14 40.79
C ARG C 530 14.45 11.17 41.49
N PRO C 531 13.26 11.44 40.94
CA PRO C 531 12.41 12.49 41.54
C PRO C 531 11.96 12.19 42.96
N THR C 532 11.72 10.93 43.28
CA THR C 532 11.37 10.51 44.63
C THR C 532 12.57 10.12 45.47
N ARG C 533 13.78 10.24 44.92
CA ARG C 533 15.01 9.90 45.64
C ARG C 533 16.13 10.79 45.13
N PRO C 534 16.17 12.04 45.58
CA PRO C 534 17.17 12.97 45.06
C PRO C 534 18.58 12.54 45.43
N HIS C 535 19.51 12.87 44.56
CA HIS C 535 20.89 12.50 44.83
C HIS C 535 21.52 13.46 45.84
N PRO C 536 22.27 12.94 46.83
CA PRO C 536 22.93 13.78 47.84
C PRO C 536 23.67 15.04 47.42
N LEU C 537 24.40 15.03 46.32
CA LEU C 537 25.17 16.21 45.93
C LEU C 537 24.28 17.35 45.46
N PHE C 538 23.18 17.05 44.78
CA PHE C 538 22.23 18.09 44.42
C PHE C 538 21.42 18.59 45.60
N VAL C 539 21.09 17.72 46.56
CA VAL C 539 20.47 18.20 47.80
C VAL C 539 21.41 19.14 48.55
N ALA C 540 22.70 18.81 48.60
CA ALA C 540 23.69 19.67 49.23
C ALA C 540 23.87 20.99 48.51
N PHE C 541 24.03 20.94 47.18
CA PHE C 541 24.21 22.15 46.39
C PHE C 541 23.01 23.08 46.46
N VAL C 542 21.80 22.54 46.35
CA VAL C 542 20.61 23.40 46.46
C VAL C 542 20.45 23.93 47.88
N GLY C 543 20.81 23.16 48.90
CA GLY C 543 20.96 23.71 50.23
C GLY C 543 21.87 24.93 50.28
N ALA C 544 23.09 24.78 49.77
CA ALA C 544 24.03 25.90 49.74
C ALA C 544 23.47 27.12 49.00
N ALA C 545 22.80 26.90 47.87
CA ALA C 545 22.17 28.02 47.17
C ALA C 545 21.08 28.68 47.99
N ILE C 546 20.25 27.91 48.68
CA ILE C 546 19.25 28.48 49.59
C ILE C 546 19.92 29.32 50.68
N ASP C 547 21.00 28.80 51.26
CA ASP C 547 21.69 29.52 52.33
C ASP C 547 22.35 30.80 51.84
N TYR C 548 22.93 30.78 50.64
CA TYR C 548 23.41 32.02 50.03
C TYR C 548 22.29 33.01 49.82
N LYS C 549 21.21 32.60 49.16
CA LYS C 549 20.08 33.51 48.94
C LYS C 549 19.59 34.11 50.26
N ALA C 550 19.40 33.27 51.27
CA ALA C 550 18.88 33.74 52.56
C ALA C 550 19.85 34.68 53.25
N GLY C 551 21.16 34.43 53.12
CA GLY C 551 22.11 35.27 53.82
C GLY C 551 22.45 36.49 53.00
N GLU C 552 22.32 36.36 51.67
CA GLU C 552 22.78 37.39 50.75
C GLU C 552 21.96 38.67 50.97
N PRO D 5 30.79 13.50 -30.85
CA PRO D 5 31.44 13.04 -29.62
C PRO D 5 30.55 12.14 -28.77
N GLN D 6 31.14 11.54 -27.72
CA GLN D 6 30.38 10.66 -26.85
C GLN D 6 29.31 11.42 -26.08
N THR D 7 28.14 10.79 -25.96
CA THR D 7 27.06 11.29 -25.11
C THR D 7 27.44 11.14 -23.65
N ALA D 8 26.57 11.65 -22.77
CA ALA D 8 26.52 11.18 -21.39
C ALA D 8 26.22 9.68 -21.35
N THR D 9 26.76 9.01 -20.34
CA THR D 9 26.55 7.58 -20.19
C THR D 9 25.10 7.30 -19.80
N LYS D 10 24.46 6.40 -20.54
CA LYS D 10 23.07 6.02 -20.28
C LYS D 10 23.00 4.91 -19.24
N HIS D 11 21.91 4.90 -18.47
CA HIS D 11 21.63 3.86 -17.48
C HIS D 11 20.36 3.08 -17.82
N LEU D 12 20.48 1.77 -17.96
CA LEU D 12 19.37 0.87 -18.21
C LEU D 12 19.14 -0.03 -17.00
N PHE D 13 17.96 0.10 -16.36
CA PHE D 13 17.59 -0.70 -15.19
C PHE D 13 16.63 -1.84 -15.56
N VAL D 14 17.15 -3.06 -15.69
CA VAL D 14 16.35 -4.28 -15.81
C VAL D 14 15.79 -4.73 -14.46
N SER D 15 14.48 -4.65 -14.29
CA SER D 15 13.78 -5.12 -13.08
C SER D 15 12.99 -6.40 -13.40
N GLY D 16 12.49 -7.04 -12.35
CA GLY D 16 11.79 -8.31 -12.49
C GLY D 16 10.49 -8.37 -11.70
N GLY D 17 9.48 -9.01 -12.31
CA GLY D 17 8.19 -9.14 -11.68
C GLY D 17 7.62 -10.54 -11.73
N VAL D 18 6.64 -10.76 -10.86
CA VAL D 18 5.88 -12.00 -10.68
C VAL D 18 6.71 -13.11 -10.04
N ALA D 19 7.84 -13.49 -10.64
CA ALA D 19 8.67 -14.52 -10.05
C ALA D 19 10.12 -14.33 -10.47
N SER D 20 11.03 -14.91 -9.70
CA SER D 20 12.39 -15.19 -10.16
C SER D 20 12.40 -16.36 -11.15
N SER D 21 13.59 -16.62 -11.70
CA SER D 21 13.88 -17.68 -12.68
C SER D 21 13.27 -17.43 -14.05
N LEU D 22 12.83 -16.21 -14.34
CA LEU D 22 12.33 -15.89 -15.68
C LEU D 22 13.42 -15.71 -16.72
N GLY D 23 14.69 -15.89 -16.36
CA GLY D 23 15.77 -15.68 -17.32
C GLY D 23 16.16 -14.24 -17.51
N LYS D 24 15.91 -13.41 -16.49
CA LYS D 24 16.17 -11.99 -16.53
C LYS D 24 17.65 -11.64 -16.75
N GLY D 25 18.56 -12.38 -16.13
CA GLY D 25 19.97 -12.19 -16.40
C GLY D 25 20.41 -12.54 -17.80
N LEU D 26 19.87 -13.62 -18.37
CA LEU D 26 20.14 -13.93 -19.76
C LEU D 26 19.51 -12.93 -20.73
N THR D 27 18.37 -12.37 -20.38
CA THR D 27 17.78 -11.31 -21.19
C THR D 27 18.66 -10.07 -21.19
N ALA D 28 19.09 -9.62 -20.01
CA ALA D 28 20.01 -8.49 -19.93
C ALA D 28 21.33 -8.75 -20.66
N SER D 29 21.87 -9.96 -20.54
CA SER D 29 23.08 -10.33 -21.28
C SER D 29 22.88 -10.25 -22.79
N SER D 30 21.75 -10.77 -23.28
CA SER D 30 21.48 -10.76 -24.72
C SER D 30 21.30 -9.34 -25.24
N LEU D 31 20.65 -8.48 -24.47
CA LEU D 31 20.59 -7.06 -24.84
C LEU D 31 21.97 -6.41 -24.83
N GLY D 32 22.80 -6.73 -23.84
CA GLY D 32 24.19 -6.29 -23.88
C GLY D 32 24.94 -6.70 -25.13
N GLN D 33 24.79 -7.96 -25.55
CA GLN D 33 25.38 -8.41 -26.82
C GLN D 33 24.84 -7.65 -28.02
N LEU D 34 23.54 -7.40 -28.06
CA LEU D 34 22.97 -6.65 -29.19
C LEU D 34 23.50 -5.24 -29.25
N LEU D 35 23.56 -4.54 -28.12
CA LEU D 35 24.11 -3.20 -28.10
C LEU D 35 25.60 -3.17 -28.42
N THR D 36 26.35 -4.20 -28.00
CA THR D 36 27.76 -4.31 -28.36
C THR D 36 27.98 -4.56 -29.85
N ALA D 37 27.16 -5.41 -30.47
CA ALA D 37 27.28 -5.66 -31.90
C ALA D 37 26.90 -4.46 -32.76
N ARG D 38 26.16 -3.49 -32.22
CA ARG D 38 26.04 -2.18 -32.87
C ARG D 38 27.26 -1.30 -32.68
N GLY D 39 28.21 -1.67 -31.82
CA GLY D 39 29.42 -0.91 -31.62
C GLY D 39 29.47 -0.02 -30.41
N LEU D 40 28.55 -0.18 -29.46
CA LEU D 40 28.58 0.58 -28.21
C LEU D 40 29.42 -0.14 -27.14
N HIS D 41 30.06 0.65 -26.29
CA HIS D 41 30.80 0.16 -25.12
C HIS D 41 29.85 -0.06 -23.95
N VAL D 42 29.17 -1.20 -23.96
CA VAL D 42 28.32 -1.65 -22.86
C VAL D 42 29.14 -2.12 -21.65
N THR D 43 28.60 -1.90 -20.45
CA THR D 43 29.09 -2.55 -19.25
C THR D 43 27.89 -2.91 -18.37
N MET D 44 28.06 -3.91 -17.50
CA MET D 44 26.94 -4.46 -16.75
C MET D 44 27.26 -4.58 -15.26
N GLN D 45 26.21 -4.57 -14.44
CA GLN D 45 26.31 -4.67 -12.98
C GLN D 45 25.07 -5.41 -12.45
N LYS D 46 25.23 -6.13 -11.34
CA LYS D 46 24.09 -6.70 -10.63
C LYS D 46 24.00 -6.20 -9.19
N LEU D 47 22.78 -5.93 -8.74
CA LEU D 47 22.47 -5.64 -7.35
C LEU D 47 21.77 -6.85 -6.72
N ASP D 48 22.33 -7.40 -5.63
CA ASP D 48 21.72 -8.54 -4.95
C ASP D 48 21.05 -8.13 -3.64
N PRO D 49 19.73 -8.31 -3.51
CA PRO D 49 19.03 -7.88 -2.29
C PRO D 49 19.35 -8.68 -1.03
N TYR D 50 20.14 -9.74 -1.08
CA TYR D 50 20.44 -10.51 0.13
C TYR D 50 21.61 -9.93 0.94
N LEU D 51 21.65 -10.31 2.22
CA LEU D 51 22.55 -9.76 3.23
C LEU D 51 23.91 -10.43 3.32
N ASN D 52 24.12 -11.59 2.71
CA ASN D 52 25.46 -12.14 2.64
C ASN D 52 26.42 -11.18 1.96
N VAL D 53 27.58 -10.96 2.57
CA VAL D 53 28.50 -9.97 2.03
C VAL D 53 29.08 -10.46 0.70
N ASP D 54 29.22 -11.77 0.56
CA ASP D 54 29.52 -12.41 -0.73
C ASP D 54 29.05 -13.85 -0.65
N PRO D 55 28.88 -14.51 -1.79
CA PRO D 55 28.37 -15.89 -1.77
C PRO D 55 29.36 -16.93 -1.25
N GLY D 56 30.58 -16.54 -0.86
CA GLY D 56 31.53 -17.53 -0.39
C GLY D 56 31.12 -18.26 0.87
N THR D 57 30.03 -17.87 1.51
CA THR D 57 29.48 -18.57 2.66
C THR D 57 28.33 -19.50 2.30
N MET D 58 27.76 -19.36 1.11
CA MET D 58 26.60 -20.13 0.70
C MET D 58 27.01 -21.44 0.06
N ASN D 59 26.17 -22.44 0.19
CA ASN D 59 26.40 -23.73 -0.45
C ASN D 59 26.10 -23.63 -1.94
N PRO D 60 27.03 -24.04 -2.81
CA PRO D 60 26.80 -23.89 -4.25
C PRO D 60 25.81 -24.88 -4.81
N PHE D 61 25.63 -26.03 -4.18
CA PHE D 61 24.64 -26.99 -4.65
C PHE D 61 23.23 -26.49 -4.41
N GLN D 62 23.03 -25.67 -3.38
CA GLN D 62 21.73 -25.06 -3.13
C GLN D 62 21.55 -23.74 -3.85
N HIS D 63 22.62 -22.96 -4.06
CA HIS D 63 22.51 -21.59 -4.54
C HIS D 63 23.35 -21.28 -5.78
N GLY D 64 23.97 -22.27 -6.39
CA GLY D 64 24.80 -22.09 -7.56
C GLY D 64 26.23 -21.66 -7.27
N GLU D 65 27.06 -21.84 -8.31
CA GLU D 65 28.50 -21.56 -8.25
C GLU D 65 28.84 -20.15 -7.81
N VAL D 66 29.97 -20.02 -7.13
CA VAL D 66 30.64 -18.76 -6.91
C VAL D 66 31.48 -18.42 -8.15
N PHE D 67 31.23 -17.27 -8.76
CA PHE D 67 32.07 -16.76 -9.84
C PHE D 67 33.24 -15.98 -9.23
N VAL D 68 34.36 -15.94 -9.95
CA VAL D 68 35.55 -15.22 -9.51
C VAL D 68 36.04 -14.30 -10.62
N THR D 69 36.26 -13.04 -10.28
CA THR D 69 36.78 -12.02 -11.19
C THR D 69 38.30 -12.00 -11.19
N GLU D 70 38.87 -11.26 -12.14
CA GLU D 70 40.32 -11.16 -12.26
C GLU D 70 40.94 -10.59 -10.98
N ASP D 71 40.32 -9.57 -10.41
CA ASP D 71 40.75 -8.98 -9.15
C ASP D 71 40.41 -9.82 -7.94
N GLY D 72 39.79 -10.98 -8.11
CA GLY D 72 39.63 -11.92 -7.03
C GLY D 72 38.38 -11.77 -6.20
N ALA D 73 37.47 -10.85 -6.56
CA ALA D 73 36.20 -10.81 -5.85
C ALA D 73 35.38 -12.06 -6.14
N GLU D 74 34.55 -12.43 -5.19
CA GLU D 74 33.62 -13.55 -5.32
C GLU D 74 32.22 -13.01 -5.56
N THR D 75 31.55 -13.51 -6.60
CA THR D 75 30.33 -12.88 -7.08
C THR D 75 29.29 -13.93 -7.47
N ASP D 76 28.05 -13.45 -7.60
CA ASP D 76 26.95 -14.21 -8.19
C ASP D 76 27.29 -14.64 -9.62
N LEU D 77 26.68 -15.75 -10.05
CA LEU D 77 26.98 -16.34 -11.36
C LEU D 77 26.44 -15.52 -12.53
N ASP D 78 25.53 -14.57 -12.28
CA ASP D 78 25.10 -13.69 -13.35
C ASP D 78 26.25 -12.86 -13.89
N VAL D 79 27.24 -12.56 -13.06
CA VAL D 79 28.46 -11.93 -13.56
C VAL D 79 29.14 -12.84 -14.57
N GLY D 80 29.02 -14.15 -14.38
CA GLY D 80 29.49 -15.09 -15.39
C GLY D 80 28.73 -15.04 -16.69
N HIS D 81 27.40 -14.95 -16.62
CA HIS D 81 26.63 -14.73 -17.85
C HIS D 81 27.01 -13.44 -18.56
N TYR D 82 27.22 -12.36 -17.81
CA TYR D 82 27.65 -11.10 -18.41
C TYR D 82 29.00 -11.22 -19.09
N GLU D 83 29.99 -11.79 -18.40
CA GLU D 83 31.31 -12.01 -19.01
C GLU D 83 31.24 -12.88 -20.25
N ARG D 84 30.42 -13.93 -20.23
CA ARG D 84 30.30 -14.81 -21.40
C ARG D 84 29.64 -14.12 -22.59
N PHE D 85 28.57 -13.34 -22.37
CA PHE D 85 27.91 -12.70 -23.51
C PHE D 85 28.61 -11.42 -23.97
N LEU D 86 29.35 -10.75 -23.10
CA LEU D 86 30.10 -9.57 -23.50
C LEU D 86 31.50 -9.88 -24.00
N ASP D 87 32.08 -10.99 -23.56
CA ASP D 87 33.50 -11.27 -23.71
C ASP D 87 34.37 -10.12 -23.18
N ARG D 88 34.09 -9.73 -21.94
CA ARG D 88 34.74 -8.61 -21.27
C ARG D 88 35.01 -9.02 -19.82
N ASN D 89 36.16 -8.62 -19.28
CA ASN D 89 36.40 -8.77 -17.85
C ASN D 89 35.67 -7.69 -17.07
N LEU D 90 34.97 -8.11 -16.00
CA LEU D 90 34.22 -7.20 -15.15
C LEU D 90 34.86 -7.03 -13.78
N PRO D 91 34.84 -5.83 -13.20
CA PRO D 91 35.41 -5.64 -11.87
C PRO D 91 34.54 -6.25 -10.77
N GLY D 92 35.14 -6.38 -9.59
CA GLY D 92 34.39 -6.80 -8.42
C GLY D 92 33.24 -5.85 -8.08
N SER D 93 33.38 -4.58 -8.46
CA SER D 93 32.30 -3.61 -8.33
C SER D 93 30.99 -4.06 -8.94
N ALA D 94 31.04 -4.93 -9.95
CA ALA D 94 29.86 -5.35 -10.69
C ALA D 94 28.86 -6.17 -9.88
N ASN D 95 29.15 -6.54 -8.64
CA ASN D 95 28.14 -7.19 -7.78
C ASN D 95 28.07 -6.44 -6.46
N VAL D 96 27.09 -5.54 -6.34
CA VAL D 96 26.67 -4.98 -5.06
C VAL D 96 25.77 -5.97 -4.33
N THR D 97 25.77 -5.91 -2.98
CA THR D 97 24.75 -6.56 -2.18
C THR D 97 24.35 -5.66 -1.01
N THR D 98 23.18 -5.96 -0.42
CA THR D 98 22.77 -5.28 0.80
C THR D 98 23.74 -5.48 1.96
N GLY D 99 24.24 -6.71 2.11
CA GLY D 99 25.23 -7.01 3.11
C GLY D 99 26.43 -6.10 3.10
N GLN D 100 26.93 -5.79 1.90
CA GLN D 100 28.04 -4.86 1.73
C GLN D 100 27.64 -3.42 1.98
N VAL D 101 26.47 -2.99 1.50
CA VAL D 101 26.08 -1.59 1.62
C VAL D 101 25.87 -1.21 3.09
N TYR D 102 25.19 -2.08 3.85
CA TYR D 102 25.00 -1.84 5.27
C TYR D 102 26.32 -1.84 6.05
N SER D 103 27.13 -2.87 5.86
CA SER D 103 28.42 -2.92 6.52
C SER D 103 29.28 -1.68 6.22
N THR D 104 29.27 -1.20 4.98
CA THR D 104 29.98 0.03 4.64
C THR D 104 29.44 1.26 5.36
N VAL D 105 28.12 1.44 5.39
CA VAL D 105 27.54 2.61 6.06
C VAL D 105 27.74 2.54 7.57
N ILE D 106 27.60 1.36 8.17
CA ILE D 106 27.81 1.23 9.60
C ILE D 106 29.27 1.50 9.96
N ALA D 107 30.22 1.04 9.15
CA ALA D 107 31.62 1.36 9.38
C ALA D 107 31.92 2.86 9.26
N LYS D 108 31.35 3.54 8.27
CA LYS D 108 31.48 5.00 8.20
C LYS D 108 30.87 5.69 9.41
N GLU D 109 29.76 5.18 9.93
CA GLU D 109 29.16 5.73 11.14
C GLU D 109 30.07 5.58 12.36
N ARG D 110 30.62 4.39 12.58
CA ARG D 110 31.50 4.18 13.73
C ARG D 110 32.73 5.09 13.70
N ARG D 111 33.21 5.47 12.51
CA ARG D 111 34.30 6.43 12.39
C ARG D 111 33.88 7.90 12.47
N GLY D 112 32.61 8.20 12.67
CA GLY D 112 32.17 9.57 12.79
C GLY D 112 32.10 10.37 11.51
N GLU D 113 32.11 9.69 10.35
CA GLU D 113 32.16 10.39 9.07
C GLU D 113 30.86 11.09 8.71
N TYR D 114 29.76 10.84 9.40
CA TYR D 114 28.51 11.57 9.19
C TYR D 114 28.33 12.74 10.14
N LEU D 115 29.37 13.11 10.89
CA LEU D 115 29.44 14.40 11.57
C LEU D 115 28.30 14.64 12.54
N GLY D 116 27.85 13.58 13.22
CA GLY D 116 26.86 13.69 14.27
C GLY D 116 25.41 13.55 13.88
N ASP D 117 25.09 13.33 12.61
CA ASP D 117 23.71 13.07 12.25
C ASP D 117 23.27 11.70 12.74
N THR D 118 21.95 11.55 12.89
CA THR D 118 21.31 10.25 12.80
C THR D 118 21.48 9.68 11.39
N VAL D 119 21.84 8.40 11.31
CA VAL D 119 21.98 7.68 10.04
C VAL D 119 20.70 6.90 9.76
N GLN D 120 20.23 6.99 8.53
CA GLN D 120 18.89 6.54 8.15
C GLN D 120 18.98 5.79 6.83
N VAL D 121 17.96 4.98 6.55
CA VAL D 121 17.87 4.28 5.27
C VAL D 121 17.85 5.27 4.11
N ILE D 122 17.02 6.29 4.20
CA ILE D 122 17.09 7.45 3.33
C ILE D 122 17.46 8.65 4.20
N PRO D 123 18.53 9.38 3.88
CA PRO D 123 19.31 9.26 2.65
C PRO D 123 20.50 8.28 2.60
N HIS D 124 21.04 7.80 3.72
CA HIS D 124 22.39 7.25 3.72
C HIS D 124 22.53 5.90 3.01
N ILE D 125 21.60 4.96 3.20
CA ILE D 125 21.69 3.70 2.47
C ILE D 125 21.42 3.88 0.99
N THR D 126 20.46 4.74 0.63
CA THR D 126 20.20 4.96 -0.77
C THR D 126 21.31 5.75 -1.45
N ASP D 127 21.97 6.65 -0.71
CA ASP D 127 23.15 7.34 -1.24
C ASP D 127 24.30 6.39 -1.48
N GLU D 128 24.52 5.43 -0.59
CA GLU D 128 25.55 4.43 -0.86
C GLU D 128 25.22 3.56 -2.07
N ILE D 129 23.97 3.14 -2.22
CA ILE D 129 23.59 2.42 -3.44
C ILE D 129 23.77 3.27 -4.69
N LYS D 130 23.26 4.51 -4.68
CA LYS D 130 23.38 5.39 -5.83
C LYS D 130 24.83 5.70 -6.19
N ARG D 131 25.69 5.86 -5.18
CA ARG D 131 27.12 6.00 -5.41
C ARG D 131 27.74 4.77 -6.07
N ARG D 132 27.41 3.58 -5.56
CA ARG D 132 27.90 2.37 -6.20
C ARG D 132 27.34 2.15 -7.61
N ILE D 133 26.15 2.64 -7.92
CA ILE D 133 25.64 2.59 -9.28
C ILE D 133 26.43 3.52 -10.20
N LEU D 134 26.49 4.81 -9.86
CA LEU D 134 27.15 5.78 -10.73
C LEU D 134 28.66 5.58 -10.80
N ALA D 135 29.26 4.87 -9.85
CA ALA D 135 30.64 4.41 -9.99
C ALA D 135 30.89 3.63 -11.27
N MET D 136 29.94 2.80 -11.71
CA MET D 136 30.15 2.02 -12.92
C MET D 136 30.36 2.88 -14.16
N ALA D 137 29.88 4.11 -14.16
CA ALA D 137 29.99 5.02 -15.30
C ALA D 137 31.38 5.63 -15.45
N GLN D 138 32.29 5.43 -14.50
CA GLN D 138 33.58 6.11 -14.52
C GLN D 138 34.51 5.55 -15.59
N PRO D 139 35.44 6.38 -16.09
CA PRO D 139 36.38 5.92 -17.11
C PRO D 139 37.20 4.73 -16.67
N ASP D 140 37.35 3.76 -17.57
CA ASP D 140 37.99 2.50 -17.27
C ASP D 140 39.50 2.68 -17.11
N ALA D 141 40.18 1.56 -16.88
CA ALA D 141 41.63 1.57 -16.69
C ALA D 141 42.39 2.09 -17.90
N ASP D 142 41.74 2.18 -19.06
CA ASP D 142 42.33 2.80 -20.24
C ASP D 142 41.74 4.16 -20.58
N GLY D 143 40.79 4.64 -19.78
CA GLY D 143 40.22 5.95 -19.97
C GLY D 143 38.96 5.98 -20.79
N ASN D 144 38.40 4.83 -21.14
CA ASN D 144 37.19 4.77 -21.95
C ASN D 144 35.99 4.83 -21.02
N ARG D 145 35.15 5.83 -21.22
CA ARG D 145 33.86 5.87 -20.54
C ARG D 145 32.86 4.96 -21.26
N PRO D 146 32.14 4.11 -20.54
CA PRO D 146 31.13 3.27 -21.20
C PRO D 146 29.96 4.07 -21.74
N ASP D 147 29.38 3.58 -22.83
CA ASP D 147 28.20 4.20 -23.41
C ASP D 147 26.93 3.92 -22.60
N VAL D 148 26.74 2.66 -22.19
CA VAL D 148 25.60 2.25 -21.38
C VAL D 148 26.09 1.43 -20.19
N VAL D 149 25.51 1.69 -19.02
CA VAL D 149 25.56 0.77 -17.89
C VAL D 149 24.21 0.08 -17.76
N ILE D 150 24.21 -1.25 -17.82
CA ILE D 150 23.00 -2.07 -17.66
C ILE D 150 23.02 -2.67 -16.26
N THR D 151 22.44 -1.96 -15.29
CA THR D 151 22.27 -2.50 -13.94
C THR D 151 21.03 -3.39 -13.86
N GLU D 152 21.23 -4.67 -13.53
CA GLU D 152 20.13 -5.59 -13.27
C GLU D 152 19.81 -5.63 -11.78
N ILE D 153 18.56 -5.34 -11.45
CA ILE D 153 18.08 -5.31 -10.06
C ILE D 153 17.59 -6.70 -9.69
N GLY D 154 18.25 -7.33 -8.71
CA GLY D 154 17.83 -8.64 -8.26
C GLY D 154 16.52 -8.61 -7.49
N GLY D 155 15.97 -9.79 -7.29
CA GLY D 155 14.72 -9.99 -6.61
C GLY D 155 13.49 -9.64 -7.43
N THR D 156 12.36 -9.61 -6.74
CA THR D 156 11.05 -9.35 -7.32
C THR D 156 10.47 -8.05 -6.79
N VAL D 157 9.90 -7.25 -7.68
CA VAL D 157 9.22 -6.02 -7.28
C VAL D 157 8.15 -6.35 -6.25
N GLY D 158 8.30 -5.81 -5.05
CA GLY D 158 7.42 -6.05 -3.92
C GLY D 158 7.94 -7.03 -2.90
N ASP D 159 9.13 -7.60 -3.11
CA ASP D 159 9.96 -8.05 -2.00
C ASP D 159 10.41 -6.88 -1.14
N ILE D 160 10.42 -7.10 0.18
CA ILE D 160 10.81 -6.04 1.11
C ILE D 160 12.27 -5.65 0.88
N GLU D 161 13.12 -6.64 0.68
CA GLU D 161 14.56 -6.44 0.52
C GLU D 161 14.96 -5.66 -0.74
N SER D 162 14.12 -5.63 -1.76
CA SER D 162 14.40 -4.86 -2.97
C SER D 162 14.14 -3.35 -2.84
N GLN D 163 13.36 -2.90 -1.85
CA GLN D 163 12.87 -1.53 -1.80
C GLN D 163 13.91 -0.42 -1.68
N PRO D 164 15.12 -0.67 -1.19
CA PRO D 164 16.16 0.38 -1.29
C PRO D 164 16.82 0.50 -2.66
N PHE D 165 17.00 -0.61 -3.38
CA PHE D 165 17.62 -0.53 -4.70
C PHE D 165 16.69 0.12 -5.72
N LEU D 166 15.40 -0.18 -5.65
CA LEU D 166 14.42 0.49 -6.50
C LEU D 166 14.32 1.98 -6.19
N GLU D 167 14.40 2.36 -4.91
CA GLU D 167 14.42 3.77 -4.55
C GLU D 167 15.66 4.48 -5.05
N ALA D 168 16.83 3.85 -4.96
CA ALA D 168 18.04 4.43 -5.54
C ALA D 168 17.93 4.59 -7.05
N ALA D 169 17.37 3.60 -7.74
CA ALA D 169 17.16 3.73 -9.19
C ALA D 169 16.18 4.84 -9.55
N ARG D 170 15.10 4.98 -8.77
CA ARG D 170 14.21 6.13 -8.94
C ARG D 170 14.93 7.46 -8.77
N GLN D 171 15.79 7.57 -7.77
CA GLN D 171 16.56 8.81 -7.61
C GLN D 171 17.56 9.04 -8.74
N VAL D 172 18.16 7.99 -9.30
CA VAL D 172 19.00 8.17 -10.48
C VAL D 172 18.18 8.70 -11.66
N ARG D 173 16.99 8.15 -11.87
CA ARG D 173 16.06 8.66 -12.87
C ARG D 173 15.67 10.12 -12.63
N HIS D 174 15.50 10.51 -11.38
CA HIS D 174 15.21 11.90 -11.07
C HIS D 174 16.41 12.82 -11.32
N TYR D 175 17.61 12.36 -10.98
CA TYR D 175 18.81 13.17 -11.13
C TYR D 175 19.20 13.37 -12.60
N LEU D 176 19.21 12.30 -13.38
CA LEU D 176 19.69 12.40 -14.76
C LEU D 176 18.60 12.72 -15.78
N GLY D 177 17.34 12.45 -15.46
CA GLY D 177 16.22 12.67 -16.37
C GLY D 177 16.07 11.62 -17.44
N ARG D 178 14.86 11.58 -18.01
CA ARG D 178 14.44 10.51 -18.92
C ARG D 178 15.33 10.37 -20.14
N GLU D 179 15.99 11.45 -20.55
CA GLU D 179 16.87 11.36 -21.70
C GLU D 179 18.03 10.38 -21.50
N ASP D 180 18.40 10.11 -20.24
CA ASP D 180 19.54 9.26 -19.92
C ASP D 180 19.20 7.92 -19.32
N VAL D 181 17.96 7.67 -18.89
CA VAL D 181 17.62 6.52 -18.06
C VAL D 181 16.43 5.79 -18.67
N PHE D 182 16.50 4.46 -18.68
CA PHE D 182 15.51 3.57 -19.25
C PHE D 182 15.19 2.48 -18.24
N PHE D 183 13.92 2.15 -18.07
CA PHE D 183 13.49 1.02 -17.25
C PHE D 183 12.88 -0.10 -18.09
N LEU D 184 13.49 -1.28 -18.03
CA LEU D 184 12.98 -2.50 -18.66
C LEU D 184 12.45 -3.43 -17.57
N HIS D 185 11.17 -3.80 -17.66
CA HIS D 185 10.54 -4.70 -16.69
C HIS D 185 10.23 -6.06 -17.33
N VAL D 186 10.70 -7.13 -16.70
CA VAL D 186 10.47 -8.51 -17.14
C VAL D 186 9.32 -9.12 -16.35
N SER D 187 8.38 -9.76 -17.05
CA SER D 187 7.17 -10.29 -16.43
C SER D 187 6.78 -11.61 -17.06
N LEU D 188 5.98 -12.39 -16.33
CA LEU D 188 5.47 -13.69 -16.76
C LEU D 188 4.04 -13.61 -17.27
N VAL D 189 3.79 -14.19 -18.45
CA VAL D 189 2.45 -14.47 -18.96
C VAL D 189 2.12 -15.96 -18.83
N PRO D 190 1.37 -16.39 -17.82
CA PRO D 190 1.06 -17.81 -17.69
C PRO D 190 -0.02 -18.31 -18.64
N TYR D 191 0.08 -19.60 -18.97
CA TYR D 191 -0.91 -20.32 -19.76
C TYR D 191 -1.69 -21.28 -18.86
N LEU D 192 -3.02 -21.24 -18.96
CA LEU D 192 -3.90 -22.12 -18.18
C LEU D 192 -4.53 -23.14 -19.11
N ALA D 193 -4.13 -24.40 -18.97
CA ALA D 193 -4.49 -25.47 -19.91
C ALA D 193 -5.96 -25.86 -19.89
N PRO D 194 -6.62 -25.93 -18.72
CA PRO D 194 -8.02 -26.35 -18.73
C PRO D 194 -8.94 -25.43 -19.52
N SER D 195 -8.63 -24.14 -19.62
CA SER D 195 -9.44 -23.20 -20.37
C SER D 195 -8.70 -22.57 -21.54
N GLY D 196 -7.45 -22.94 -21.77
CA GLY D 196 -6.76 -22.63 -23.02
C GLY D 196 -6.47 -21.17 -23.29
N GLU D 197 -5.98 -20.43 -22.31
CA GLU D 197 -5.89 -18.99 -22.44
C GLU D 197 -4.64 -18.46 -21.72
N LEU D 198 -4.07 -17.41 -22.30
CA LEU D 198 -3.02 -16.62 -21.67
C LEU D 198 -3.62 -15.52 -20.79
N LYS D 199 -3.03 -15.32 -19.61
CA LYS D 199 -3.54 -14.36 -18.63
C LYS D 199 -2.58 -13.17 -18.49
N THR D 200 -3.13 -11.97 -18.63
CA THR D 200 -2.38 -10.72 -18.48
C THR D 200 -2.46 -10.11 -17.08
N LYS D 201 -3.34 -10.59 -16.22
CA LYS D 201 -3.52 -9.99 -14.89
C LYS D 201 -2.26 -9.95 -14.03
N PRO D 202 -1.40 -10.97 -13.96
CA PRO D 202 -0.15 -10.83 -13.20
C PRO D 202 0.75 -9.70 -13.67
N THR D 203 0.81 -9.44 -14.96
CA THR D 203 1.60 -8.33 -15.47
C THR D 203 0.98 -6.99 -15.08
N GLN D 204 -0.35 -6.89 -15.13
CA GLN D 204 -1.03 -5.69 -14.67
C GLN D 204 -0.72 -5.39 -13.21
N HIS D 205 -0.88 -6.38 -12.34
CA HIS D 205 -0.57 -6.17 -10.92
C HIS D 205 0.91 -5.87 -10.67
N SER D 206 1.82 -6.48 -11.44
CA SER D 206 3.24 -6.20 -11.25
C SER D 206 3.64 -4.80 -11.72
N VAL D 207 3.05 -4.33 -12.82
CA VAL D 207 3.28 -2.94 -13.22
C VAL D 207 2.60 -1.96 -12.27
N ALA D 208 1.46 -2.31 -11.69
CA ALA D 208 0.85 -1.46 -10.68
C ALA D 208 1.72 -1.34 -9.43
N ALA D 209 2.29 -2.45 -8.98
CA ALA D 209 3.28 -2.40 -7.90
C ALA D 209 4.47 -1.52 -8.24
N LEU D 210 5.00 -1.65 -9.44
CA LEU D 210 6.12 -0.80 -9.87
C LEU D 210 5.76 0.69 -9.94
N ARG D 211 4.54 1.01 -10.39
CA ARG D 211 4.05 2.39 -10.39
C ARG D 211 3.79 2.94 -8.99
N SER D 212 3.37 2.11 -8.04
CA SER D 212 3.15 2.60 -6.68
C SER D 212 4.42 3.04 -5.97
N ILE D 213 5.60 2.66 -6.45
CA ILE D 213 6.86 3.15 -5.91
C ILE D 213 7.52 4.20 -6.81
N GLY D 214 6.81 4.70 -7.80
CA GLY D 214 7.27 5.83 -8.59
C GLY D 214 8.10 5.53 -9.82
N ILE D 215 8.05 4.30 -10.34
CA ILE D 215 8.77 3.93 -11.54
C ILE D 215 7.76 3.67 -12.65
N THR D 216 8.01 4.21 -13.83
CA THR D 216 7.26 3.85 -15.03
C THR D 216 8.13 3.01 -15.95
N PRO D 217 7.74 1.79 -16.30
CA PRO D 217 8.51 1.01 -17.27
C PRO D 217 8.42 1.57 -18.69
N ASP D 218 9.58 1.61 -19.35
CA ASP D 218 9.64 1.97 -20.76
C ASP D 218 9.34 0.79 -21.70
N ALA D 219 9.62 -0.44 -21.28
CA ALA D 219 9.30 -1.61 -22.09
C ALA D 219 8.99 -2.79 -21.19
N LEU D 220 8.22 -3.75 -21.73
CA LEU D 220 7.89 -4.98 -21.04
C LEU D 220 8.41 -6.19 -21.81
N ILE D 221 9.18 -7.05 -21.14
CA ILE D 221 9.53 -8.38 -21.64
C ILE D 221 8.48 -9.35 -21.14
N LEU D 222 7.68 -9.91 -22.05
CA LEU D 222 6.64 -10.88 -21.72
C LEU D 222 7.20 -12.30 -21.90
N ARG D 223 7.59 -12.93 -20.80
CA ARG D 223 8.06 -14.31 -20.84
C ARG D 223 6.90 -15.28 -20.89
N CYS D 224 6.95 -16.23 -21.83
CA CYS D 224 5.81 -17.07 -22.14
C CYS D 224 6.34 -18.36 -22.76
N ASP D 225 5.56 -19.43 -22.64
CA ASP D 225 5.90 -20.68 -23.30
C ASP D 225 5.51 -20.70 -24.77
N ARG D 226 4.74 -19.72 -25.23
CA ARG D 226 4.26 -19.64 -26.61
C ARG D 226 4.15 -18.16 -26.98
N ASP D 227 4.15 -17.89 -28.27
CA ASP D 227 4.18 -16.51 -28.73
C ASP D 227 2.89 -15.78 -28.40
N VAL D 228 3.01 -14.64 -27.72
CA VAL D 228 1.84 -13.91 -27.22
C VAL D 228 1.07 -13.30 -28.38
N PRO D 229 -0.26 -13.47 -28.44
CA PRO D 229 -1.05 -12.82 -29.49
C PRO D 229 -0.96 -11.30 -29.46
N GLU D 230 -1.02 -10.70 -30.64
CA GLU D 230 -0.99 -9.24 -30.78
C GLU D 230 -2.13 -8.56 -30.05
N ALA D 231 -3.32 -9.17 -30.03
CA ALA D 231 -4.44 -8.62 -29.28
C ALA D 231 -4.13 -8.51 -27.79
N LEU D 232 -3.44 -9.50 -27.23
CA LEU D 232 -3.01 -9.41 -25.84
C LEU D 232 -1.95 -8.33 -25.64
N LYS D 233 -1.00 -8.21 -26.55
CA LYS D 233 -0.02 -7.14 -26.44
C LYS D 233 -0.66 -5.76 -26.47
N ASN D 234 -1.65 -5.58 -27.34
CA ASN D 234 -2.42 -4.34 -27.36
C ASN D 234 -3.18 -4.11 -26.05
N LYS D 235 -3.81 -5.15 -25.50
CA LYS D 235 -4.46 -5.02 -24.21
C LYS D 235 -3.48 -4.62 -23.10
N ILE D 236 -2.31 -5.26 -23.04
CA ILE D 236 -1.29 -4.89 -22.06
C ILE D 236 -0.86 -3.43 -22.24
N ALA D 237 -0.52 -3.05 -23.47
CA ALA D 237 -0.11 -1.67 -23.74
C ALA D 237 -1.16 -0.66 -23.30
N LEU D 238 -2.44 -0.97 -23.52
CA LEU D 238 -3.51 -0.08 -23.05
C LEU D 238 -3.65 -0.10 -21.53
N MET D 239 -3.62 -1.29 -20.93
CA MET D 239 -3.79 -1.40 -19.48
C MET D 239 -2.58 -0.91 -18.71
N CYS D 240 -1.38 -1.03 -19.26
CA CYS D 240 -0.15 -0.72 -18.54
C CYS D 240 0.42 0.66 -18.85
N ASP D 241 -0.18 1.41 -19.77
CA ASP D 241 0.37 2.68 -20.25
C ASP D 241 1.81 2.56 -20.76
N VAL D 242 2.03 1.57 -21.62
CA VAL D 242 3.33 1.34 -22.23
C VAL D 242 3.16 1.44 -23.74
N ASP D 243 4.14 2.04 -24.39
CA ASP D 243 4.18 2.07 -25.84
C ASP D 243 4.16 0.66 -26.41
N ILE D 244 3.24 0.43 -27.35
CA ILE D 244 3.10 -0.88 -27.98
C ILE D 244 4.42 -1.36 -28.59
N ASP D 245 5.26 -0.45 -29.05
CA ASP D 245 6.57 -0.84 -29.57
C ASP D 245 7.53 -1.29 -28.46
N GLY D 246 7.21 -1.03 -27.20
CA GLY D 246 7.90 -1.59 -26.06
C GLY D 246 7.36 -2.87 -25.46
N VAL D 247 6.27 -3.44 -25.98
CA VAL D 247 5.74 -4.71 -25.47
C VAL D 247 6.34 -5.85 -26.29
N ILE D 248 7.27 -6.59 -25.68
CA ILE D 248 8.15 -7.52 -26.37
C ILE D 248 7.72 -8.94 -25.99
N SER D 249 7.23 -9.70 -26.97
CA SER D 249 6.87 -11.10 -26.78
C SER D 249 8.13 -11.96 -26.77
N THR D 250 8.39 -12.66 -25.67
CA THR D 250 9.66 -13.35 -25.44
C THR D 250 9.43 -14.82 -25.08
N PRO D 251 8.97 -15.62 -26.04
CA PRO D 251 8.76 -17.05 -25.76
C PRO D 251 10.07 -17.79 -25.50
N ASP D 252 9.94 -18.92 -24.82
CA ASP D 252 11.09 -19.77 -24.51
C ASP D 252 11.87 -20.16 -25.76
N ALA D 253 13.14 -19.78 -25.81
CA ALA D 253 14.00 -20.09 -26.95
C ALA D 253 14.58 -21.51 -26.86
N PRO D 254 15.05 -22.06 -27.98
CA PRO D 254 15.65 -23.41 -27.92
C PRO D 254 16.92 -23.48 -27.10
N SER D 255 17.85 -22.54 -27.32
CA SER D 255 19.06 -22.41 -26.55
C SER D 255 19.22 -20.95 -26.14
N ILE D 256 20.06 -20.73 -25.12
CA ILE D 256 20.32 -19.36 -24.66
C ILE D 256 20.95 -18.51 -25.75
N TYR D 257 21.69 -19.12 -26.66
CA TYR D 257 22.33 -18.32 -27.72
C TYR D 257 21.32 -17.79 -28.74
N ASP D 258 20.11 -18.34 -28.77
CA ASP D 258 19.05 -17.79 -29.62
C ASP D 258 18.37 -16.55 -29.05
N ILE D 259 18.52 -16.25 -27.75
CA ILE D 259 17.78 -15.14 -27.17
C ILE D 259 18.09 -13.82 -27.84
N PRO D 260 19.32 -13.50 -28.22
CA PRO D 260 19.55 -12.30 -29.03
C PRO D 260 18.75 -12.24 -30.33
N LYS D 261 18.58 -13.38 -31.00
CA LYS D 261 17.76 -13.41 -32.21
C LYS D 261 16.30 -13.14 -31.91
N VAL D 262 15.77 -13.68 -30.82
CA VAL D 262 14.40 -13.37 -30.41
C VAL D 262 14.25 -11.87 -30.17
N LEU D 263 15.13 -11.29 -29.35
CA LEU D 263 15.01 -9.87 -29.03
C LEU D 263 15.19 -8.98 -30.25
N HIS D 264 16.08 -9.36 -31.18
CA HIS D 264 16.26 -8.58 -32.40
C HIS D 264 15.07 -8.70 -33.35
N ARG D 265 14.45 -9.87 -33.41
CA ARG D 265 13.22 -10.03 -34.17
C ARG D 265 12.12 -9.08 -33.67
N GLU D 266 11.97 -8.95 -32.36
CA GLU D 266 11.03 -7.99 -31.78
C GLU D 266 11.49 -6.54 -31.89
N GLU D 267 12.71 -6.28 -32.37
CA GLU D 267 13.28 -4.94 -32.47
C GLU D 267 13.39 -4.21 -31.13
N LEU D 268 13.63 -4.94 -30.04
CA LEU D 268 13.83 -4.28 -28.74
C LEU D 268 15.05 -3.38 -28.74
N ASP D 269 16.16 -3.84 -29.34
CA ASP D 269 17.38 -3.05 -29.36
C ASP D 269 17.22 -1.71 -30.09
N ALA D 270 16.53 -1.71 -31.23
CA ALA D 270 16.22 -0.47 -31.92
C ALA D 270 15.37 0.48 -31.07
N PHE D 271 14.36 -0.06 -30.40
CA PHE D 271 13.54 0.75 -29.50
C PHE D 271 14.38 1.38 -28.39
N VAL D 272 15.25 0.60 -27.74
CA VAL D 272 16.15 1.15 -26.73
C VAL D 272 17.05 2.24 -27.31
N VAL D 273 17.76 1.93 -28.40
CA VAL D 273 18.71 2.87 -28.98
C VAL D 273 18.03 4.18 -29.34
N ARG D 274 16.85 4.10 -29.97
CA ARG D 274 16.10 5.29 -30.33
C ARG D 274 15.63 6.05 -29.11
N ARG D 275 14.98 5.37 -28.17
CA ARG D 275 14.49 6.01 -26.96
C ARG D 275 15.61 6.57 -26.08
N LEU D 276 16.81 6.00 -26.13
CA LEU D 276 17.96 6.58 -25.44
C LEU D 276 18.76 7.54 -26.31
N ASN D 277 18.38 7.72 -27.57
CA ASN D 277 19.10 8.59 -28.51
C ASN D 277 20.56 8.20 -28.69
N LEU D 278 20.85 6.91 -28.67
CA LEU D 278 22.20 6.43 -28.89
C LEU D 278 22.55 6.44 -30.39
N PRO D 279 23.84 6.48 -30.74
CA PRO D 279 24.25 6.42 -32.14
C PRO D 279 23.80 5.14 -32.84
N PHE D 280 22.84 5.26 -33.76
CA PHE D 280 22.29 4.09 -34.44
C PHE D 280 23.25 3.54 -35.48
N ARG D 281 23.55 2.24 -35.36
CA ARG D 281 24.30 1.49 -36.36
C ARG D 281 23.78 0.07 -36.40
N ASP D 282 23.93 -0.59 -37.56
CA ASP D 282 23.42 -1.94 -37.73
C ASP D 282 24.21 -2.99 -36.92
N VAL D 283 23.49 -4.03 -36.51
CA VAL D 283 24.08 -5.19 -35.84
C VAL D 283 24.97 -5.95 -36.82
N ASP D 284 26.24 -6.14 -36.46
CA ASP D 284 27.12 -7.08 -37.16
C ASP D 284 26.90 -8.49 -36.62
N TRP D 285 26.16 -9.31 -37.36
CA TRP D 285 25.83 -10.69 -36.97
C TRP D 285 26.93 -11.73 -37.20
N THR D 286 28.07 -11.38 -37.80
CA THR D 286 28.97 -12.39 -38.35
C THR D 286 29.41 -13.43 -37.33
N GLU D 287 29.94 -12.97 -36.19
CA GLU D 287 30.43 -13.89 -35.16
C GLU D 287 29.30 -14.72 -34.56
N TRP D 288 28.16 -14.10 -34.29
CA TRP D 288 27.10 -14.85 -33.63
C TRP D 288 26.41 -15.78 -34.61
N ASP D 289 26.35 -15.43 -35.89
CA ASP D 289 25.91 -16.38 -36.90
C ASP D 289 26.83 -17.60 -37.00
N ASP D 290 28.14 -17.39 -36.82
CA ASP D 290 29.05 -18.54 -36.78
C ASP D 290 28.84 -19.41 -35.55
N LEU D 291 28.64 -18.78 -34.39
CA LEU D 291 28.28 -19.52 -33.20
C LEU D 291 27.01 -20.33 -33.39
N LEU D 292 25.94 -19.71 -33.90
CA LEU D 292 24.68 -20.41 -34.09
C LEU D 292 24.75 -21.52 -35.13
N ARG D 293 25.59 -21.37 -36.17
CA ARG D 293 25.92 -22.51 -37.01
C ARG D 293 26.48 -23.67 -36.20
N ARG D 294 27.57 -23.44 -35.47
CA ARG D 294 28.18 -24.54 -34.71
C ARG D 294 27.24 -25.12 -33.66
N VAL D 295 26.43 -24.28 -33.03
CA VAL D 295 25.44 -24.74 -32.04
C VAL D 295 24.39 -25.66 -32.69
N HIS D 296 23.81 -25.25 -33.80
CA HIS D 296 22.67 -25.97 -34.35
C HIS D 296 23.02 -27.05 -35.36
N GLU D 297 24.24 -27.08 -35.90
CA GLU D 297 24.63 -28.05 -36.92
C GLU D 297 25.87 -28.84 -36.51
N PRO D 298 25.78 -29.61 -35.43
CA PRO D 298 26.90 -30.48 -35.05
C PRO D 298 27.10 -31.61 -36.03
N HIS D 299 28.37 -31.86 -36.37
CA HIS D 299 28.75 -32.99 -37.21
C HIS D 299 28.92 -34.30 -36.44
N GLU D 300 29.23 -34.25 -35.15
CA GLU D 300 29.38 -35.46 -34.34
C GLU D 300 28.97 -35.16 -32.90
N THR D 301 29.24 -36.11 -32.01
CA THR D 301 28.65 -36.13 -30.68
C THR D 301 29.51 -37.00 -29.79
N VAL D 302 29.74 -36.53 -28.56
CA VAL D 302 30.61 -37.22 -27.62
C VAL D 302 30.00 -37.13 -26.22
N ARG D 303 30.25 -38.17 -25.41
CA ARG D 303 29.77 -38.25 -24.05
C ARG D 303 30.91 -38.00 -23.06
N ILE D 304 30.71 -37.05 -22.15
CA ILE D 304 31.70 -36.71 -21.13
C ILE D 304 31.05 -36.94 -19.77
N ALA D 305 31.73 -37.67 -18.90
CA ALA D 305 31.31 -37.79 -17.51
C ALA D 305 31.77 -36.58 -16.70
N LEU D 306 30.83 -35.88 -16.07
CA LEU D 306 31.14 -34.88 -15.06
C LEU D 306 30.95 -35.54 -13.70
N VAL D 307 32.04 -35.82 -13.00
CA VAL D 307 32.00 -36.59 -11.76
C VAL D 307 31.68 -35.65 -10.61
N GLY D 308 30.39 -35.45 -10.38
CA GLY D 308 29.89 -34.45 -9.45
C GLY D 308 29.24 -35.01 -8.20
N LYS D 309 28.33 -34.21 -7.64
CA LYS D 309 27.65 -34.53 -6.40
C LYS D 309 26.56 -35.57 -6.61
N TYR D 310 25.87 -35.53 -7.74
CA TYR D 310 24.64 -36.29 -7.93
C TYR D 310 24.45 -36.53 -9.42
N VAL D 311 23.54 -37.44 -9.73
CA VAL D 311 23.27 -37.87 -11.09
C VAL D 311 22.36 -36.91 -11.83
N GLU D 312 22.32 -35.64 -11.41
CA GLU D 312 21.49 -34.67 -12.10
C GLU D 312 22.25 -33.36 -12.26
N LEU D 313 21.79 -32.59 -13.25
CA LEU D 313 22.37 -31.28 -13.54
C LEU D 313 22.33 -30.37 -12.33
N SER D 314 23.43 -29.64 -12.12
CA SER D 314 23.57 -28.74 -10.99
C SER D 314 24.11 -27.40 -11.45
N ASP D 315 23.55 -26.31 -10.93
CA ASP D 315 24.12 -24.99 -11.12
C ASP D 315 25.46 -24.81 -10.43
N ALA D 316 25.84 -25.73 -9.55
CA ALA D 316 27.20 -25.76 -9.04
C ALA D 316 28.25 -25.92 -10.13
N TYR D 317 27.88 -26.43 -11.31
CA TYR D 317 28.82 -26.66 -12.40
C TYR D 317 28.37 -26.01 -13.71
N LEU D 318 27.64 -24.90 -13.60
CA LEU D 318 27.12 -24.23 -14.77
C LEU D 318 28.23 -23.74 -15.70
N SER D 319 29.26 -23.11 -15.15
CA SER D 319 30.39 -22.66 -15.96
C SER D 319 31.20 -23.82 -16.54
N VAL D 320 31.33 -24.93 -15.81
CA VAL D 320 32.01 -26.09 -16.35
C VAL D 320 31.26 -26.65 -17.55
N ALA D 321 29.94 -26.80 -17.42
CA ALA D 321 29.13 -27.28 -18.54
C ALA D 321 29.18 -26.35 -19.74
N GLU D 322 29.11 -25.04 -19.53
CA GLU D 322 29.26 -24.09 -20.63
C GLU D 322 30.63 -24.18 -21.29
N ALA D 323 31.69 -24.37 -20.51
CA ALA D 323 33.02 -24.50 -21.07
C ALA D 323 33.19 -25.79 -21.87
N LEU D 324 32.59 -26.89 -21.41
CA LEU D 324 32.57 -28.12 -22.20
C LEU D 324 31.82 -27.96 -23.52
N ARG D 325 30.65 -27.34 -23.49
CA ARG D 325 29.94 -27.05 -24.72
C ARG D 325 30.74 -26.16 -25.68
N ALA D 326 31.37 -25.10 -25.18
CA ALA D 326 32.23 -24.28 -26.05
C ALA D 326 33.40 -25.06 -26.64
N GLY D 327 34.01 -25.95 -25.84
CA GLY D 327 34.98 -26.87 -26.41
C GLY D 327 34.43 -27.70 -27.54
N GLY D 328 33.22 -28.22 -27.36
CA GLY D 328 32.52 -28.88 -28.45
C GLY D 328 32.35 -28.00 -29.68
N PHE D 329 31.88 -26.77 -29.47
CA PHE D 329 31.66 -25.85 -30.60
C PHE D 329 32.93 -25.65 -31.40
N LYS D 330 34.07 -25.63 -30.73
CA LYS D 330 35.33 -25.49 -31.47
C LYS D 330 35.55 -26.64 -32.45
N HIS D 331 35.18 -27.85 -32.06
CA HIS D 331 35.30 -29.02 -32.91
C HIS D 331 34.08 -29.30 -33.77
N ARG D 332 33.02 -28.50 -33.65
CA ARG D 332 31.71 -28.83 -34.21
C ARG D 332 31.19 -30.18 -33.74
N ALA D 333 31.56 -30.59 -32.54
CA ALA D 333 30.90 -31.72 -31.88
C ALA D 333 29.73 -31.22 -31.04
N LYS D 334 28.76 -32.12 -30.82
CA LYS D 334 27.93 -32.05 -29.62
C LYS D 334 28.70 -32.62 -28.44
N VAL D 335 28.49 -32.05 -27.26
CA VAL D 335 28.90 -32.66 -25.99
C VAL D 335 27.65 -32.99 -25.19
N GLU D 336 27.52 -34.25 -24.79
CA GLU D 336 26.46 -34.69 -23.88
C GLU D 336 27.09 -35.03 -22.54
N ILE D 337 26.56 -34.44 -21.47
CA ILE D 337 27.18 -34.53 -20.15
C ILE D 337 26.46 -35.61 -19.36
N CYS D 338 27.21 -36.65 -18.99
CA CYS D 338 26.74 -37.69 -18.09
C CYS D 338 27.01 -37.27 -16.64
N TRP D 339 25.95 -36.88 -15.93
CA TRP D 339 26.08 -36.49 -14.52
C TRP D 339 26.24 -37.76 -13.68
N VAL D 340 27.44 -37.96 -13.14
CA VAL D 340 27.81 -39.18 -12.43
C VAL D 340 28.10 -38.81 -10.98
N ALA D 341 27.39 -39.45 -10.06
CA ALA D 341 27.63 -39.25 -8.64
C ALA D 341 28.94 -39.90 -8.21
N SER D 342 29.77 -39.14 -7.51
CA SER D 342 31.07 -39.62 -7.08
C SER D 342 30.97 -40.90 -6.26
N ASP D 343 29.93 -41.01 -5.43
CA ASP D 343 29.91 -42.07 -4.43
C ASP D 343 29.67 -43.44 -5.03
N GLY D 344 28.98 -43.51 -6.17
CA GLY D 344 28.88 -44.76 -6.89
C GLY D 344 30.18 -45.22 -7.54
N CYS D 345 31.20 -44.37 -7.57
CA CYS D 345 32.47 -44.70 -8.19
C CYS D 345 33.55 -45.06 -7.19
N GLU D 346 33.20 -45.23 -5.92
CA GLU D 346 34.18 -45.64 -4.92
C GLU D 346 34.64 -47.09 -5.12
N THR D 347 33.71 -47.98 -5.47
CA THR D 347 34.08 -49.34 -5.85
C THR D 347 34.38 -49.41 -7.34
N THR D 348 35.36 -50.25 -7.69
CA THR D 348 35.78 -50.39 -9.08
C THR D 348 34.67 -50.90 -9.97
N SER D 349 33.81 -51.78 -9.46
CA SER D 349 32.66 -52.23 -10.25
C SER D 349 31.63 -51.11 -10.39
N GLY D 350 31.41 -50.35 -9.32
CA GLY D 350 30.54 -49.19 -9.42
C GLY D 350 31.10 -48.12 -10.34
N ALA D 351 32.42 -47.89 -10.27
CA ALA D 351 33.06 -47.00 -11.22
C ALA D 351 32.88 -47.48 -12.65
N ALA D 352 33.11 -48.77 -12.90
CA ALA D 352 32.94 -49.31 -14.25
C ALA D 352 31.51 -49.15 -14.74
N ALA D 353 30.53 -49.34 -13.84
CA ALA D 353 29.14 -49.13 -14.21
C ALA D 353 28.83 -47.67 -14.52
N ALA D 354 29.42 -46.74 -13.76
CA ALA D 354 29.15 -45.32 -13.98
C ALA D 354 29.83 -44.79 -15.24
N LEU D 355 31.06 -45.24 -15.54
CA LEU D 355 31.89 -44.58 -16.52
C LEU D 355 32.11 -45.37 -17.81
N GLY D 356 31.82 -46.66 -17.83
CA GLY D 356 32.28 -47.47 -18.95
C GLY D 356 31.77 -47.01 -20.31
N ASP D 357 30.61 -46.35 -20.34
CA ASP D 357 30.04 -45.92 -21.61
C ASP D 357 30.52 -44.55 -22.09
N VAL D 358 31.20 -43.78 -21.25
CA VAL D 358 31.57 -42.41 -21.61
C VAL D 358 32.90 -42.39 -22.36
N HIS D 359 33.28 -41.21 -22.84
CA HIS D 359 34.48 -41.03 -23.64
C HIS D 359 35.52 -40.12 -22.97
N GLY D 360 35.17 -39.49 -21.86
CA GLY D 360 36.13 -38.74 -21.08
C GLY D 360 35.54 -38.43 -19.72
N VAL D 361 36.42 -38.20 -18.75
CA VAL D 361 36.01 -37.94 -17.38
C VAL D 361 36.52 -36.56 -16.96
N LEU D 362 35.60 -35.70 -16.53
CA LEU D 362 35.95 -34.40 -15.98
C LEU D 362 35.72 -34.45 -14.47
N ILE D 363 36.75 -34.12 -13.71
CA ILE D 363 36.68 -34.06 -12.25
C ILE D 363 36.65 -32.60 -11.83
N PRO D 364 35.49 -32.06 -11.48
CA PRO D 364 35.44 -30.67 -11.03
C PRO D 364 35.72 -30.53 -9.54
N GLY D 365 36.16 -29.34 -9.18
CA GLY D 365 36.34 -28.97 -7.79
C GLY D 365 35.42 -27.85 -7.35
N GLY D 366 35.66 -27.36 -6.16
CA GLY D 366 34.87 -26.30 -5.57
C GLY D 366 34.92 -26.42 -4.06
N PHE D 367 33.88 -25.90 -3.42
CA PHE D 367 33.70 -26.04 -1.99
C PHE D 367 32.33 -26.63 -1.74
N GLY D 368 32.15 -27.19 -0.54
CA GLY D 368 30.90 -27.85 -0.23
C GLY D 368 30.82 -29.30 -0.63
N ILE D 369 31.95 -30.00 -0.74
CA ILE D 369 31.95 -31.41 -1.11
C ILE D 369 32.73 -32.21 -0.08
N ARG D 370 32.34 -33.48 0.06
CA ARG D 370 33.16 -34.51 0.69
C ARG D 370 33.02 -35.77 -0.13
N GLY D 371 33.91 -36.74 0.09
CA GLY D 371 33.82 -38.00 -0.60
C GLY D 371 34.80 -38.18 -1.73
N ILE D 372 35.98 -37.58 -1.65
CA ILE D 372 36.97 -37.65 -2.72
C ILE D 372 37.58 -39.04 -2.90
N GLU D 373 37.32 -39.98 -2.01
CA GLU D 373 37.62 -41.38 -2.31
C GLU D 373 36.97 -41.85 -3.61
N GLY D 374 35.72 -41.47 -3.85
CA GLY D 374 35.08 -41.79 -5.12
C GLY D 374 35.60 -41.00 -6.31
N LYS D 375 36.09 -39.80 -6.08
CA LYS D 375 36.79 -39.09 -7.15
C LYS D 375 38.09 -39.79 -7.53
N ILE D 376 38.96 -40.07 -6.55
CA ILE D 376 40.15 -40.84 -6.90
C ILE D 376 39.75 -42.14 -7.56
N GLY D 377 38.63 -42.75 -7.13
CA GLY D 377 38.31 -44.07 -7.64
C GLY D 377 37.88 -44.03 -9.09
N ALA D 378 37.24 -42.92 -9.50
CA ALA D 378 36.99 -42.66 -10.91
C ALA D 378 38.26 -42.36 -11.69
N ILE D 379 39.26 -41.72 -11.07
CA ILE D 379 40.50 -41.50 -11.79
C ILE D 379 41.21 -42.84 -12.02
N ALA D 380 41.33 -43.62 -10.95
CA ALA D 380 41.90 -44.95 -11.01
C ALA D 380 41.24 -45.83 -12.07
N TYR D 381 39.92 -45.78 -12.18
CA TYR D 381 39.27 -46.47 -13.31
C TYR D 381 39.66 -45.85 -14.65
N ALA D 382 39.50 -44.55 -14.81
CA ALA D 382 39.74 -43.92 -16.12
C ALA D 382 41.14 -44.23 -16.65
N ARG D 383 42.15 -44.19 -15.78
CA ARG D 383 43.52 -44.52 -16.19
C ARG D 383 43.63 -45.96 -16.70
N ALA D 384 43.03 -46.92 -16.00
CA ALA D 384 43.07 -48.29 -16.47
C ALA D 384 42.30 -48.47 -17.78
N ARG D 385 41.15 -47.81 -17.91
CA ARG D 385 40.35 -47.89 -19.11
C ARG D 385 40.96 -47.11 -20.27
N GLY D 386 41.90 -46.21 -20.00
CA GLY D 386 42.49 -45.37 -21.03
C GLY D 386 41.69 -44.15 -21.41
N LEU D 387 40.73 -43.74 -20.58
CA LEU D 387 39.94 -42.54 -20.85
C LEU D 387 40.73 -41.29 -20.50
N PRO D 388 40.61 -40.22 -21.29
CA PRO D 388 41.23 -38.95 -20.91
C PRO D 388 40.55 -38.31 -19.70
N VAL D 389 41.34 -37.58 -18.92
CA VAL D 389 40.89 -36.94 -17.69
C VAL D 389 41.34 -35.49 -17.70
N LEU D 390 40.43 -34.58 -17.38
CA LEU D 390 40.75 -33.20 -17.03
C LEU D 390 40.35 -32.96 -15.59
N GLY D 391 41.31 -32.55 -14.76
CA GLY D 391 41.08 -32.28 -13.35
C GLY D 391 41.20 -30.82 -13.01
N LEU D 392 40.17 -30.23 -12.42
CA LEU D 392 40.17 -28.81 -12.09
C LEU D 392 40.28 -28.62 -10.58
N CYS D 393 41.32 -27.92 -10.15
CA CYS D 393 41.61 -27.69 -8.73
C CYS D 393 41.62 -28.96 -7.88
N LEU D 394 40.56 -29.19 -7.10
CA LEU D 394 40.38 -30.45 -6.39
C LEU D 394 40.58 -31.63 -7.33
N GLY D 395 40.22 -31.50 -8.61
CA GLY D 395 40.51 -32.56 -9.56
C GLY D 395 41.99 -32.88 -9.65
N LEU D 396 42.84 -31.86 -9.77
CA LEU D 396 44.28 -32.07 -9.70
C LEU D 396 44.68 -32.72 -8.39
N GLN D 397 44.10 -32.28 -7.28
CA GLN D 397 44.48 -32.85 -6.00
C GLN D 397 44.17 -34.34 -5.93
N CYS D 398 43.02 -34.74 -6.46
CA CYS D 398 42.70 -36.17 -6.54
C CYS D 398 43.63 -36.91 -7.50
N ILE D 399 44.03 -36.28 -8.61
CA ILE D 399 44.98 -36.93 -9.52
C ILE D 399 46.29 -37.20 -8.79
N VAL D 400 46.76 -36.22 -8.01
CA VAL D 400 48.05 -36.35 -7.36
C VAL D 400 47.98 -37.31 -6.18
N ILE D 401 46.81 -37.48 -5.58
CA ILE D 401 46.69 -38.48 -4.51
C ILE D 401 46.55 -39.89 -5.08
N GLU D 402 45.80 -40.06 -6.16
CA GLU D 402 45.92 -41.26 -6.98
C GLU D 402 47.36 -41.65 -7.27
N ALA D 403 48.15 -40.71 -7.79
CA ALA D 403 49.55 -41.02 -8.07
C ALA D 403 50.35 -41.32 -6.80
N ALA D 404 50.06 -40.64 -5.70
CA ALA D 404 50.68 -41.03 -4.44
C ALA D 404 50.35 -42.49 -4.10
N ARG D 405 49.10 -42.89 -4.26
CA ARG D 405 48.61 -44.24 -4.10
C ARG D 405 48.97 -45.16 -5.23
N SER D 406 49.88 -44.77 -6.11
CA SER D 406 50.30 -45.61 -7.22
C SER D 406 51.76 -46.04 -7.15
N VAL D 407 52.44 -45.83 -6.02
CA VAL D 407 53.90 -45.82 -5.96
C VAL D 407 54.34 -46.40 -4.61
N GLY D 408 53.90 -45.81 -3.50
CA GLY D 408 53.98 -46.54 -2.24
C GLY D 408 53.05 -46.03 -1.16
N LEU D 409 52.31 -44.97 -1.46
CA LEU D 409 51.84 -44.03 -0.44
C LEU D 409 50.35 -44.28 -0.25
N THR D 410 50.04 -45.51 0.13
CA THR D 410 48.69 -46.05 0.06
C THR D 410 47.72 -45.38 1.04
N ASN D 411 48.24 -44.75 2.09
CA ASN D 411 47.39 -43.96 2.99
C ASN D 411 47.47 -42.46 2.72
N ALA D 412 48.06 -42.06 1.60
CA ALA D 412 48.24 -40.64 1.33
C ALA D 412 46.88 -39.98 1.08
N ASN D 413 46.79 -38.70 1.44
CA ASN D 413 45.57 -37.93 1.23
C ASN D 413 45.94 -36.46 1.21
N SER D 414 44.92 -35.60 1.12
CA SER D 414 45.07 -34.24 1.62
C SER D 414 44.91 -34.19 3.13
N ALA D 415 45.67 -33.27 3.74
CA ALA D 415 45.42 -32.84 5.11
C ALA D 415 44.01 -32.28 5.32
N GLU D 416 43.37 -31.81 4.26
CA GLU D 416 41.97 -31.38 4.37
C GLU D 416 41.02 -32.55 4.58
N PHE D 417 41.32 -33.70 4.02
CA PHE D 417 40.34 -34.78 3.94
C PHE D 417 40.66 -35.96 4.83
N ASP D 418 41.90 -36.10 5.30
CA ASP D 418 42.22 -36.95 6.44
C ASP D 418 43.26 -36.22 7.28
N PRO D 419 42.83 -35.48 8.30
CA PRO D 419 43.79 -34.73 9.12
C PRO D 419 44.83 -35.58 9.82
N ASP D 420 44.62 -36.90 9.92
CA ASP D 420 45.57 -37.82 10.53
C ASP D 420 46.38 -38.60 9.52
N THR D 421 46.26 -38.30 8.24
CA THR D 421 46.99 -39.06 7.23
C THR D 421 48.49 -39.00 7.52
N PRO D 422 49.20 -40.14 7.50
CA PRO D 422 50.66 -40.10 7.64
C PRO D 422 51.38 -39.53 6.43
N ASP D 423 50.72 -39.38 5.29
CA ASP D 423 51.31 -38.75 4.10
C ASP D 423 50.37 -37.67 3.56
N PRO D 424 50.42 -36.46 4.14
CA PRO D 424 49.71 -35.30 3.57
C PRO D 424 50.41 -34.74 2.32
N VAL D 425 50.18 -35.40 1.19
CA VAL D 425 50.72 -34.93 -0.08
C VAL D 425 50.05 -33.65 -0.56
N ILE D 426 48.84 -33.35 -0.09
CA ILE D 426 48.23 -32.04 -0.27
C ILE D 426 48.11 -31.37 1.08
N ALA D 427 48.60 -30.13 1.16
CA ALA D 427 48.79 -29.46 2.44
C ALA D 427 48.68 -27.97 2.24
N THR D 428 48.38 -27.26 3.32
CA THR D 428 48.45 -25.80 3.33
C THR D 428 49.91 -25.35 3.32
N MET D 429 50.30 -24.63 2.28
CA MET D 429 51.69 -24.25 2.08
C MET D 429 52.14 -23.28 3.17
N GLY D 443 44.87 -21.91 8.32
CA GLY D 443 44.26 -22.32 7.06
C GLY D 443 45.06 -21.89 5.84
N GLY D 444 46.19 -21.24 6.08
CA GLY D 444 47.02 -20.77 4.99
C GLY D 444 46.40 -19.66 4.18
N THR D 445 47.17 -19.11 3.23
CA THR D 445 46.66 -18.11 2.31
C THR D 445 45.66 -18.72 1.35
N MET D 446 44.46 -18.14 1.29
CA MET D 446 43.56 -18.35 0.17
C MET D 446 44.06 -17.53 -1.02
N ARG D 447 44.51 -18.21 -2.07
CA ARG D 447 44.82 -17.58 -3.34
C ARG D 447 43.52 -17.26 -4.08
N LEU D 448 43.37 -16.00 -4.50
CA LEU D 448 42.16 -15.54 -5.15
C LEU D 448 42.49 -14.69 -6.37
N GLY D 449 41.79 -14.93 -7.46
CA GLY D 449 41.97 -14.19 -8.68
C GLY D 449 43.13 -14.69 -9.52
N SER D 450 43.58 -13.81 -10.42
CA SER D 450 44.60 -14.16 -11.39
C SER D 450 45.98 -14.27 -10.76
N TYR D 451 46.71 -15.32 -11.15
CA TYR D 451 48.14 -15.45 -10.88
C TYR D 451 48.83 -15.96 -12.13
N PRO D 452 50.07 -15.54 -12.38
CA PRO D 452 50.82 -16.05 -13.54
C PRO D 452 51.46 -17.42 -13.28
N ALA D 453 51.69 -18.14 -14.37
CA ALA D 453 52.39 -19.43 -14.32
C ALA D 453 53.24 -19.59 -15.56
N VAL D 454 54.32 -20.37 -15.43
CA VAL D 454 55.24 -20.69 -16.53
C VAL D 454 55.15 -22.19 -16.83
N LEU D 455 55.20 -22.54 -18.12
CA LEU D 455 54.91 -23.90 -18.55
C LEU D 455 56.13 -24.56 -19.18
N GLU D 456 56.23 -25.86 -18.96
CA GLU D 456 57.30 -26.66 -19.55
C GLU D 456 57.17 -26.66 -21.08
N PRO D 457 58.23 -26.35 -21.82
CA PRO D 457 58.18 -26.47 -23.28
C PRO D 457 57.90 -27.88 -23.76
N ASP D 458 56.99 -28.00 -24.72
CA ASP D 458 56.45 -29.26 -25.24
C ASP D 458 55.84 -30.15 -24.17
N SER D 459 55.46 -29.60 -23.02
CA SER D 459 54.41 -30.20 -22.22
C SER D 459 53.14 -30.35 -23.06
N VAL D 460 52.28 -31.29 -22.67
CA VAL D 460 50.92 -31.34 -23.22
C VAL D 460 50.15 -30.06 -22.94
N VAL D 461 50.42 -29.40 -21.81
CA VAL D 461 49.79 -28.12 -21.54
C VAL D 461 50.29 -27.06 -22.52
N ALA D 462 51.60 -26.98 -22.72
CA ALA D 462 52.13 -26.01 -23.67
C ALA D 462 51.65 -26.28 -25.09
N GLN D 463 51.46 -27.55 -25.45
CA GLN D 463 50.88 -27.85 -26.76
C GLN D 463 49.42 -27.43 -26.83
N ALA D 464 48.69 -27.48 -25.72
CA ALA D 464 47.33 -26.95 -25.71
C ALA D 464 47.33 -25.42 -25.85
N TYR D 465 48.03 -24.72 -24.96
CA TYR D 465 47.97 -23.26 -24.95
C TYR D 465 48.71 -22.63 -26.11
N GLN D 466 49.70 -23.32 -26.67
CA GLN D 466 50.61 -22.75 -27.66
C GLN D 466 51.29 -21.50 -27.12
N THR D 467 51.64 -21.53 -25.84
CA THR D 467 52.47 -20.51 -25.22
C THR D 467 53.17 -21.13 -24.02
N THR D 468 54.30 -20.55 -23.64
CA THR D 468 54.97 -20.91 -22.39
C THR D 468 54.54 -20.09 -21.19
N GLN D 469 53.78 -19.01 -21.37
CA GLN D 469 53.33 -18.20 -20.24
C GLN D 469 51.83 -17.99 -20.30
N VAL D 470 51.17 -18.18 -19.16
CA VAL D 470 49.72 -18.15 -19.03
C VAL D 470 49.38 -17.50 -17.71
N SER D 471 48.11 -17.12 -17.56
CA SER D 471 47.53 -16.80 -16.27
C SER D 471 46.14 -17.41 -16.15
N GLU D 472 45.76 -17.73 -14.92
CA GLU D 472 44.49 -18.38 -14.63
C GLU D 472 43.95 -17.80 -13.33
N ARG D 473 42.66 -17.99 -13.09
CA ARG D 473 42.00 -17.51 -11.89
C ARG D 473 41.94 -18.60 -10.82
N HIS D 474 42.32 -18.25 -9.60
CA HIS D 474 42.46 -19.20 -8.51
C HIS D 474 41.45 -18.93 -7.39
N ARG D 475 41.09 -20.01 -6.69
CA ARG D 475 40.28 -19.93 -5.48
C ARG D 475 40.51 -21.17 -4.63
N HIS D 476 41.66 -21.24 -3.96
CA HIS D 476 42.03 -22.41 -3.19
C HIS D 476 43.08 -22.02 -2.16
N ARG D 477 43.23 -22.88 -1.15
CA ARG D 477 44.20 -22.65 -0.09
C ARG D 477 45.12 -23.83 0.24
N TYR D 478 44.84 -25.03 -0.25
CA TYR D 478 45.80 -26.13 -0.20
C TYR D 478 46.65 -26.23 -1.46
N GLU D 479 47.80 -26.87 -1.32
CA GLU D 479 48.81 -26.97 -2.37
C GLU D 479 49.41 -28.37 -2.40
N VAL D 480 50.04 -28.69 -3.53
CA VAL D 480 50.90 -29.87 -3.61
C VAL D 480 52.10 -29.71 -2.68
N ASN D 481 52.31 -30.71 -1.82
CA ASN D 481 53.44 -30.70 -0.89
C ASN D 481 54.73 -30.93 -1.66
N ASN D 482 55.60 -29.92 -1.68
CA ASN D 482 56.85 -30.00 -2.42
C ASN D 482 57.77 -31.12 -1.94
N ALA D 483 57.56 -31.61 -0.72
CA ALA D 483 58.34 -32.74 -0.21
C ALA D 483 58.11 -34.04 -0.97
N TYR D 484 57.02 -34.16 -1.72
CA TYR D 484 56.70 -35.40 -2.42
C TYR D 484 56.89 -35.33 -3.93
N ARG D 485 57.37 -34.20 -4.47
CA ARG D 485 57.52 -34.10 -5.92
C ARG D 485 58.32 -35.25 -6.51
N ASP D 486 59.52 -35.50 -5.96
CA ASP D 486 60.37 -36.56 -6.48
C ASP D 486 59.72 -37.93 -6.32
N LYS D 487 59.06 -38.18 -5.19
CA LYS D 487 58.40 -39.46 -4.99
C LYS D 487 57.33 -39.70 -6.04
N ILE D 488 56.47 -38.70 -6.28
CA ILE D 488 55.30 -38.93 -7.14
C ILE D 488 55.64 -38.77 -8.61
N ALA D 489 56.74 -38.07 -8.94
CA ALA D 489 57.26 -38.15 -10.29
C ALA D 489 57.53 -39.59 -10.72
N GLU D 490 57.84 -40.48 -9.78
CA GLU D 490 57.98 -41.89 -10.14
C GLU D 490 56.67 -42.53 -10.56
N SER D 491 55.52 -41.89 -10.32
CA SER D 491 54.29 -42.32 -10.95
C SER D 491 54.36 -42.15 -12.45
N GLY D 492 55.21 -41.25 -12.92
CA GLY D 492 55.27 -40.82 -14.30
C GLY D 492 54.84 -39.39 -14.48
N LEU D 493 54.16 -38.85 -13.48
CA LEU D 493 53.56 -37.52 -13.55
C LEU D 493 54.63 -36.45 -13.68
N ARG D 494 54.40 -35.49 -14.57
CA ARG D 494 55.28 -34.33 -14.71
C ARG D 494 54.61 -33.10 -14.10
N PHE D 495 55.41 -32.29 -13.42
CA PHE D 495 54.99 -30.97 -12.94
C PHE D 495 55.24 -29.93 -14.04
N SER D 496 54.47 -30.06 -15.10
CA SER D 496 54.69 -29.30 -16.34
C SER D 496 54.31 -27.83 -16.24
N GLY D 497 53.93 -27.32 -15.07
CA GLY D 497 53.83 -25.88 -14.91
C GLY D 497 53.85 -25.48 -13.46
N THR D 498 54.41 -24.31 -13.20
CA THR D 498 54.66 -23.83 -11.85
C THR D 498 54.44 -22.32 -11.81
N SER D 499 54.43 -21.76 -10.62
CA SER D 499 54.70 -20.34 -10.43
C SER D 499 56.01 -19.95 -11.11
N PRO D 500 56.18 -18.68 -11.47
CA PRO D 500 57.44 -18.28 -12.12
C PRO D 500 58.67 -18.51 -11.25
N ASP D 501 58.52 -18.53 -9.94
CA ASP D 501 59.60 -18.93 -9.04
C ASP D 501 59.71 -20.44 -8.87
N GLY D 502 58.78 -21.21 -9.43
CA GLY D 502 58.76 -22.64 -9.25
C GLY D 502 58.21 -23.13 -7.93
N HIS D 503 57.89 -22.21 -7.00
CA HIS D 503 57.51 -22.62 -5.66
C HIS D 503 56.21 -23.39 -5.63
N LEU D 504 55.26 -23.06 -6.52
CA LEU D 504 53.94 -23.68 -6.56
C LEU D 504 53.75 -24.49 -7.83
N VAL D 505 53.28 -25.73 -7.67
CA VAL D 505 52.79 -26.54 -8.79
C VAL D 505 51.47 -25.97 -9.29
N GLU D 506 51.42 -25.63 -10.58
CA GLU D 506 50.21 -25.12 -11.21
C GLU D 506 49.56 -26.10 -12.18
N PHE D 507 50.33 -26.99 -12.83
CA PHE D 507 49.80 -27.98 -13.76
C PHE D 507 50.52 -29.30 -13.60
N VAL D 508 49.79 -30.40 -13.77
CA VAL D 508 50.36 -31.75 -13.75
C VAL D 508 49.83 -32.51 -14.96
N GLU D 509 50.68 -33.38 -15.51
CA GLU D 509 50.29 -34.20 -16.65
C GLU D 509 51.05 -35.51 -16.65
N TYR D 510 50.42 -36.58 -17.24
CA TYR D 510 51.19 -37.74 -17.67
C TYR D 510 51.75 -37.53 -19.07
N PRO D 511 52.90 -38.11 -19.38
CA PRO D 511 53.41 -38.05 -20.75
C PRO D 511 52.48 -38.73 -21.73
N PRO D 512 52.45 -38.26 -22.98
CA PRO D 512 51.47 -38.80 -23.94
C PRO D 512 51.54 -40.30 -24.15
N ASP D 513 52.71 -40.90 -23.98
CA ASP D 513 52.85 -42.36 -24.10
C ASP D 513 52.37 -43.10 -22.86
N ARG D 514 52.23 -42.42 -21.72
CA ARG D 514 51.63 -43.06 -20.56
C ARG D 514 50.11 -43.01 -20.66
N HIS D 515 49.55 -41.83 -20.88
CA HIS D 515 48.15 -41.69 -21.26
C HIS D 515 48.05 -40.54 -22.27
N PRO D 516 47.18 -40.67 -23.27
CA PRO D 516 47.13 -39.64 -24.32
C PRO D 516 46.82 -38.23 -23.82
N PHE D 517 45.88 -38.08 -22.89
CA PHE D 517 45.62 -36.78 -22.29
C PHE D 517 45.09 -37.02 -20.88
N VAL D 518 45.93 -36.74 -19.88
CA VAL D 518 45.50 -36.66 -18.48
C VAL D 518 46.16 -35.43 -17.88
N VAL D 519 45.38 -34.39 -17.62
CA VAL D 519 45.89 -33.08 -17.21
C VAL D 519 45.12 -32.59 -16.00
N GLY D 520 45.84 -32.00 -15.05
CA GLY D 520 45.22 -31.27 -13.95
C GLY D 520 45.70 -29.84 -13.92
N THR D 521 44.86 -28.95 -13.37
CA THR D 521 45.30 -27.60 -13.03
C THR D 521 44.69 -27.18 -11.70
N GLN D 522 45.43 -26.35 -10.97
CA GLN D 522 44.93 -25.76 -9.73
C GLN D 522 43.92 -24.65 -9.94
N ALA D 523 43.85 -24.08 -11.14
CA ALA D 523 42.96 -22.97 -11.44
C ALA D 523 41.57 -23.45 -11.87
N HIS D 524 40.70 -22.47 -12.16
CA HIS D 524 39.37 -22.68 -12.69
C HIS D 524 39.26 -22.17 -14.13
N PRO D 525 39.79 -22.87 -15.11
CA PRO D 525 39.79 -22.35 -16.49
C PRO D 525 38.41 -22.13 -17.09
N GLU D 526 37.36 -22.79 -16.58
CA GLU D 526 36.00 -22.50 -17.03
C GLU D 526 35.60 -21.04 -16.84
N LEU D 527 36.24 -20.31 -15.93
CA LEU D 527 35.90 -18.90 -15.73
C LEU D 527 36.38 -18.01 -16.87
N LYS D 528 37.48 -18.36 -17.51
CA LYS D 528 38.00 -17.57 -18.63
C LYS D 528 37.45 -18.02 -19.98
N SER D 529 36.67 -19.10 -20.03
CA SER D 529 36.04 -19.54 -21.27
C SER D 529 34.90 -18.61 -21.69
N ARG D 530 34.68 -18.55 -23.00
CA ARG D 530 33.54 -17.88 -23.61
C ARG D 530 33.03 -18.68 -24.80
N PRO D 531 31.74 -18.55 -25.14
CA PRO D 531 31.19 -19.38 -26.23
C PRO D 531 31.81 -19.11 -27.58
N THR D 532 32.17 -17.87 -27.85
CA THR D 532 32.85 -17.50 -29.10
C THR D 532 34.36 -17.53 -28.97
N ARG D 533 34.89 -17.94 -27.82
CA ARG D 533 36.33 -18.02 -27.60
C ARG D 533 36.61 -19.13 -26.60
N PRO D 534 36.57 -20.38 -27.05
CA PRO D 534 36.74 -21.50 -26.11
C PRO D 534 38.12 -21.51 -25.51
N HIS D 535 38.19 -22.00 -24.28
CA HIS D 535 39.48 -22.04 -23.61
C HIS D 535 40.30 -23.24 -24.11
N PRO D 536 41.61 -23.04 -24.38
CA PRO D 536 42.48 -24.13 -24.85
C PRO D 536 42.43 -25.50 -24.19
N LEU D 537 42.29 -25.58 -22.87
CA LEU D 537 42.31 -26.88 -22.21
C LEU D 537 41.04 -27.68 -22.50
N PHE D 538 39.89 -27.02 -22.60
CA PHE D 538 38.68 -27.72 -23.00
C PHE D 538 38.67 -28.09 -24.49
N VAL D 539 39.25 -27.26 -25.36
CA VAL D 539 39.42 -27.67 -26.76
C VAL D 539 40.31 -28.91 -26.86
N ALA D 540 41.39 -28.95 -26.07
CA ALA D 540 42.28 -30.10 -26.05
C ALA D 540 41.60 -31.35 -25.50
N PHE D 541 40.93 -31.21 -24.35
CA PHE D 541 40.24 -32.34 -23.74
C PHE D 541 39.13 -32.91 -24.62
N VAL D 542 38.31 -32.05 -25.22
CA VAL D 542 37.26 -32.55 -26.12
C VAL D 542 37.87 -33.16 -27.38
N GLY D 543 38.98 -32.62 -27.89
CA GLY D 543 39.75 -33.32 -28.89
C GLY D 543 40.12 -34.74 -28.49
N ALA D 544 40.75 -34.88 -27.33
CA ALA D 544 41.12 -36.21 -26.84
C ALA D 544 39.92 -37.15 -26.72
N ALA D 545 38.79 -36.65 -26.23
CA ALA D 545 37.58 -37.47 -26.16
C ALA D 545 37.09 -37.88 -27.54
N ILE D 546 37.12 -36.98 -28.52
CA ILE D 546 36.77 -37.35 -29.89
C ILE D 546 37.71 -38.43 -30.42
N ASP D 547 39.00 -38.30 -30.17
CA ASP D 547 39.97 -39.27 -30.66
C ASP D 547 39.81 -40.63 -30.00
N TYR D 548 39.52 -40.66 -28.69
CA TYR D 548 39.16 -41.92 -28.04
C TYR D 548 37.92 -42.54 -28.66
N LYS D 549 36.83 -41.79 -28.76
CA LYS D 549 35.62 -42.33 -29.37
C LYS D 549 35.89 -42.89 -30.76
N ALA D 550 36.60 -42.13 -31.59
CA ALA D 550 36.86 -42.56 -32.96
C ALA D 550 37.76 -43.79 -33.01
N GLY D 551 38.70 -43.90 -32.09
CA GLY D 551 39.61 -45.03 -32.13
C GLY D 551 39.01 -46.22 -31.39
N GLU D 552 38.16 -45.94 -30.42
CA GLU D 552 37.64 -46.95 -29.53
C GLU D 552 36.81 -47.97 -30.31
#